data_2HPS
# 
_entry.id   2HPS 
# 
_audit_conform.dict_name       mmcif_pdbx.dic 
_audit_conform.dict_version    5.397 
_audit_conform.dict_location   http://mmcif.pdb.org/dictionaries/ascii/mmcif_pdbx.dic 
# 
loop_
_database_2.database_id 
_database_2.database_code 
_database_2.pdbx_database_accession 
_database_2.pdbx_DOI 
PDB   2HPS         pdb_00002hps 10.2210/pdb2hps/pdb 
RCSB  RCSB038616   ?            ?                   
WWPDB D_1000038616 ?            ?                   
# 
loop_
_pdbx_audit_revision_history.ordinal 
_pdbx_audit_revision_history.data_content_type 
_pdbx_audit_revision_history.major_revision 
_pdbx_audit_revision_history.minor_revision 
_pdbx_audit_revision_history.revision_date 
1 'Structure model' 1 0 2007-01-09 
2 'Structure model' 1 1 2008-05-01 
3 'Structure model' 1 2 2011-07-13 
4 'Structure model' 1 3 2024-10-30 
# 
_pdbx_audit_revision_details.ordinal             1 
_pdbx_audit_revision_details.revision_ordinal    1 
_pdbx_audit_revision_details.data_content_type   'Structure model' 
_pdbx_audit_revision_details.provider            repository 
_pdbx_audit_revision_details.type                'Initial release' 
_pdbx_audit_revision_details.description         ? 
_pdbx_audit_revision_details.details             ? 
# 
loop_
_pdbx_audit_revision_group.ordinal 
_pdbx_audit_revision_group.revision_ordinal 
_pdbx_audit_revision_group.data_content_type 
_pdbx_audit_revision_group.group 
1 2 'Structure model' 'Version format compliance' 
2 3 'Structure model' 'Non-polymer description'   
3 3 'Structure model' 'Version format compliance' 
4 4 'Structure model' 'Data collection'           
5 4 'Structure model' 'Database references'       
6 4 'Structure model' 'Derived calculations'      
7 4 'Structure model' 'Structure summary'         
# 
loop_
_pdbx_audit_revision_category.ordinal 
_pdbx_audit_revision_category.revision_ordinal 
_pdbx_audit_revision_category.data_content_type 
_pdbx_audit_revision_category.category 
1 4 'Structure model' chem_comp_atom            
2 4 'Structure model' chem_comp_bond            
3 4 'Structure model' database_2                
4 4 'Structure model' pdbx_entry_details        
5 4 'Structure model' pdbx_modification_feature 
6 4 'Structure model' struct_conn               
7 4 'Structure model' struct_site               
# 
loop_
_pdbx_audit_revision_item.ordinal 
_pdbx_audit_revision_item.revision_ordinal 
_pdbx_audit_revision_item.data_content_type 
_pdbx_audit_revision_item.item 
1 4 'Structure model' '_database_2.pdbx_DOI'                
2 4 'Structure model' '_database_2.pdbx_database_accession' 
3 4 'Structure model' '_struct_conn.pdbx_leaving_atom_flag' 
4 4 'Structure model' '_struct_site.pdbx_auth_asym_id'      
5 4 'Structure model' '_struct_site.pdbx_auth_comp_id'      
6 4 'Structure model' '_struct_site.pdbx_auth_seq_id'       
# 
_pdbx_database_status.status_code                     REL 
_pdbx_database_status.entry_id                        2HPS 
_pdbx_database_status.recvd_initial_deposition_date   2006-07-17 
_pdbx_database_status.deposit_site                    RCSB 
_pdbx_database_status.process_site                    RCSB 
_pdbx_database_status.status_code_sf                  REL 
_pdbx_database_status.status_code_mr                  ? 
_pdbx_database_status.SG_entry                        Y 
_pdbx_database_status.pdb_format_compatible           Y 
_pdbx_database_status.status_code_cs                  ? 
_pdbx_database_status.status_code_nmr_data            ? 
_pdbx_database_status.methods_development_category    ? 
# 
loop_
_audit_author.name 
_audit_author.pdbx_ordinal 
'Stepanyuk, G.'                                           1 
'Liu, Z.J.'                                               2 
'Vysotski, E.S.'                                          3 
'Lee, J.'                                                 4 
'Rose, J.P.'                                              5 
'Wang, B.C.'                                              6 
'Southeast Collaboratory for Structural Genomics (SECSG)' 7 
# 
_citation.id                        primary 
_citation.title                     
'Crystal structure of coelenterazine-binding protein from Renilla muelleri at 1.7 A: why it is not a calcium-regulated photoprotein.' 
_citation.journal_abbrev            PHOTOCHEM.PHOTOBIOL.SCI. 
_citation.journal_volume            7 
_citation.page_first                442 
_citation.page_last                 447 
_citation.year                      2008 
_citation.journal_id_ASTM           ? 
_citation.country                   ? 
_citation.journal_id_ISSN           ? 
_citation.journal_id_CSD            0353 
_citation.book_publisher            ? 
_citation.pdbx_database_id_PubMed   18385886 
_citation.pdbx_database_id_DOI      10.1039/b716535h 
# 
loop_
_citation_author.citation_id 
_citation_author.name 
_citation_author.ordinal 
_citation_author.identifier_ORCID 
primary 'Stepanyuk, G.A.' 1 ? 
primary 'Liu, Z.J.'       2 ? 
primary 'Markova, S.S.'   3 ? 
primary 'Frank, L.A.'     4 ? 
primary 'Lee, J.'         5 ? 
primary 'Vysotski, E.S.'  6 ? 
primary 'Wang, B.C.'      7 ? 
# 
loop_
_entity.id 
_entity.type 
_entity.src_method 
_entity.pdbx_description 
_entity.formula_weight 
_entity.pdbx_number_of_molecules 
_entity.pdbx_ec 
_entity.pdbx_mutation 
_entity.pdbx_fragment 
_entity.details 
1 polymer     man 'coelenterazine-binding protein with bound coelenterazine' 21134.025 1   ? ? ? ? 
2 non-polymer syn C2-HYDROXY-COELENTERAZINE                                  439.463   1   ? ? ? ? 
3 non-polymer syn GLYCEROL                                                   92.094    2   ? ? ? ? 
4 water       nat water                                                      18.015    176 ? ? ? ? 
# 
_entity_poly.entity_id                      1 
_entity_poly.type                           'polypeptide(L)' 
_entity_poly.nstd_linkage                   no 
_entity_poly.nstd_monomer                   yes 
_entity_poly.pdbx_seq_one_letter_code       
;(MSE)PEITESERAYHLRK(MSE)KTR(MSE)QRVDVTGDGFISREDYELIAVRIAKIAKLSAEKAEETRQEFLRVADQL
GLAPGVRISVEEAAVNATDSLLK(MSE)KGEEKA(MSE)AVIQSLI(MSE)YDCIDTDKDGYVSLPEFKAFLQAVGPDLT
DDKAITCFNTLDFNKNGQISRDEFLVTVNDFLFGLEETALANAFYGDLVD
;
_entity_poly.pdbx_seq_one_letter_code_can   
;MPEITESERAYHLRKMKTRMQRVDVTGDGFISREDYELIAVRIAKIAKLSAEKAEETRQEFLRVADQLGLAPGVRISVEE
AAVNATDSLLKMKGEEKAMAVIQSLIMYDCIDTDKDGYVSLPEFKAFLQAVGPDLTDDKAITCFNTLDFNKNGQISRDEF
LVTVNDFLFGLEETALANAFYGDLVD
;
_entity_poly.pdbx_strand_id                 A 
_entity_poly.pdbx_target_identifier         ? 
# 
loop_
_pdbx_entity_nonpoly.entity_id 
_pdbx_entity_nonpoly.name 
_pdbx_entity_nonpoly.comp_id 
2 C2-HYDROXY-COELENTERAZINE CTZ 
3 GLYCEROL                  GOL 
4 water                     HOH 
# 
loop_
_entity_poly_seq.entity_id 
_entity_poly_seq.num 
_entity_poly_seq.mon_id 
_entity_poly_seq.hetero 
1 1   MSE n 
1 2   PRO n 
1 3   GLU n 
1 4   ILE n 
1 5   THR n 
1 6   GLU n 
1 7   SER n 
1 8   GLU n 
1 9   ARG n 
1 10  ALA n 
1 11  TYR n 
1 12  HIS n 
1 13  LEU n 
1 14  ARG n 
1 15  LYS n 
1 16  MSE n 
1 17  LYS n 
1 18  THR n 
1 19  ARG n 
1 20  MSE n 
1 21  GLN n 
1 22  ARG n 
1 23  VAL n 
1 24  ASP n 
1 25  VAL n 
1 26  THR n 
1 27  GLY n 
1 28  ASP n 
1 29  GLY n 
1 30  PHE n 
1 31  ILE n 
1 32  SER n 
1 33  ARG n 
1 34  GLU n 
1 35  ASP n 
1 36  TYR n 
1 37  GLU n 
1 38  LEU n 
1 39  ILE n 
1 40  ALA n 
1 41  VAL n 
1 42  ARG n 
1 43  ILE n 
1 44  ALA n 
1 45  LYS n 
1 46  ILE n 
1 47  ALA n 
1 48  LYS n 
1 49  LEU n 
1 50  SER n 
1 51  ALA n 
1 52  GLU n 
1 53  LYS n 
1 54  ALA n 
1 55  GLU n 
1 56  GLU n 
1 57  THR n 
1 58  ARG n 
1 59  GLN n 
1 60  GLU n 
1 61  PHE n 
1 62  LEU n 
1 63  ARG n 
1 64  VAL n 
1 65  ALA n 
1 66  ASP n 
1 67  GLN n 
1 68  LEU n 
1 69  GLY n 
1 70  LEU n 
1 71  ALA n 
1 72  PRO n 
1 73  GLY n 
1 74  VAL n 
1 75  ARG n 
1 76  ILE n 
1 77  SER n 
1 78  VAL n 
1 79  GLU n 
1 80  GLU n 
1 81  ALA n 
1 82  ALA n 
1 83  VAL n 
1 84  ASN n 
1 85  ALA n 
1 86  THR n 
1 87  ASP n 
1 88  SER n 
1 89  LEU n 
1 90  LEU n 
1 91  LYS n 
1 92  MSE n 
1 93  LYS n 
1 94  GLY n 
1 95  GLU n 
1 96  GLU n 
1 97  LYS n 
1 98  ALA n 
1 99  MSE n 
1 100 ALA n 
1 101 VAL n 
1 102 ILE n 
1 103 GLN n 
1 104 SER n 
1 105 LEU n 
1 106 ILE n 
1 107 MSE n 
1 108 TYR n 
1 109 ASP n 
1 110 CYS n 
1 111 ILE n 
1 112 ASP n 
1 113 THR n 
1 114 ASP n 
1 115 LYS n 
1 116 ASP n 
1 117 GLY n 
1 118 TYR n 
1 119 VAL n 
1 120 SER n 
1 121 LEU n 
1 122 PRO n 
1 123 GLU n 
1 124 PHE n 
1 125 LYS n 
1 126 ALA n 
1 127 PHE n 
1 128 LEU n 
1 129 GLN n 
1 130 ALA n 
1 131 VAL n 
1 132 GLY n 
1 133 PRO n 
1 134 ASP n 
1 135 LEU n 
1 136 THR n 
1 137 ASP n 
1 138 ASP n 
1 139 LYS n 
1 140 ALA n 
1 141 ILE n 
1 142 THR n 
1 143 CYS n 
1 144 PHE n 
1 145 ASN n 
1 146 THR n 
1 147 LEU n 
1 148 ASP n 
1 149 PHE n 
1 150 ASN n 
1 151 LYS n 
1 152 ASN n 
1 153 GLY n 
1 154 GLN n 
1 155 ILE n 
1 156 SER n 
1 157 ARG n 
1 158 ASP n 
1 159 GLU n 
1 160 PHE n 
1 161 LEU n 
1 162 VAL n 
1 163 THR n 
1 164 VAL n 
1 165 ASN n 
1 166 ASP n 
1 167 PHE n 
1 168 LEU n 
1 169 PHE n 
1 170 GLY n 
1 171 LEU n 
1 172 GLU n 
1 173 GLU n 
1 174 THR n 
1 175 ALA n 
1 176 LEU n 
1 177 ALA n 
1 178 ASN n 
1 179 ALA n 
1 180 PHE n 
1 181 TYR n 
1 182 GLY n 
1 183 ASP n 
1 184 LEU n 
1 185 VAL n 
1 186 ASP n 
# 
_entity_src_gen.entity_id                          1 
_entity_src_gen.pdbx_src_id                        1 
_entity_src_gen.pdbx_alt_source_flag               sample 
_entity_src_gen.pdbx_seq_type                      ? 
_entity_src_gen.pdbx_beg_seq_num                   ? 
_entity_src_gen.pdbx_end_seq_num                   ? 
_entity_src_gen.gene_src_common_name               ? 
_entity_src_gen.gene_src_genus                     Renilla 
_entity_src_gen.pdbx_gene_src_gene                 ? 
_entity_src_gen.gene_src_species                   ? 
_entity_src_gen.gene_src_strain                    ? 
_entity_src_gen.gene_src_tissue                    ? 
_entity_src_gen.gene_src_tissue_fraction           ? 
_entity_src_gen.gene_src_details                   ? 
_entity_src_gen.pdbx_gene_src_fragment             ? 
_entity_src_gen.pdbx_gene_src_scientific_name      'Renilla muelleri' 
_entity_src_gen.pdbx_gene_src_ncbi_taxonomy_id     37510 
_entity_src_gen.pdbx_gene_src_variant              ? 
_entity_src_gen.pdbx_gene_src_cell_line            ? 
_entity_src_gen.pdbx_gene_src_atcc                 ? 
_entity_src_gen.pdbx_gene_src_organ                ? 
_entity_src_gen.pdbx_gene_src_organelle            ? 
_entity_src_gen.pdbx_gene_src_cell                 ? 
_entity_src_gen.pdbx_gene_src_cellular_location    ? 
_entity_src_gen.host_org_common_name               ? 
_entity_src_gen.pdbx_host_org_scientific_name      'Escherichia coli BL21' 
_entity_src_gen.pdbx_host_org_ncbi_taxonomy_id     511693 
_entity_src_gen.host_org_genus                     Escherichia 
_entity_src_gen.pdbx_host_org_gene                 ? 
_entity_src_gen.pdbx_host_org_organ                ? 
_entity_src_gen.host_org_species                   'Escherichia coli' 
_entity_src_gen.pdbx_host_org_tissue               ? 
_entity_src_gen.pdbx_host_org_tissue_fraction      ? 
_entity_src_gen.pdbx_host_org_strain               BL21 
_entity_src_gen.pdbx_host_org_variant              ? 
_entity_src_gen.pdbx_host_org_cell_line            ? 
_entity_src_gen.pdbx_host_org_atcc                 ? 
_entity_src_gen.pdbx_host_org_culture_collection   ? 
_entity_src_gen.pdbx_host_org_cell                 ? 
_entity_src_gen.pdbx_host_org_organelle            ? 
_entity_src_gen.pdbx_host_org_cellular_location    ? 
_entity_src_gen.pdbx_host_org_vector_type          ? 
_entity_src_gen.pdbx_host_org_vector               ? 
_entity_src_gen.host_org_details                   ? 
_entity_src_gen.expression_system_id               ? 
_entity_src_gen.plasmid_name                       ? 
_entity_src_gen.plasmid_details                    ? 
_entity_src_gen.pdbx_description                   ? 
# 
loop_
_chem_comp.id 
_chem_comp.type 
_chem_comp.mon_nstd_flag 
_chem_comp.name 
_chem_comp.pdbx_synonyms 
_chem_comp.formula 
_chem_comp.formula_weight 
ALA 'L-peptide linking' y ALANINE                   ? 'C3 H7 N O2'     89.093  
ARG 'L-peptide linking' y ARGININE                  ? 'C6 H15 N4 O2 1' 175.209 
ASN 'L-peptide linking' y ASPARAGINE                ? 'C4 H8 N2 O3'    132.118 
ASP 'L-peptide linking' y 'ASPARTIC ACID'           ? 'C4 H7 N O4'     133.103 
CTZ non-polymer         . C2-HYDROXY-COELENTERAZINE 
'8-BENZYL-2-HYDROXY-2-(4-HYDROXY-BENZYL)-6-(4-HYDROXY-PHENYL)-2H-IMIDAZO[1,2-A]PYRAZIN-3-ONE' 'C26 H21 N3 O4'  439.463 
CYS 'L-peptide linking' y CYSTEINE                  ? 'C3 H7 N O2 S'   121.158 
GLN 'L-peptide linking' y GLUTAMINE                 ? 'C5 H10 N2 O3'   146.144 
GLU 'L-peptide linking' y 'GLUTAMIC ACID'           ? 'C5 H9 N O4'     147.129 
GLY 'peptide linking'   y GLYCINE                   ? 'C2 H5 N O2'     75.067  
GOL non-polymer         . GLYCEROL                  'GLYCERIN; PROPANE-1,2,3-TRIOL' 'C3 H8 O3'       92.094  
HIS 'L-peptide linking' y HISTIDINE                 ? 'C6 H10 N3 O2 1' 156.162 
HOH non-polymer         . WATER                     ? 'H2 O'           18.015  
ILE 'L-peptide linking' y ISOLEUCINE                ? 'C6 H13 N O2'    131.173 
LEU 'L-peptide linking' y LEUCINE                   ? 'C6 H13 N O2'    131.173 
LYS 'L-peptide linking' y LYSINE                    ? 'C6 H15 N2 O2 1' 147.195 
MSE 'L-peptide linking' n SELENOMETHIONINE          ? 'C5 H11 N O2 Se' 196.106 
PHE 'L-peptide linking' y PHENYLALANINE             ? 'C9 H11 N O2'    165.189 
PRO 'L-peptide linking' y PROLINE                   ? 'C5 H9 N O2'     115.130 
SER 'L-peptide linking' y SERINE                    ? 'C3 H7 N O3'     105.093 
THR 'L-peptide linking' y THREONINE                 ? 'C4 H9 N O3'     119.119 
TYR 'L-peptide linking' y TYROSINE                  ? 'C9 H11 N O3'    181.189 
VAL 'L-peptide linking' y VALINE                    ? 'C5 H11 N O2'    117.146 
# 
loop_
_pdbx_poly_seq_scheme.asym_id 
_pdbx_poly_seq_scheme.entity_id 
_pdbx_poly_seq_scheme.seq_id 
_pdbx_poly_seq_scheme.mon_id 
_pdbx_poly_seq_scheme.ndb_seq_num 
_pdbx_poly_seq_scheme.pdb_seq_num 
_pdbx_poly_seq_scheme.auth_seq_num 
_pdbx_poly_seq_scheme.pdb_mon_id 
_pdbx_poly_seq_scheme.auth_mon_id 
_pdbx_poly_seq_scheme.pdb_strand_id 
_pdbx_poly_seq_scheme.pdb_ins_code 
_pdbx_poly_seq_scheme.hetero 
A 1 1   MSE 1   1   ?   ?   ?   A . n 
A 1 2   PRO 2   2   ?   ?   ?   A . n 
A 1 3   GLU 3   3   3   GLU GLU A . n 
A 1 4   ILE 4   4   4   ILE ILE A . n 
A 1 5   THR 5   5   5   THR THR A . n 
A 1 6   GLU 6   6   6   GLU GLU A . n 
A 1 7   SER 7   7   7   SER SER A . n 
A 1 8   GLU 8   8   8   GLU GLU A . n 
A 1 9   ARG 9   9   9   ARG ARG A . n 
A 1 10  ALA 10  10  10  ALA ALA A . n 
A 1 11  TYR 11  11  11  TYR TYR A . n 
A 1 12  HIS 12  12  12  HIS HIS A . n 
A 1 13  LEU 13  13  13  LEU LEU A . n 
A 1 14  ARG 14  14  14  ARG ARG A . n 
A 1 15  LYS 15  15  15  LYS LYS A . n 
A 1 16  MSE 16  16  16  MSE MSE A . n 
A 1 17  LYS 17  17  17  LYS LYS A . n 
A 1 18  THR 18  18  18  THR THR A . n 
A 1 19  ARG 19  19  19  ARG ARG A . n 
A 1 20  MSE 20  20  20  MSE MSE A . n 
A 1 21  GLN 21  21  21  GLN GLN A . n 
A 1 22  ARG 22  22  22  ARG ARG A . n 
A 1 23  VAL 23  23  23  VAL VAL A . n 
A 1 24  ASP 24  24  24  ASP ASP A . n 
A 1 25  VAL 25  25  25  VAL VAL A . n 
A 1 26  THR 26  26  26  THR THR A . n 
A 1 27  GLY 27  27  27  GLY GLY A . n 
A 1 28  ASP 28  28  28  ASP ASP A . n 
A 1 29  GLY 29  29  29  GLY GLY A . n 
A 1 30  PHE 30  30  30  PHE PHE A . n 
A 1 31  ILE 31  31  31  ILE ILE A . n 
A 1 32  SER 32  32  32  SER SER A . n 
A 1 33  ARG 33  33  33  ARG ARG A . n 
A 1 34  GLU 34  34  34  GLU GLU A . n 
A 1 35  ASP 35  35  35  ASP ASP A . n 
A 1 36  TYR 36  36  36  TYR TYR A . n 
A 1 37  GLU 37  37  37  GLU GLU A . n 
A 1 38  LEU 38  38  38  LEU LEU A . n 
A 1 39  ILE 39  39  39  ILE ILE A . n 
A 1 40  ALA 40  40  40  ALA ALA A . n 
A 1 41  VAL 41  41  41  VAL VAL A . n 
A 1 42  ARG 42  42  42  ARG ARG A . n 
A 1 43  ILE 43  43  43  ILE ILE A . n 
A 1 44  ALA 44  44  44  ALA ALA A . n 
A 1 45  LYS 45  45  45  LYS LYS A . n 
A 1 46  ILE 46  46  46  ILE ILE A . n 
A 1 47  ALA 47  47  47  ALA ALA A . n 
A 1 48  LYS 48  48  48  LYS LYS A . n 
A 1 49  LEU 49  49  49  LEU LEU A . n 
A 1 50  SER 50  50  50  SER SER A . n 
A 1 51  ALA 51  51  51  ALA ALA A . n 
A 1 52  GLU 52  52  52  GLU GLU A . n 
A 1 53  LYS 53  53  53  LYS LYS A . n 
A 1 54  ALA 54  54  54  ALA ALA A . n 
A 1 55  GLU 55  55  55  GLU GLU A . n 
A 1 56  GLU 56  56  56  GLU GLU A . n 
A 1 57  THR 57  57  57  THR THR A . n 
A 1 58  ARG 58  58  58  ARG ARG A . n 
A 1 59  GLN 59  59  59  GLN GLN A . n 
A 1 60  GLU 60  60  60  GLU GLU A . n 
A 1 61  PHE 61  61  61  PHE PHE A . n 
A 1 62  LEU 62  62  62  LEU LEU A . n 
A 1 63  ARG 63  63  63  ARG ARG A . n 
A 1 64  VAL 64  64  64  VAL VAL A . n 
A 1 65  ALA 65  65  65  ALA ALA A . n 
A 1 66  ASP 66  66  66  ASP ASP A . n 
A 1 67  GLN 67  67  67  GLN GLN A . n 
A 1 68  LEU 68  68  68  LEU LEU A . n 
A 1 69  GLY 69  69  69  GLY GLY A . n 
A 1 70  LEU 70  70  70  LEU LEU A . n 
A 1 71  ALA 71  71  71  ALA ALA A . n 
A 1 72  PRO 72  72  72  PRO PRO A . n 
A 1 73  GLY 73  73  73  GLY GLY A . n 
A 1 74  VAL 74  74  74  VAL VAL A . n 
A 1 75  ARG 75  75  75  ARG ARG A . n 
A 1 76  ILE 76  76  76  ILE ILE A . n 
A 1 77  SER 77  77  77  SER SER A . n 
A 1 78  VAL 78  78  78  VAL VAL A . n 
A 1 79  GLU 79  79  79  GLU GLU A . n 
A 1 80  GLU 80  80  80  GLU GLU A . n 
A 1 81  ALA 81  81  81  ALA ALA A . n 
A 1 82  ALA 82  82  82  ALA ALA A . n 
A 1 83  VAL 83  83  83  VAL VAL A . n 
A 1 84  ASN 84  84  84  ASN ASN A . n 
A 1 85  ALA 85  85  85  ALA ALA A . n 
A 1 86  THR 86  86  86  THR THR A . n 
A 1 87  ASP 87  87  87  ASP ASP A . n 
A 1 88  SER 88  88  88  SER SER A . n 
A 1 89  LEU 89  89  89  LEU LEU A . n 
A 1 90  LEU 90  90  90  LEU LEU A . n 
A 1 91  LYS 91  91  91  LYS LYS A . n 
A 1 92  MSE 92  92  92  MSE MSE A . n 
A 1 93  LYS 93  93  93  LYS LYS A . n 
A 1 94  GLY 94  94  94  GLY GLY A . n 
A 1 95  GLU 95  95  95  GLU GLU A . n 
A 1 96  GLU 96  96  96  GLU GLU A . n 
A 1 97  LYS 97  97  97  LYS LYS A . n 
A 1 98  ALA 98  98  98  ALA ALA A . n 
A 1 99  MSE 99  99  99  MSE MSE A . n 
A 1 100 ALA 100 100 100 ALA ALA A . n 
A 1 101 VAL 101 101 101 VAL VAL A . n 
A 1 102 ILE 102 102 102 ILE ILE A . n 
A 1 103 GLN 103 103 103 GLN GLN A . n 
A 1 104 SER 104 104 104 SER SER A . n 
A 1 105 LEU 105 105 105 LEU LEU A . n 
A 1 106 ILE 106 106 106 ILE ILE A . n 
A 1 107 MSE 107 107 107 MSE MSE A . n 
A 1 108 TYR 108 108 108 TYR TYR A . n 
A 1 109 ASP 109 109 109 ASP ASP A . n 
A 1 110 CYS 110 110 110 CYS CYS A . n 
A 1 111 ILE 111 111 111 ILE ILE A . n 
A 1 112 ASP 112 112 112 ASP ASP A . n 
A 1 113 THR 113 113 113 THR THR A . n 
A 1 114 ASP 114 114 114 ASP ASP A . n 
A 1 115 LYS 115 115 115 LYS LYS A . n 
A 1 116 ASP 116 116 116 ASP ASP A . n 
A 1 117 GLY 117 117 117 GLY GLY A . n 
A 1 118 TYR 118 118 118 TYR TYR A . n 
A 1 119 VAL 119 119 119 VAL VAL A . n 
A 1 120 SER 120 120 120 SER SER A . n 
A 1 121 LEU 121 121 121 LEU LEU A . n 
A 1 122 PRO 122 122 122 PRO PRO A . n 
A 1 123 GLU 123 123 123 GLU GLU A . n 
A 1 124 PHE 124 124 124 PHE PHE A . n 
A 1 125 LYS 125 125 125 LYS LYS A . n 
A 1 126 ALA 126 126 126 ALA ALA A . n 
A 1 127 PHE 127 127 127 PHE PHE A . n 
A 1 128 LEU 128 128 128 LEU LEU A . n 
A 1 129 GLN 129 129 129 GLN GLN A . n 
A 1 130 ALA 130 130 130 ALA ALA A . n 
A 1 131 VAL 131 131 131 VAL VAL A . n 
A 1 132 GLY 132 132 132 GLY GLY A . n 
A 1 133 PRO 133 133 133 PRO PRO A . n 
A 1 134 ASP 134 134 134 ASP ASP A . n 
A 1 135 LEU 135 135 135 LEU LEU A . n 
A 1 136 THR 136 136 136 THR THR A . n 
A 1 137 ASP 137 137 137 ASP ASP A . n 
A 1 138 ASP 138 138 138 ASP ASP A . n 
A 1 139 LYS 139 139 139 LYS LYS A . n 
A 1 140 ALA 140 140 140 ALA ALA A . n 
A 1 141 ILE 141 141 141 ILE ILE A . n 
A 1 142 THR 142 142 142 THR THR A . n 
A 1 143 CYS 143 143 143 CYS CYS A . n 
A 1 144 PHE 144 144 144 PHE PHE A . n 
A 1 145 ASN 145 145 145 ASN ASN A . n 
A 1 146 THR 146 146 146 THR THR A . n 
A 1 147 LEU 147 147 147 LEU LEU A . n 
A 1 148 ASP 148 148 148 ASP ASP A . n 
A 1 149 PHE 149 149 149 PHE PHE A . n 
A 1 150 ASN 150 150 150 ASN ASN A . n 
A 1 151 LYS 151 151 151 LYS LYS A . n 
A 1 152 ASN 152 152 152 ASN ASN A . n 
A 1 153 GLY 153 153 153 GLY GLY A . n 
A 1 154 GLN 154 154 154 GLN GLN A . n 
A 1 155 ILE 155 155 155 ILE ILE A . n 
A 1 156 SER 156 156 156 SER SER A . n 
A 1 157 ARG 157 157 157 ARG ARG A . n 
A 1 158 ASP 158 158 158 ASP ASP A . n 
A 1 159 GLU 159 159 159 GLU GLU A . n 
A 1 160 PHE 160 160 160 PHE PHE A . n 
A 1 161 LEU 161 161 161 LEU LEU A . n 
A 1 162 VAL 162 162 162 VAL VAL A . n 
A 1 163 THR 163 163 163 THR THR A . n 
A 1 164 VAL 164 164 164 VAL VAL A . n 
A 1 165 ASN 165 165 165 ASN ASN A . n 
A 1 166 ASP 166 166 166 ASP ASP A . n 
A 1 167 PHE 167 167 167 PHE PHE A . n 
A 1 168 LEU 168 168 168 LEU LEU A . n 
A 1 169 PHE 169 169 169 PHE PHE A . n 
A 1 170 GLY 170 170 170 GLY GLY A . n 
A 1 171 LEU 171 171 171 LEU LEU A . n 
A 1 172 GLU 172 172 172 GLU GLU A . n 
A 1 173 GLU 173 173 173 GLU GLU A . n 
A 1 174 THR 174 174 174 THR THR A . n 
A 1 175 ALA 175 175 175 ALA ALA A . n 
A 1 176 LEU 176 176 176 LEU LEU A . n 
A 1 177 ALA 177 177 177 ALA ALA A . n 
A 1 178 ASN 178 178 178 ASN ASN A . n 
A 1 179 ALA 179 179 179 ALA ALA A . n 
A 1 180 PHE 180 180 180 PHE PHE A . n 
A 1 181 TYR 181 181 181 TYR TYR A . n 
A 1 182 GLY 182 182 182 GLY GLY A . n 
A 1 183 ASP 183 183 183 ASP ASP A . n 
A 1 184 LEU 184 184 184 LEU LEU A . n 
A 1 185 VAL 185 185 185 VAL VAL A . n 
A 1 186 ASP 186 186 186 ASP ASP A . n 
# 
loop_
_pdbx_nonpoly_scheme.asym_id 
_pdbx_nonpoly_scheme.entity_id 
_pdbx_nonpoly_scheme.mon_id 
_pdbx_nonpoly_scheme.ndb_seq_num 
_pdbx_nonpoly_scheme.pdb_seq_num 
_pdbx_nonpoly_scheme.auth_seq_num 
_pdbx_nonpoly_scheme.pdb_mon_id 
_pdbx_nonpoly_scheme.auth_mon_id 
_pdbx_nonpoly_scheme.pdb_strand_id 
_pdbx_nonpoly_scheme.pdb_ins_code 
B 2 CTZ 1   187 187 CTZ CTZ A . 
C 3 GOL 1   376 376 GOL GOL A . 
D 3 GOL 1   377 377 GOL GOL A . 
E 4 HOH 1   188 188 HOH HOH A . 
E 4 HOH 2   189 189 HOH HOH A . 
E 4 HOH 3   190 190 HOH HOH A . 
E 4 HOH 4   191 191 HOH HOH A . 
E 4 HOH 5   192 192 HOH HOH A . 
E 4 HOH 6   193 193 HOH HOH A . 
E 4 HOH 7   194 194 HOH HOH A . 
E 4 HOH 8   195 195 HOH HOH A . 
E 4 HOH 9   196 196 HOH HOH A . 
E 4 HOH 10  197 197 HOH HOH A . 
E 4 HOH 11  198 198 HOH HOH A . 
E 4 HOH 12  199 199 HOH HOH A . 
E 4 HOH 13  200 200 HOH HOH A . 
E 4 HOH 14  201 201 HOH HOH A . 
E 4 HOH 15  202 202 HOH HOH A . 
E 4 HOH 16  203 203 HOH HOH A . 
E 4 HOH 17  204 204 HOH HOH A . 
E 4 HOH 18  205 205 HOH HOH A . 
E 4 HOH 19  206 206 HOH HOH A . 
E 4 HOH 20  207 207 HOH HOH A . 
E 4 HOH 21  208 208 HOH HOH A . 
E 4 HOH 22  209 209 HOH HOH A . 
E 4 HOH 23  210 210 HOH HOH A . 
E 4 HOH 24  211 211 HOH HOH A . 
E 4 HOH 25  212 212 HOH HOH A . 
E 4 HOH 26  213 213 HOH HOH A . 
E 4 HOH 27  214 214 HOH HOH A . 
E 4 HOH 28  215 215 HOH HOH A . 
E 4 HOH 29  216 216 HOH HOH A . 
E 4 HOH 30  217 217 HOH HOH A . 
E 4 HOH 31  218 218 HOH HOH A . 
E 4 HOH 32  219 219 HOH HOH A . 
E 4 HOH 33  220 220 HOH HOH A . 
E 4 HOH 34  221 221 HOH HOH A . 
E 4 HOH 35  222 222 HOH HOH A . 
E 4 HOH 36  223 223 HOH HOH A . 
E 4 HOH 37  224 224 HOH HOH A . 
E 4 HOH 38  225 225 HOH HOH A . 
E 4 HOH 39  226 226 HOH HOH A . 
E 4 HOH 40  227 227 HOH HOH A . 
E 4 HOH 41  228 228 HOH HOH A . 
E 4 HOH 42  229 229 HOH HOH A . 
E 4 HOH 43  230 230 HOH HOH A . 
E 4 HOH 44  231 231 HOH HOH A . 
E 4 HOH 45  232 232 HOH HOH A . 
E 4 HOH 46  233 233 HOH HOH A . 
E 4 HOH 47  234 234 HOH HOH A . 
E 4 HOH 48  235 235 HOH HOH A . 
E 4 HOH 49  236 236 HOH HOH A . 
E 4 HOH 50  237 237 HOH HOH A . 
E 4 HOH 51  238 238 HOH HOH A . 
E 4 HOH 52  239 239 HOH HOH A . 
E 4 HOH 53  240 240 HOH HOH A . 
E 4 HOH 54  241 241 HOH HOH A . 
E 4 HOH 55  242 242 HOH HOH A . 
E 4 HOH 56  243 243 HOH HOH A . 
E 4 HOH 57  244 244 HOH HOH A . 
E 4 HOH 58  245 245 HOH HOH A . 
E 4 HOH 59  246 246 HOH HOH A . 
E 4 HOH 60  247 247 HOH HOH A . 
E 4 HOH 61  248 248 HOH HOH A . 
E 4 HOH 62  249 249 HOH HOH A . 
E 4 HOH 63  250 250 HOH HOH A . 
E 4 HOH 64  251 251 HOH HOH A . 
E 4 HOH 65  252 252 HOH HOH A . 
E 4 HOH 66  253 253 HOH HOH A . 
E 4 HOH 67  254 254 HOH HOH A . 
E 4 HOH 68  255 255 HOH HOH A . 
E 4 HOH 69  256 256 HOH HOH A . 
E 4 HOH 70  257 257 HOH HOH A . 
E 4 HOH 71  258 258 HOH HOH A . 
E 4 HOH 72  259 259 HOH HOH A . 
E 4 HOH 73  260 260 HOH HOH A . 
E 4 HOH 74  262 262 HOH HOH A . 
E 4 HOH 75  263 263 HOH HOH A . 
E 4 HOH 76  264 264 HOH HOH A . 
E 4 HOH 77  265 265 HOH HOH A . 
E 4 HOH 78  266 266 HOH HOH A . 
E 4 HOH 79  267 267 HOH HOH A . 
E 4 HOH 80  268 268 HOH HOH A . 
E 4 HOH 81  269 269 HOH HOH A . 
E 4 HOH 82  270 270 HOH HOH A . 
E 4 HOH 83  271 271 HOH HOH A . 
E 4 HOH 84  272 272 HOH HOH A . 
E 4 HOH 85  273 273 HOH HOH A . 
E 4 HOH 86  274 274 HOH HOH A . 
E 4 HOH 87  275 275 HOH HOH A . 
E 4 HOH 88  276 276 HOH HOH A . 
E 4 HOH 89  277 277 HOH HOH A . 
E 4 HOH 90  278 278 HOH HOH A . 
E 4 HOH 91  279 279 HOH HOH A . 
E 4 HOH 92  280 280 HOH HOH A . 
E 4 HOH 93  281 281 HOH HOH A . 
E 4 HOH 94  282 282 HOH HOH A . 
E 4 HOH 95  283 283 HOH HOH A . 
E 4 HOH 96  284 284 HOH HOH A . 
E 4 HOH 97  285 285 HOH HOH A . 
E 4 HOH 98  286 286 HOH HOH A . 
E 4 HOH 99  287 287 HOH HOH A . 
E 4 HOH 100 288 288 HOH HOH A . 
E 4 HOH 101 289 289 HOH HOH A . 
E 4 HOH 102 290 290 HOH HOH A . 
E 4 HOH 103 291 291 HOH HOH A . 
E 4 HOH 104 292 292 HOH HOH A . 
E 4 HOH 105 293 293 HOH HOH A . 
E 4 HOH 106 294 294 HOH HOH A . 
E 4 HOH 107 295 295 HOH HOH A . 
E 4 HOH 108 296 296 HOH HOH A . 
E 4 HOH 109 297 297 HOH HOH A . 
E 4 HOH 110 298 298 HOH HOH A . 
E 4 HOH 111 299 299 HOH HOH A . 
E 4 HOH 112 300 300 HOH HOH A . 
E 4 HOH 113 301 301 HOH HOH A . 
E 4 HOH 114 302 302 HOH HOH A . 
E 4 HOH 115 303 303 HOH HOH A . 
E 4 HOH 116 304 304 HOH HOH A . 
E 4 HOH 117 305 305 HOH HOH A . 
E 4 HOH 118 306 306 HOH HOH A . 
E 4 HOH 119 307 307 HOH HOH A . 
E 4 HOH 120 308 308 HOH HOH A . 
E 4 HOH 121 309 309 HOH HOH A . 
E 4 HOH 122 310 310 HOH HOH A . 
E 4 HOH 123 311 311 HOH HOH A . 
E 4 HOH 124 312 312 HOH HOH A . 
E 4 HOH 125 313 313 HOH HOH A . 
E 4 HOH 126 314 314 HOH HOH A . 
E 4 HOH 127 316 316 HOH HOH A . 
E 4 HOH 128 317 317 HOH HOH A . 
E 4 HOH 129 318 318 HOH HOH A . 
E 4 HOH 130 319 319 HOH HOH A . 
E 4 HOH 131 320 320 HOH HOH A . 
E 4 HOH 132 321 321 HOH HOH A . 
E 4 HOH 133 322 322 HOH HOH A . 
E 4 HOH 134 323 323 HOH HOH A . 
E 4 HOH 135 324 324 HOH HOH A . 
E 4 HOH 136 325 325 HOH HOH A . 
E 4 HOH 137 326 326 HOH HOH A . 
E 4 HOH 138 327 327 HOH HOH A . 
E 4 HOH 139 328 328 HOH HOH A . 
E 4 HOH 140 329 329 HOH HOH A . 
E 4 HOH 141 330 330 HOH HOH A . 
E 4 HOH 142 331 331 HOH HOH A . 
E 4 HOH 143 332 332 HOH HOH A . 
E 4 HOH 144 333 333 HOH HOH A . 
E 4 HOH 145 335 335 HOH HOH A . 
E 4 HOH 146 337 337 HOH HOH A . 
E 4 HOH 147 338 338 HOH HOH A . 
E 4 HOH 148 339 339 HOH HOH A . 
E 4 HOH 149 340 340 HOH HOH A . 
E 4 HOH 150 341 341 HOH HOH A . 
E 4 HOH 151 342 342 HOH HOH A . 
E 4 HOH 152 343 343 HOH HOH A . 
E 4 HOH 153 344 344 HOH HOH A . 
E 4 HOH 154 346 346 HOH HOH A . 
E 4 HOH 155 347 347 HOH HOH A . 
E 4 HOH 156 348 348 HOH HOH A . 
E 4 HOH 157 349 349 HOH HOH A . 
E 4 HOH 158 350 350 HOH HOH A . 
E 4 HOH 159 351 351 HOH HOH A . 
E 4 HOH 160 353 353 HOH HOH A . 
E 4 HOH 161 354 354 HOH HOH A . 
E 4 HOH 162 355 355 HOH HOH A . 
E 4 HOH 163 356 356 HOH HOH A . 
E 4 HOH 164 358 358 HOH HOH A . 
E 4 HOH 165 360 360 HOH HOH A . 
E 4 HOH 166 361 361 HOH HOH A . 
E 4 HOH 167 362 362 HOH HOH A . 
E 4 HOH 168 363 363 HOH HOH A . 
E 4 HOH 169 364 364 HOH HOH A . 
E 4 HOH 170 365 365 HOH HOH A . 
E 4 HOH 171 366 366 HOH HOH A . 
E 4 HOH 172 369 369 HOH HOH A . 
E 4 HOH 173 370 370 HOH HOH A . 
E 4 HOH 174 372 372 HOH HOH A . 
E 4 HOH 175 374 374 HOH HOH A . 
E 4 HOH 176 375 375 HOH HOH A . 
# 
loop_
_pdbx_unobs_or_zero_occ_atoms.id 
_pdbx_unobs_or_zero_occ_atoms.PDB_model_num 
_pdbx_unobs_or_zero_occ_atoms.polymer_flag 
_pdbx_unobs_or_zero_occ_atoms.occupancy_flag 
_pdbx_unobs_or_zero_occ_atoms.auth_asym_id 
_pdbx_unobs_or_zero_occ_atoms.auth_comp_id 
_pdbx_unobs_or_zero_occ_atoms.auth_seq_id 
_pdbx_unobs_or_zero_occ_atoms.PDB_ins_code 
_pdbx_unobs_or_zero_occ_atoms.auth_atom_id 
_pdbx_unobs_or_zero_occ_atoms.label_alt_id 
_pdbx_unobs_or_zero_occ_atoms.label_asym_id 
_pdbx_unobs_or_zero_occ_atoms.label_comp_id 
_pdbx_unobs_or_zero_occ_atoms.label_seq_id 
_pdbx_unobs_or_zero_occ_atoms.label_atom_id 
1  1 Y 1 A GLU 3   ? CG  ? A GLU 3  CG  
2  1 Y 1 A GLU 3   ? CD  ? A GLU 3  CD  
3  1 Y 1 A GLU 3   ? OE1 ? A GLU 3  OE1 
4  1 Y 1 A GLU 3   ? OE2 ? A GLU 3  OE2 
5  1 Y 1 A LYS 48  ? CE  ? A LYS 48 CE  
6  1 Y 1 A LYS 48  ? NZ  ? A LYS 48 NZ  
7  1 Y 1 A LYS 91  ? CE  ? A LYS 91 CE  
8  1 Y 1 A LYS 91  ? NZ  ? A LYS 91 NZ  
9  1 Y 1 A LYS 93  ? CE  ? A LYS 93 CE  
10 1 Y 1 A LYS 93  ? NZ  ? A LYS 93 NZ  
11 1 N 1 A CTZ 187 ? O33 ? B CTZ 1  O33 
# 
loop_
_software.name 
_software.classification 
_software.version 
_software.citation_id 
_software.pdbx_ordinal 
REFMAC        refinement       5.2.0005 ? 1 
HKL-2000      'data reduction' .        ? 2 
HKL-2000      'data scaling'   .        ? 3 
SCA2STRUCTURE phasing          .        ? 4 
# 
_cell.entry_id           2HPS 
_cell.length_a           55.948 
_cell.length_b           55.948 
_cell.length_c           292.202 
_cell.angle_alpha        90.00 
_cell.angle_beta         90.00 
_cell.angle_gamma        120.00 
_cell.Z_PDB              12 
_cell.pdbx_unique_axis   ? 
_cell.length_a_esd       ? 
_cell.length_b_esd       ? 
_cell.length_c_esd       ? 
_cell.angle_alpha_esd    ? 
_cell.angle_beta_esd     ? 
_cell.angle_gamma_esd    ? 
# 
_symmetry.entry_id                         2HPS 
_symmetry.space_group_name_H-M             'P 65 2 2' 
_symmetry.pdbx_full_space_group_name_H-M   ? 
_symmetry.cell_setting                     ? 
_symmetry.Int_Tables_number                179 
_symmetry.space_group_name_Hall            ? 
# 
_exptl.entry_id          2HPS 
_exptl.method            'X-RAY DIFFRACTION' 
_exptl.crystals_number   1 
# 
_exptl_crystal.id                    1 
_exptl_crystal.density_meas          ? 
_exptl_crystal.density_Matthews      3.12 
_exptl_crystal.density_percent_sol   60.61 
_exptl_crystal.description           ? 
_exptl_crystal.F_000                 ? 
_exptl_crystal.preparation           ? 
# 
_exptl_crystal_grow.crystal_id      1 
_exptl_crystal_grow.method          'VAPOR DIFFUSION, HANGING DROP' 
_exptl_crystal_grow.temp            293 
_exptl_crystal_grow.temp_details    ? 
_exptl_crystal_grow.pH              5.5 
_exptl_crystal_grow.pdbx_details    
;2 microliter drops containing equal volumes of protein solution (12 mg/ml) and precipitate solution (0.5M ammonium sulfate, 0.1M sodium citrate dihydrate, 1M lithium sulfate monohydrate), pH 5.5, VAPOR DIFFUSION, HANGING DROP, temperature 293K
;
_exptl_crystal_grow.pdbx_pH_range   . 
# 
_diffrn.id                     1 
_diffrn.ambient_temp           100 
_diffrn.ambient_temp_details   ? 
_diffrn.crystal_id             1 
# 
_diffrn_detector.diffrn_id              1 
_diffrn_detector.detector               CCD 
_diffrn_detector.type                   'MARMOSAIC 300 mm CCD' 
_diffrn_detector.pdbx_collection_date   2005-11-26 
_diffrn_detector.details                Rosenbaum 
# 
_diffrn_radiation.diffrn_id                        1 
_diffrn_radiation.wavelength_id                    1 
_diffrn_radiation.pdbx_monochromatic_or_laue_m_l   M 
_diffrn_radiation.monochromator                    'SI CHANNEL 220' 
_diffrn_radiation.pdbx_diffrn_protocol             'SINGLE WAVELENGTH' 
_diffrn_radiation.pdbx_scattering_type             x-ray 
# 
_diffrn_radiation_wavelength.id           1 
_diffrn_radiation_wavelength.wavelength   0.979 
_diffrn_radiation_wavelength.wt           1.0 
# 
_diffrn_source.diffrn_id                   1 
_diffrn_source.source                      SYNCHROTRON 
_diffrn_source.type                        'APS BEAMLINE 22-ID' 
_diffrn_source.pdbx_synchrotron_site       APS 
_diffrn_source.pdbx_synchrotron_beamline   22-ID 
_diffrn_source.pdbx_wavelength             ? 
_diffrn_source.pdbx_wavelength_list        0.979 
# 
_reflns.entry_id                     2HPS 
_reflns.observed_criterion_sigma_F   0.0 
_reflns.observed_criterion_sigma_I   2.0 
_reflns.d_resolution_high            1.72 
_reflns.d_resolution_low             10 
_reflns.number_all                   ? 
_reflns.number_obs                   27912 
_reflns.percent_possible_obs         98.6 
_reflns.pdbx_Rmerge_I_obs            ? 
_reflns.pdbx_Rsym_value              0.07 
_reflns.pdbx_netI_over_sigmaI        25.30 
_reflns.B_iso_Wilson_estimate        ? 
_reflns.pdbx_redundancy              13.00 
_reflns.R_free_details               ? 
_reflns.limit_h_max                  ? 
_reflns.limit_h_min                  ? 
_reflns.limit_k_max                  ? 
_reflns.limit_k_min                  ? 
_reflns.limit_l_max                  ? 
_reflns.limit_l_min                  ? 
_reflns.observed_criterion_F_max     ? 
_reflns.observed_criterion_F_min     ? 
_reflns.pdbx_chi_squared             ? 
_reflns.pdbx_scaling_rejects         ? 
_reflns.pdbx_ordinal                 1 
_reflns.pdbx_diffrn_id               1 
# 
_reflns_shell.d_res_high             1.72 
_reflns_shell.d_res_low              1.78 
_reflns_shell.percent_possible_all   87.7 
_reflns_shell.Rmerge_I_obs           ? 
_reflns_shell.pdbx_Rsym_value        0.33 
_reflns_shell.meanI_over_sigI_obs    ? 
_reflns_shell.pdbx_redundancy        2.4 
_reflns_shell.percent_possible_obs   ? 
_reflns_shell.number_unique_all      2510 
_reflns_shell.number_measured_all    ? 
_reflns_shell.number_measured_obs    ? 
_reflns_shell.number_unique_obs      ? 
_reflns_shell.pdbx_chi_squared       ? 
_reflns_shell.pdbx_ordinal           1 
_reflns_shell.pdbx_diffrn_id         1 
# 
_refine.entry_id                                 2HPS 
_refine.ls_number_reflns_obs                     27912 
_refine.ls_number_reflns_all                     27921 
_refine.pdbx_ls_sigma_I                          ? 
_refine.pdbx_ls_sigma_F                          0.0 
_refine.pdbx_data_cutoff_high_absF               ? 
_refine.pdbx_data_cutoff_low_absF                ? 
_refine.pdbx_data_cutoff_high_rms_absF           ? 
_refine.ls_d_res_low                             10.00 
_refine.ls_d_res_high                            1.72 
_refine.ls_percent_reflns_obs                    98.57 
_refine.ls_R_factor_obs                          0.20024 
_refine.ls_R_factor_all                          0.20024 
_refine.ls_R_factor_R_work                       0.19879 
_refine.ls_R_factor_R_free                       0.22887 
_refine.ls_R_factor_R_free_error                 ? 
_refine.ls_R_factor_R_free_error_details         ? 
_refine.ls_percent_reflns_R_free                 5.1 
_refine.ls_number_reflns_R_free                  1489 
_refine.ls_number_parameters                     ? 
_refine.ls_number_restraints                     ? 
_refine.occupancy_min                            ? 
_refine.occupancy_max                            ? 
_refine.correlation_coeff_Fo_to_Fc               0.951 
_refine.correlation_coeff_Fo_to_Fc_free          0.939 
_refine.B_iso_mean                               18.613 
_refine.aniso_B[1][1]                            0.03 
_refine.aniso_B[2][2]                            0.03 
_refine.aniso_B[3][3]                            -0.05 
_refine.aniso_B[1][2]                            0.02 
_refine.aniso_B[1][3]                            0.00 
_refine.aniso_B[2][3]                            0.00 
_refine.solvent_model_details                    MASK 
_refine.solvent_model_param_ksol                 ? 
_refine.solvent_model_param_bsol                 ? 
_refine.pdbx_solvent_vdw_probe_radii             1.20 
_refine.pdbx_solvent_ion_probe_radii             0.80 
_refine.pdbx_solvent_shrinkage_radii             0.80 
_refine.pdbx_ls_cross_valid_method               THROUGHOUT 
_refine.details                                  'HYDROGENS HAVE BEEN ADDED IN THE RIDING POSITIONS' 
_refine.pdbx_starting_model                      ? 
_refine.pdbx_method_to_determine_struct          SAD 
_refine.pdbx_isotropic_thermal_model             ? 
_refine.pdbx_stereochemistry_target_values       'MAXIMUM LIKELIHOOD' 
_refine.pdbx_stereochem_target_val_spec_case     ? 
_refine.pdbx_R_Free_selection_details            RANDOM 
_refine.pdbx_overall_ESU_R                       0.098 
_refine.pdbx_overall_ESU_R_Free                  0.099 
_refine.overall_SU_ML                            0.060 
_refine.overall_SU_B                             1.796 
_refine.ls_redundancy_reflns_obs                 ? 
_refine.B_iso_min                                ? 
_refine.B_iso_max                                ? 
_refine.overall_SU_R_Cruickshank_DPI             ? 
_refine.overall_SU_R_free                        ? 
_refine.ls_wR_factor_R_free                      ? 
_refine.ls_wR_factor_R_work                      ? 
_refine.overall_FOM_free_R_set                   ? 
_refine.overall_FOM_work_R_set                   ? 
_refine.pdbx_refine_id                           'X-RAY DIFFRACTION' 
_refine.pdbx_diffrn_id                           1 
_refine.pdbx_TLS_residual_ADP_flag               ? 
_refine.pdbx_overall_phase_error                 ? 
_refine.pdbx_overall_SU_R_free_Cruickshank_DPI   ? 
_refine.pdbx_overall_SU_R_Blow_DPI               ? 
_refine.pdbx_overall_SU_R_free_Blow_DPI          ? 
# 
_refine_hist.pdbx_refine_id                   'X-RAY DIFFRACTION' 
_refine_hist.cycle_id                         LAST 
_refine_hist.pdbx_number_atoms_protein        1435 
_refine_hist.pdbx_number_atoms_nucleic_acid   0 
_refine_hist.pdbx_number_atoms_ligand         44 
_refine_hist.number_atoms_solvent             176 
_refine_hist.number_atoms_total               1655 
_refine_hist.d_res_high                       1.72 
_refine_hist.d_res_low                        10.00 
# 
loop_
_refine_ls_restr.type 
_refine_ls_restr.dev_ideal 
_refine_ls_restr.dev_ideal_target 
_refine_ls_restr.weight 
_refine_ls_restr.number 
_refine_ls_restr.pdbx_refine_id 
_refine_ls_restr.pdbx_restraint_function 
r_bond_refined_d         0.018  0.022  ? 1518 'X-RAY DIFFRACTION' ? 
r_angle_refined_deg      1.314  2.003  ? 2045 'X-RAY DIFFRACTION' ? 
r_dihedral_angle_1_deg   4.249  5.000  ? 182  'X-RAY DIFFRACTION' ? 
r_dihedral_angle_2_deg   28.859 24.595 ? 74   'X-RAY DIFFRACTION' ? 
r_dihedral_angle_3_deg   11.082 15.000 ? 269  'X-RAY DIFFRACTION' ? 
r_dihedral_angle_4_deg   12.576 15.000 ? 12   'X-RAY DIFFRACTION' ? 
r_chiral_restr           0.087  0.200  ? 231  'X-RAY DIFFRACTION' ? 
r_gen_planes_refined     0.005  0.020  ? 1136 'X-RAY DIFFRACTION' ? 
r_nbd_refined            0.205  0.200  ? 773  'X-RAY DIFFRACTION' ? 
r_nbtor_refined          0.303  0.200  ? 1089 'X-RAY DIFFRACTION' ? 
r_xyhbond_nbd_refined    0.121  0.200  ? 130  'X-RAY DIFFRACTION' ? 
r_symmetry_vdw_refined   0.154  0.200  ? 31   'X-RAY DIFFRACTION' ? 
r_symmetry_hbond_refined 0.063  0.200  ? 11   'X-RAY DIFFRACTION' ? 
r_mcbond_it              0.852  1.500  ? 945  'X-RAY DIFFRACTION' ? 
r_mcangle_it             1.166  2.000  ? 1472 'X-RAY DIFFRACTION' ? 
r_scbond_it              2.358  3.000  ? 663  'X-RAY DIFFRACTION' ? 
r_scangle_it             3.148  4.500  ? 573  'X-RAY DIFFRACTION' ? 
# 
_refine_ls_shell.pdbx_total_number_of_bins_used   20 
_refine_ls_shell.d_res_high                       1.723 
_refine_ls_shell.d_res_low                        1.767 
_refine_ls_shell.number_reflns_R_work             1731 
_refine_ls_shell.R_factor_R_work                  0.274 
_refine_ls_shell.percent_reflns_obs               87.69 
_refine_ls_shell.R_factor_R_free                  0.325 
_refine_ls_shell.R_factor_R_free_error            ? 
_refine_ls_shell.percent_reflns_R_free            ? 
_refine_ls_shell.number_reflns_R_free             107 
_refine_ls_shell.number_reflns_all                ? 
_refine_ls_shell.R_factor_all                     ? 
_refine_ls_shell.number_reflns_obs                ? 
_refine_ls_shell.redundancy_reflns_obs            ? 
_refine_ls_shell.pdbx_refine_id                   'X-RAY DIFFRACTION' 
# 
_struct.entry_id                  2HPS 
_struct.title                     'Crystal structure of coelenterazine-binding protein from Renilla Muelleri' 
_struct.pdbx_model_details        ? 
_struct.pdbx_CASP_flag            ? 
_struct.pdbx_model_type_details   ? 
# 
_struct_keywords.entry_id        2HPS 
_struct_keywords.pdbx_keywords   'LUMINESCENT PROTEIN' 
_struct_keywords.text            
;bioluminescence, coelenterazine-binding, Southeast Collaboratory for Structural Genomics, SECSG, Structural Genomics, PSI, Protein Structure Initiative, LUMINESCENT PROTEIN
;
# 
loop_
_struct_asym.id 
_struct_asym.pdbx_blank_PDB_chainid_flag 
_struct_asym.pdbx_modified 
_struct_asym.entity_id 
_struct_asym.details 
A N N 1 ? 
B N N 2 ? 
C N N 3 ? 
D N N 3 ? 
E N N 4 ? 
# 
_struct_ref.id                         1 
_struct_ref.entity_id                  1 
_struct_ref.db_name                    PDB 
_struct_ref.db_code                    2HPS 
_struct_ref.pdbx_db_accession          2HPS 
_struct_ref.pdbx_db_isoform            ? 
_struct_ref.pdbx_seq_one_letter_code   ? 
_struct_ref.pdbx_align_begin           ? 
# 
_struct_ref_seq.align_id                      1 
_struct_ref_seq.ref_id                        1 
_struct_ref_seq.pdbx_PDB_id_code              2HPS 
_struct_ref_seq.pdbx_strand_id                A 
_struct_ref_seq.seq_align_beg                 1 
_struct_ref_seq.pdbx_seq_align_beg_ins_code   ? 
_struct_ref_seq.seq_align_end                 186 
_struct_ref_seq.pdbx_seq_align_end_ins_code   ? 
_struct_ref_seq.pdbx_db_accession             2HPS 
_struct_ref_seq.db_align_beg                  1 
_struct_ref_seq.pdbx_db_align_beg_ins_code    ? 
_struct_ref_seq.db_align_end                  186 
_struct_ref_seq.pdbx_db_align_end_ins_code    ? 
_struct_ref_seq.pdbx_auth_seq_align_beg       1 
_struct_ref_seq.pdbx_auth_seq_align_end       186 
# 
_pdbx_struct_assembly.id                   1 
_pdbx_struct_assembly.details              author_defined_assembly 
_pdbx_struct_assembly.method_details       ? 
_pdbx_struct_assembly.oligomeric_details   monomeric 
_pdbx_struct_assembly.oligomeric_count     1 
# 
_pdbx_struct_assembly_gen.assembly_id       1 
_pdbx_struct_assembly_gen.oper_expression   1 
_pdbx_struct_assembly_gen.asym_id_list      A,B,C,D,E 
# 
_pdbx_struct_oper_list.id                   1 
_pdbx_struct_oper_list.type                 'identity operation' 
_pdbx_struct_oper_list.name                 1_555 
_pdbx_struct_oper_list.symmetry_operation   x,y,z 
_pdbx_struct_oper_list.matrix[1][1]         1.0000000000 
_pdbx_struct_oper_list.matrix[1][2]         0.0000000000 
_pdbx_struct_oper_list.matrix[1][3]         0.0000000000 
_pdbx_struct_oper_list.vector[1]            0.0000000000 
_pdbx_struct_oper_list.matrix[2][1]         0.0000000000 
_pdbx_struct_oper_list.matrix[2][2]         1.0000000000 
_pdbx_struct_oper_list.matrix[2][3]         0.0000000000 
_pdbx_struct_oper_list.vector[2]            0.0000000000 
_pdbx_struct_oper_list.matrix[3][1]         0.0000000000 
_pdbx_struct_oper_list.matrix[3][2]         0.0000000000 
_pdbx_struct_oper_list.matrix[3][3]         1.0000000000 
_pdbx_struct_oper_list.vector[3]            0.0000000000 
# 
_struct_biol.id   1 
# 
loop_
_struct_conf.conf_type_id 
_struct_conf.id 
_struct_conf.pdbx_PDB_helix_id 
_struct_conf.beg_label_comp_id 
_struct_conf.beg_label_asym_id 
_struct_conf.beg_label_seq_id 
_struct_conf.pdbx_beg_PDB_ins_code 
_struct_conf.end_label_comp_id 
_struct_conf.end_label_asym_id 
_struct_conf.end_label_seq_id 
_struct_conf.pdbx_end_PDB_ins_code 
_struct_conf.beg_auth_comp_id 
_struct_conf.beg_auth_asym_id 
_struct_conf.beg_auth_seq_id 
_struct_conf.end_auth_comp_id 
_struct_conf.end_auth_asym_id 
_struct_conf.end_auth_seq_id 
_struct_conf.pdbx_PDB_helix_class 
_struct_conf.details 
_struct_conf.pdbx_PDB_helix_length 
HELX_P HELX_P1  1  THR A 5   ? ARG A 22  ? THR A 5   ARG A 22  1 ? 18 
HELX_P HELX_P2  2  ARG A 33  ? LYS A 48  ? ARG A 33  LYS A 48  1 ? 16 
HELX_P HELX_P3  3  SER A 50  ? GLY A 69  ? SER A 50  GLY A 69  1 ? 20 
HELX_P HELX_P4  4  VAL A 78  ? MSE A 92  ? VAL A 78  MSE A 92  1 ? 15 
HELX_P HELX_P5  5  GLY A 94  ? ALA A 100 ? GLY A 94  ALA A 100 1 ? 7  
HELX_P HELX_P6  6  VAL A 101 ? ASP A 112 ? VAL A 101 ASP A 112 1 ? 12 
HELX_P HELX_P7  7  LEU A 121 ? GLY A 132 ? LEU A 121 GLY A 132 1 ? 12 
HELX_P HELX_P8  8  THR A 136 ? ASP A 148 ? THR A 136 ASP A 148 1 ? 13 
HELX_P HELX_P9  9  ARG A 157 ? GLY A 170 ? ARG A 157 GLY A 170 1 ? 14 
HELX_P HELX_P10 10 THR A 174 ? TYR A 181 ? THR A 174 TYR A 181 1 ? 8  
# 
_struct_conf_type.id          HELX_P 
_struct_conf_type.criteria    ? 
_struct_conf_type.reference   ? 
# 
loop_
_struct_conn.id 
_struct_conn.conn_type_id 
_struct_conn.pdbx_leaving_atom_flag 
_struct_conn.pdbx_PDB_id 
_struct_conn.ptnr1_label_asym_id 
_struct_conn.ptnr1_label_comp_id 
_struct_conn.ptnr1_label_seq_id 
_struct_conn.ptnr1_label_atom_id 
_struct_conn.pdbx_ptnr1_label_alt_id 
_struct_conn.pdbx_ptnr1_PDB_ins_code 
_struct_conn.pdbx_ptnr1_standard_comp_id 
_struct_conn.ptnr1_symmetry 
_struct_conn.ptnr2_label_asym_id 
_struct_conn.ptnr2_label_comp_id 
_struct_conn.ptnr2_label_seq_id 
_struct_conn.ptnr2_label_atom_id 
_struct_conn.pdbx_ptnr2_label_alt_id 
_struct_conn.pdbx_ptnr2_PDB_ins_code 
_struct_conn.ptnr1_auth_asym_id 
_struct_conn.ptnr1_auth_comp_id 
_struct_conn.ptnr1_auth_seq_id 
_struct_conn.ptnr2_auth_asym_id 
_struct_conn.ptnr2_auth_comp_id 
_struct_conn.ptnr2_auth_seq_id 
_struct_conn.ptnr2_symmetry 
_struct_conn.pdbx_ptnr3_label_atom_id 
_struct_conn.pdbx_ptnr3_label_seq_id 
_struct_conn.pdbx_ptnr3_label_comp_id 
_struct_conn.pdbx_ptnr3_label_asym_id 
_struct_conn.pdbx_ptnr3_label_alt_id 
_struct_conn.pdbx_ptnr3_PDB_ins_code 
_struct_conn.details 
_struct_conn.pdbx_dist_value 
_struct_conn.pdbx_value_order 
_struct_conn.pdbx_role 
covale1  covale both ? A LYS 15  C ? ? ? 1_555 A MSE 16  N ? ? A LYS 15  A MSE 16  1_555 ? ? ? ? ? ? ? 1.327 ? ? 
covale2  covale both ? A MSE 16  C ? ? ? 1_555 A LYS 17  N ? ? A MSE 16  A LYS 17  1_555 ? ? ? ? ? ? ? 1.329 ? ? 
covale3  covale both ? A ARG 19  C ? ? ? 1_555 A MSE 20  N ? ? A ARG 19  A MSE 20  1_555 ? ? ? ? ? ? ? 1.324 ? ? 
covale4  covale both ? A MSE 20  C ? ? ? 1_555 A GLN 21  N ? ? A MSE 20  A GLN 21  1_555 ? ? ? ? ? ? ? 1.335 ? ? 
covale5  covale both ? A LYS 91  C ? ? ? 1_555 A MSE 92  N ? ? A LYS 91  A MSE 92  1_555 ? ? ? ? ? ? ? 1.330 ? ? 
covale6  covale both ? A MSE 92  C ? ? ? 1_555 A LYS 93  N ? ? A MSE 92  A LYS 93  1_555 ? ? ? ? ? ? ? 1.334 ? ? 
covale7  covale both ? A ALA 98  C ? ? ? 1_555 A MSE 99  N ? ? A ALA 98  A MSE 99  1_555 ? ? ? ? ? ? ? 1.332 ? ? 
covale8  covale both ? A MSE 99  C ? ? ? 1_555 A ALA 100 N ? ? A MSE 99  A ALA 100 1_555 ? ? ? ? ? ? ? 1.338 ? ? 
covale9  covale both ? A ILE 106 C ? ? ? 1_555 A MSE 107 N ? ? A ILE 106 A MSE 107 1_555 ? ? ? ? ? ? ? 1.338 ? ? 
covale10 covale both ? A MSE 107 C ? ? ? 1_555 A TYR 108 N ? ? A MSE 107 A TYR 108 1_555 ? ? ? ? ? ? ? 1.334 ? ? 
# 
_struct_conn_type.id          covale 
_struct_conn_type.criteria    ? 
_struct_conn_type.reference   ? 
# 
loop_
_pdbx_modification_feature.ordinal 
_pdbx_modification_feature.label_comp_id 
_pdbx_modification_feature.label_asym_id 
_pdbx_modification_feature.label_seq_id 
_pdbx_modification_feature.label_alt_id 
_pdbx_modification_feature.modified_residue_label_comp_id 
_pdbx_modification_feature.modified_residue_label_asym_id 
_pdbx_modification_feature.modified_residue_label_seq_id 
_pdbx_modification_feature.modified_residue_label_alt_id 
_pdbx_modification_feature.auth_comp_id 
_pdbx_modification_feature.auth_asym_id 
_pdbx_modification_feature.auth_seq_id 
_pdbx_modification_feature.PDB_ins_code 
_pdbx_modification_feature.symmetry 
_pdbx_modification_feature.modified_residue_auth_comp_id 
_pdbx_modification_feature.modified_residue_auth_asym_id 
_pdbx_modification_feature.modified_residue_auth_seq_id 
_pdbx_modification_feature.modified_residue_PDB_ins_code 
_pdbx_modification_feature.modified_residue_symmetry 
_pdbx_modification_feature.comp_id_linking_atom 
_pdbx_modification_feature.modified_residue_id_linking_atom 
_pdbx_modification_feature.modified_residue_id 
_pdbx_modification_feature.ref_pcm_id 
_pdbx_modification_feature.ref_comp_id 
_pdbx_modification_feature.type 
_pdbx_modification_feature.category 
1 MSE A 16  ? . . . . MSE A 16  ? 1_555 . . . . . . . MET 1 MSE Selenomethionine 'Named protein modification' 
2 MSE A 20  ? . . . . MSE A 20  ? 1_555 . . . . . . . MET 1 MSE Selenomethionine 'Named protein modification' 
3 MSE A 92  ? . . . . MSE A 92  ? 1_555 . . . . . . . MET 1 MSE Selenomethionine 'Named protein modification' 
4 MSE A 99  ? . . . . MSE A 99  ? 1_555 . . . . . . . MET 1 MSE Selenomethionine 'Named protein modification' 
5 MSE A 107 ? . . . . MSE A 107 ? 1_555 . . . . . . . MET 1 MSE Selenomethionine 'Named protein modification' 
# 
loop_
_struct_sheet.id 
_struct_sheet.type 
_struct_sheet.number_strands 
_struct_sheet.details 
A ? 2 ? 
B ? 2 ? 
# 
loop_
_struct_sheet_order.sheet_id 
_struct_sheet_order.range_id_1 
_struct_sheet_order.range_id_2 
_struct_sheet_order.offset 
_struct_sheet_order.sense 
A 1 2 ? anti-parallel 
B 1 2 ? anti-parallel 
# 
loop_
_struct_sheet_range.sheet_id 
_struct_sheet_range.id 
_struct_sheet_range.beg_label_comp_id 
_struct_sheet_range.beg_label_asym_id 
_struct_sheet_range.beg_label_seq_id 
_struct_sheet_range.pdbx_beg_PDB_ins_code 
_struct_sheet_range.end_label_comp_id 
_struct_sheet_range.end_label_asym_id 
_struct_sheet_range.end_label_seq_id 
_struct_sheet_range.pdbx_end_PDB_ins_code 
_struct_sheet_range.beg_auth_comp_id 
_struct_sheet_range.beg_auth_asym_id 
_struct_sheet_range.beg_auth_seq_id 
_struct_sheet_range.end_auth_comp_id 
_struct_sheet_range.end_auth_asym_id 
_struct_sheet_range.end_auth_seq_id 
A 1 PHE A 30  ? SER A 32  ? PHE A 30  SER A 32  
A 2 ARG A 75  ? SER A 77  ? ARG A 75  SER A 77  
B 1 TYR A 118 ? SER A 120 ? TYR A 118 SER A 120 
B 2 GLN A 154 ? SER A 156 ? GLN A 154 SER A 156 
# 
loop_
_pdbx_struct_sheet_hbond.sheet_id 
_pdbx_struct_sheet_hbond.range_id_1 
_pdbx_struct_sheet_hbond.range_id_2 
_pdbx_struct_sheet_hbond.range_1_label_atom_id 
_pdbx_struct_sheet_hbond.range_1_label_comp_id 
_pdbx_struct_sheet_hbond.range_1_label_asym_id 
_pdbx_struct_sheet_hbond.range_1_label_seq_id 
_pdbx_struct_sheet_hbond.range_1_PDB_ins_code 
_pdbx_struct_sheet_hbond.range_1_auth_atom_id 
_pdbx_struct_sheet_hbond.range_1_auth_comp_id 
_pdbx_struct_sheet_hbond.range_1_auth_asym_id 
_pdbx_struct_sheet_hbond.range_1_auth_seq_id 
_pdbx_struct_sheet_hbond.range_2_label_atom_id 
_pdbx_struct_sheet_hbond.range_2_label_comp_id 
_pdbx_struct_sheet_hbond.range_2_label_asym_id 
_pdbx_struct_sheet_hbond.range_2_label_seq_id 
_pdbx_struct_sheet_hbond.range_2_PDB_ins_code 
_pdbx_struct_sheet_hbond.range_2_auth_atom_id 
_pdbx_struct_sheet_hbond.range_2_auth_comp_id 
_pdbx_struct_sheet_hbond.range_2_auth_asym_id 
_pdbx_struct_sheet_hbond.range_2_auth_seq_id 
A 1 2 N ILE A 31  ? N ILE A 31  O ILE A 76  ? O ILE A 76  
B 1 2 N VAL A 119 ? N VAL A 119 O ILE A 155 ? O ILE A 155 
# 
loop_
_struct_site.id 
_struct_site.pdbx_evidence_code 
_struct_site.pdbx_auth_asym_id 
_struct_site.pdbx_auth_comp_id 
_struct_site.pdbx_auth_seq_id 
_struct_site.pdbx_auth_ins_code 
_struct_site.pdbx_num_residues 
_struct_site.details 
AC1 Software A CTZ 187 ? 13 'BINDING SITE FOR RESIDUE CTZ A 187' 
AC2 Software A GOL 376 ? 3  'BINDING SITE FOR RESIDUE GOL A 376' 
AC3 Software A GOL 377 ? 4  'BINDING SITE FOR RESIDUE GOL A 377' 
# 
loop_
_struct_site_gen.id 
_struct_site_gen.site_id 
_struct_site_gen.pdbx_num_res 
_struct_site_gen.label_comp_id 
_struct_site_gen.label_asym_id 
_struct_site_gen.label_seq_id 
_struct_site_gen.pdbx_auth_ins_code 
_struct_site_gen.auth_comp_id 
_struct_site_gen.auth_asym_id 
_struct_site_gen.auth_seq_id 
_struct_site_gen.label_atom_id 
_struct_site_gen.label_alt_id 
_struct_site_gen.symmetry 
_struct_site_gen.details 
1  AC1 13 ARG A 19  ? ARG A 19  . ? 1_555 ? 
2  AC1 13 ARG A 22  ? ARG A 22  . ? 1_555 ? 
3  AC1 13 TYR A 36  ? TYR A 36  . ? 1_555 ? 
4  AC1 13 ILE A 39  ? ILE A 39  . ? 1_555 ? 
5  AC1 13 PHE A 124 ? PHE A 124 . ? 1_555 ? 
6  AC1 13 LEU A 135 ? LEU A 135 . ? 1_555 ? 
7  AC1 13 LYS A 139 ? LYS A 139 . ? 1_555 ? 
8  AC1 13 PHE A 180 ? PHE A 180 . ? 1_555 ? 
9  AC1 13 TYR A 181 ? TYR A 181 . ? 1_555 ? 
10 AC1 13 GLY A 182 ? GLY A 182 . ? 1_555 ? 
11 AC1 13 HOH E .   ? HOH A 189 . ? 1_555 ? 
12 AC1 13 HOH E .   ? HOH A 199 . ? 1_555 ? 
13 AC1 13 HOH E .   ? HOH A 226 . ? 1_555 ? 
14 AC2 3  ARG A 63  ? ARG A 63  . ? 1_555 ? 
15 AC2 3  GLN A 67  ? GLN A 67  . ? 1_555 ? 
16 AC2 3  HOH E .   ? HOH A 303 . ? 1_555 ? 
17 AC3 4  GLY A 94  ? GLY A 94  . ? 1_555 ? 
18 AC3 4  LYS A 97  ? LYS A 97  . ? 1_555 ? 
19 AC3 4  ARG A 157 ? ARG A 157 . ? 9_555 ? 
20 AC3 4  HOH E .   ? HOH A 285 . ? 1_555 ? 
# 
_pdbx_entry_details.entry_id                   2HPS 
_pdbx_entry_details.compound_details           ? 
_pdbx_entry_details.source_details             ? 
_pdbx_entry_details.nonpolymer_details         ? 
_pdbx_entry_details.sequence_details           ? 
_pdbx_entry_details.has_ligand_of_interest     ? 
_pdbx_entry_details.has_protein_modification   Y 
# 
loop_
_pdbx_validate_rmsd_bond.id 
_pdbx_validate_rmsd_bond.PDB_model_num 
_pdbx_validate_rmsd_bond.auth_atom_id_1 
_pdbx_validate_rmsd_bond.auth_asym_id_1 
_pdbx_validate_rmsd_bond.auth_comp_id_1 
_pdbx_validate_rmsd_bond.auth_seq_id_1 
_pdbx_validate_rmsd_bond.PDB_ins_code_1 
_pdbx_validate_rmsd_bond.label_alt_id_1 
_pdbx_validate_rmsd_bond.auth_atom_id_2 
_pdbx_validate_rmsd_bond.auth_asym_id_2 
_pdbx_validate_rmsd_bond.auth_comp_id_2 
_pdbx_validate_rmsd_bond.auth_seq_id_2 
_pdbx_validate_rmsd_bond.PDB_ins_code_2 
_pdbx_validate_rmsd_bond.label_alt_id_2 
_pdbx_validate_rmsd_bond.bond_value 
_pdbx_validate_rmsd_bond.bond_target_value 
_pdbx_validate_rmsd_bond.bond_deviation 
_pdbx_validate_rmsd_bond.bond_standard_deviation 
_pdbx_validate_rmsd_bond.linker_flag 
1 1 SE A MSE 107 ? ? CE A MSE 107 ? ? 1.465 1.950 -0.485 0.059 N 
2 1 C  A VAL 185 ? ? N  A ASP 186 ? ? 1.486 1.336 0.150  0.023 Y 
# 
_pdbx_validate_chiral.id              1 
_pdbx_validate_chiral.PDB_model_num   1 
_pdbx_validate_chiral.auth_atom_id    C2 
_pdbx_validate_chiral.label_alt_id    ? 
_pdbx_validate_chiral.auth_asym_id    A 
_pdbx_validate_chiral.auth_comp_id    CTZ 
_pdbx_validate_chiral.auth_seq_id     187 
_pdbx_validate_chiral.PDB_ins_code    ? 
_pdbx_validate_chiral.details         PLANAR 
_pdbx_validate_chiral.omega           . 
# 
_pdbx_SG_project.id                    1 
_pdbx_SG_project.project_name          'PSI, Protein Structure Initiative' 
_pdbx_SG_project.full_name_of_center   'Southeast Collaboratory for Structural Genomics' 
_pdbx_SG_project.initial_of_center     SECSG 
# 
loop_
_pdbx_struct_mod_residue.id 
_pdbx_struct_mod_residue.label_asym_id 
_pdbx_struct_mod_residue.label_comp_id 
_pdbx_struct_mod_residue.label_seq_id 
_pdbx_struct_mod_residue.auth_asym_id 
_pdbx_struct_mod_residue.auth_comp_id 
_pdbx_struct_mod_residue.auth_seq_id 
_pdbx_struct_mod_residue.PDB_ins_code 
_pdbx_struct_mod_residue.parent_comp_id 
_pdbx_struct_mod_residue.details 
1 A MSE 16  A MSE 16  ? MET SELENOMETHIONINE 
2 A MSE 20  A MSE 20  ? MET SELENOMETHIONINE 
3 A MSE 92  A MSE 92  ? MET SELENOMETHIONINE 
4 A MSE 99  A MSE 99  ? MET SELENOMETHIONINE 
5 A MSE 107 A MSE 107 ? MET SELENOMETHIONINE 
# 
_pdbx_database_remark.id     999 
_pdbx_database_remark.text   
;SEQUENCE
Currently there is no aminoacid sequence database 
reference available for the protein
;
# 
loop_
_pdbx_unobs_or_zero_occ_residues.id 
_pdbx_unobs_or_zero_occ_residues.PDB_model_num 
_pdbx_unobs_or_zero_occ_residues.polymer_flag 
_pdbx_unobs_or_zero_occ_residues.occupancy_flag 
_pdbx_unobs_or_zero_occ_residues.auth_asym_id 
_pdbx_unobs_or_zero_occ_residues.auth_comp_id 
_pdbx_unobs_or_zero_occ_residues.auth_seq_id 
_pdbx_unobs_or_zero_occ_residues.PDB_ins_code 
_pdbx_unobs_or_zero_occ_residues.label_asym_id 
_pdbx_unobs_or_zero_occ_residues.label_comp_id 
_pdbx_unobs_or_zero_occ_residues.label_seq_id 
1 1 Y 1 A MSE 1 ? A MSE 1 
2 1 Y 1 A PRO 2 ? A PRO 2 
# 
loop_
_chem_comp_atom.comp_id 
_chem_comp_atom.atom_id 
_chem_comp_atom.type_symbol 
_chem_comp_atom.pdbx_aromatic_flag 
_chem_comp_atom.pdbx_stereo_config 
_chem_comp_atom.pdbx_ordinal 
ALA N    N  N N 1   
ALA CA   C  N S 2   
ALA C    C  N N 3   
ALA O    O  N N 4   
ALA CB   C  N N 5   
ALA OXT  O  N N 6   
ALA H    H  N N 7   
ALA H2   H  N N 8   
ALA HA   H  N N 9   
ALA HB1  H  N N 10  
ALA HB2  H  N N 11  
ALA HB3  H  N N 12  
ALA HXT  H  N N 13  
ARG N    N  N N 14  
ARG CA   C  N S 15  
ARG C    C  N N 16  
ARG O    O  N N 17  
ARG CB   C  N N 18  
ARG CG   C  N N 19  
ARG CD   C  N N 20  
ARG NE   N  N N 21  
ARG CZ   C  N N 22  
ARG NH1  N  N N 23  
ARG NH2  N  N N 24  
ARG OXT  O  N N 25  
ARG H    H  N N 26  
ARG H2   H  N N 27  
ARG HA   H  N N 28  
ARG HB2  H  N N 29  
ARG HB3  H  N N 30  
ARG HG2  H  N N 31  
ARG HG3  H  N N 32  
ARG HD2  H  N N 33  
ARG HD3  H  N N 34  
ARG HE   H  N N 35  
ARG HH11 H  N N 36  
ARG HH12 H  N N 37  
ARG HH21 H  N N 38  
ARG HH22 H  N N 39  
ARG HXT  H  N N 40  
ASN N    N  N N 41  
ASN CA   C  N S 42  
ASN C    C  N N 43  
ASN O    O  N N 44  
ASN CB   C  N N 45  
ASN CG   C  N N 46  
ASN OD1  O  N N 47  
ASN ND2  N  N N 48  
ASN OXT  O  N N 49  
ASN H    H  N N 50  
ASN H2   H  N N 51  
ASN HA   H  N N 52  
ASN HB2  H  N N 53  
ASN HB3  H  N N 54  
ASN HD21 H  N N 55  
ASN HD22 H  N N 56  
ASN HXT  H  N N 57  
ASP N    N  N N 58  
ASP CA   C  N S 59  
ASP C    C  N N 60  
ASP O    O  N N 61  
ASP CB   C  N N 62  
ASP CG   C  N N 63  
ASP OD1  O  N N 64  
ASP OD2  O  N N 65  
ASP OXT  O  N N 66  
ASP H    H  N N 67  
ASP H2   H  N N 68  
ASP HA   H  N N 69  
ASP HB2  H  N N 70  
ASP HB3  H  N N 71  
ASP HD2  H  N N 72  
ASP HXT  H  N N 73  
CTZ N1   N  N N 74  
CTZ C2   C  N S 75  
CTZ C3   C  N N 76  
CTZ N4   N  N N 77  
CTZ C5   C  N N 78  
CTZ C6   C  N N 79  
CTZ N7   N  N N 80  
CTZ C8   C  N N 81  
CTZ C9   C  N N 82  
CTZ C10  C  N N 83  
CTZ C11  C  Y N 84  
CTZ C12  C  Y N 85  
CTZ C13  C  Y N 86  
CTZ C14  C  Y N 87  
CTZ C15  C  Y N 88  
CTZ C16  C  Y N 89  
CTZ O17  O  N N 90  
CTZ O18  O  N N 91  
CTZ C19  C  Y N 92  
CTZ C20  C  Y N 93  
CTZ C21  C  Y N 94  
CTZ C22  C  Y N 95  
CTZ C23  C  Y N 96  
CTZ C24  C  Y N 97  
CTZ O25  O  N N 98  
CTZ C26  C  N N 99  
CTZ C27  C  Y N 100 
CTZ C28  C  Y N 101 
CTZ C29  C  Y N 102 
CTZ C30  C  Y N 103 
CTZ C31  C  Y N 104 
CTZ C32  C  Y N 105 
CTZ O33  O  N N 106 
CTZ H5   H  N N 107 
CTZ H101 H  N N 108 
CTZ H102 H  N N 109 
CTZ H12  H  N N 110 
CTZ H13  H  N N 111 
CTZ H15  H  N N 112 
CTZ H16  H  N N 113 
CTZ H17  H  N N 114 
CTZ H20  H  N N 115 
CTZ H21  H  N N 116 
CTZ H23  H  N N 117 
CTZ H24  H  N N 118 
CTZ H25  H  N N 119 
CTZ H261 H  N N 120 
CTZ H262 H  N N 121 
CTZ H28  H  N N 122 
CTZ H29  H  N N 123 
CTZ H30  H  N N 124 
CTZ H31  H  N N 125 
CTZ H32  H  N N 126 
CTZ H33  H  N N 127 
CYS N    N  N N 128 
CYS CA   C  N R 129 
CYS C    C  N N 130 
CYS O    O  N N 131 
CYS CB   C  N N 132 
CYS SG   S  N N 133 
CYS OXT  O  N N 134 
CYS H    H  N N 135 
CYS H2   H  N N 136 
CYS HA   H  N N 137 
CYS HB2  H  N N 138 
CYS HB3  H  N N 139 
CYS HG   H  N N 140 
CYS HXT  H  N N 141 
GLN N    N  N N 142 
GLN CA   C  N S 143 
GLN C    C  N N 144 
GLN O    O  N N 145 
GLN CB   C  N N 146 
GLN CG   C  N N 147 
GLN CD   C  N N 148 
GLN OE1  O  N N 149 
GLN NE2  N  N N 150 
GLN OXT  O  N N 151 
GLN H    H  N N 152 
GLN H2   H  N N 153 
GLN HA   H  N N 154 
GLN HB2  H  N N 155 
GLN HB3  H  N N 156 
GLN HG2  H  N N 157 
GLN HG3  H  N N 158 
GLN HE21 H  N N 159 
GLN HE22 H  N N 160 
GLN HXT  H  N N 161 
GLU N    N  N N 162 
GLU CA   C  N S 163 
GLU C    C  N N 164 
GLU O    O  N N 165 
GLU CB   C  N N 166 
GLU CG   C  N N 167 
GLU CD   C  N N 168 
GLU OE1  O  N N 169 
GLU OE2  O  N N 170 
GLU OXT  O  N N 171 
GLU H    H  N N 172 
GLU H2   H  N N 173 
GLU HA   H  N N 174 
GLU HB2  H  N N 175 
GLU HB3  H  N N 176 
GLU HG2  H  N N 177 
GLU HG3  H  N N 178 
GLU HE2  H  N N 179 
GLU HXT  H  N N 180 
GLY N    N  N N 181 
GLY CA   C  N N 182 
GLY C    C  N N 183 
GLY O    O  N N 184 
GLY OXT  O  N N 185 
GLY H    H  N N 186 
GLY H2   H  N N 187 
GLY HA2  H  N N 188 
GLY HA3  H  N N 189 
GLY HXT  H  N N 190 
GOL C1   C  N N 191 
GOL O1   O  N N 192 
GOL C2   C  N N 193 
GOL O2   O  N N 194 
GOL C3   C  N N 195 
GOL O3   O  N N 196 
GOL H11  H  N N 197 
GOL H12  H  N N 198 
GOL HO1  H  N N 199 
GOL H2   H  N N 200 
GOL HO2  H  N N 201 
GOL H31  H  N N 202 
GOL H32  H  N N 203 
GOL HO3  H  N N 204 
HIS N    N  N N 205 
HIS CA   C  N S 206 
HIS C    C  N N 207 
HIS O    O  N N 208 
HIS CB   C  N N 209 
HIS CG   C  Y N 210 
HIS ND1  N  Y N 211 
HIS CD2  C  Y N 212 
HIS CE1  C  Y N 213 
HIS NE2  N  Y N 214 
HIS OXT  O  N N 215 
HIS H    H  N N 216 
HIS H2   H  N N 217 
HIS HA   H  N N 218 
HIS HB2  H  N N 219 
HIS HB3  H  N N 220 
HIS HD1  H  N N 221 
HIS HD2  H  N N 222 
HIS HE1  H  N N 223 
HIS HE2  H  N N 224 
HIS HXT  H  N N 225 
HOH O    O  N N 226 
HOH H1   H  N N 227 
HOH H2   H  N N 228 
ILE N    N  N N 229 
ILE CA   C  N S 230 
ILE C    C  N N 231 
ILE O    O  N N 232 
ILE CB   C  N S 233 
ILE CG1  C  N N 234 
ILE CG2  C  N N 235 
ILE CD1  C  N N 236 
ILE OXT  O  N N 237 
ILE H    H  N N 238 
ILE H2   H  N N 239 
ILE HA   H  N N 240 
ILE HB   H  N N 241 
ILE HG12 H  N N 242 
ILE HG13 H  N N 243 
ILE HG21 H  N N 244 
ILE HG22 H  N N 245 
ILE HG23 H  N N 246 
ILE HD11 H  N N 247 
ILE HD12 H  N N 248 
ILE HD13 H  N N 249 
ILE HXT  H  N N 250 
LEU N    N  N N 251 
LEU CA   C  N S 252 
LEU C    C  N N 253 
LEU O    O  N N 254 
LEU CB   C  N N 255 
LEU CG   C  N N 256 
LEU CD1  C  N N 257 
LEU CD2  C  N N 258 
LEU OXT  O  N N 259 
LEU H    H  N N 260 
LEU H2   H  N N 261 
LEU HA   H  N N 262 
LEU HB2  H  N N 263 
LEU HB3  H  N N 264 
LEU HG   H  N N 265 
LEU HD11 H  N N 266 
LEU HD12 H  N N 267 
LEU HD13 H  N N 268 
LEU HD21 H  N N 269 
LEU HD22 H  N N 270 
LEU HD23 H  N N 271 
LEU HXT  H  N N 272 
LYS N    N  N N 273 
LYS CA   C  N S 274 
LYS C    C  N N 275 
LYS O    O  N N 276 
LYS CB   C  N N 277 
LYS CG   C  N N 278 
LYS CD   C  N N 279 
LYS CE   C  N N 280 
LYS NZ   N  N N 281 
LYS OXT  O  N N 282 
LYS H    H  N N 283 
LYS H2   H  N N 284 
LYS HA   H  N N 285 
LYS HB2  H  N N 286 
LYS HB3  H  N N 287 
LYS HG2  H  N N 288 
LYS HG3  H  N N 289 
LYS HD2  H  N N 290 
LYS HD3  H  N N 291 
LYS HE2  H  N N 292 
LYS HE3  H  N N 293 
LYS HZ1  H  N N 294 
LYS HZ2  H  N N 295 
LYS HZ3  H  N N 296 
LYS HXT  H  N N 297 
MSE N    N  N N 298 
MSE CA   C  N S 299 
MSE C    C  N N 300 
MSE O    O  N N 301 
MSE OXT  O  N N 302 
MSE CB   C  N N 303 
MSE CG   C  N N 304 
MSE SE   SE N N 305 
MSE CE   C  N N 306 
MSE H    H  N N 307 
MSE H2   H  N N 308 
MSE HA   H  N N 309 
MSE HXT  H  N N 310 
MSE HB2  H  N N 311 
MSE HB3  H  N N 312 
MSE HG2  H  N N 313 
MSE HG3  H  N N 314 
MSE HE1  H  N N 315 
MSE HE2  H  N N 316 
MSE HE3  H  N N 317 
PHE N    N  N N 318 
PHE CA   C  N S 319 
PHE C    C  N N 320 
PHE O    O  N N 321 
PHE CB   C  N N 322 
PHE CG   C  Y N 323 
PHE CD1  C  Y N 324 
PHE CD2  C  Y N 325 
PHE CE1  C  Y N 326 
PHE CE2  C  Y N 327 
PHE CZ   C  Y N 328 
PHE OXT  O  N N 329 
PHE H    H  N N 330 
PHE H2   H  N N 331 
PHE HA   H  N N 332 
PHE HB2  H  N N 333 
PHE HB3  H  N N 334 
PHE HD1  H  N N 335 
PHE HD2  H  N N 336 
PHE HE1  H  N N 337 
PHE HE2  H  N N 338 
PHE HZ   H  N N 339 
PHE HXT  H  N N 340 
PRO N    N  N N 341 
PRO CA   C  N S 342 
PRO C    C  N N 343 
PRO O    O  N N 344 
PRO CB   C  N N 345 
PRO CG   C  N N 346 
PRO CD   C  N N 347 
PRO OXT  O  N N 348 
PRO H    H  N N 349 
PRO HA   H  N N 350 
PRO HB2  H  N N 351 
PRO HB3  H  N N 352 
PRO HG2  H  N N 353 
PRO HG3  H  N N 354 
PRO HD2  H  N N 355 
PRO HD3  H  N N 356 
PRO HXT  H  N N 357 
SER N    N  N N 358 
SER CA   C  N S 359 
SER C    C  N N 360 
SER O    O  N N 361 
SER CB   C  N N 362 
SER OG   O  N N 363 
SER OXT  O  N N 364 
SER H    H  N N 365 
SER H2   H  N N 366 
SER HA   H  N N 367 
SER HB2  H  N N 368 
SER HB3  H  N N 369 
SER HG   H  N N 370 
SER HXT  H  N N 371 
THR N    N  N N 372 
THR CA   C  N S 373 
THR C    C  N N 374 
THR O    O  N N 375 
THR CB   C  N R 376 
THR OG1  O  N N 377 
THR CG2  C  N N 378 
THR OXT  O  N N 379 
THR H    H  N N 380 
THR H2   H  N N 381 
THR HA   H  N N 382 
THR HB   H  N N 383 
THR HG1  H  N N 384 
THR HG21 H  N N 385 
THR HG22 H  N N 386 
THR HG23 H  N N 387 
THR HXT  H  N N 388 
TYR N    N  N N 389 
TYR CA   C  N S 390 
TYR C    C  N N 391 
TYR O    O  N N 392 
TYR CB   C  N N 393 
TYR CG   C  Y N 394 
TYR CD1  C  Y N 395 
TYR CD2  C  Y N 396 
TYR CE1  C  Y N 397 
TYR CE2  C  Y N 398 
TYR CZ   C  Y N 399 
TYR OH   O  N N 400 
TYR OXT  O  N N 401 
TYR H    H  N N 402 
TYR H2   H  N N 403 
TYR HA   H  N N 404 
TYR HB2  H  N N 405 
TYR HB3  H  N N 406 
TYR HD1  H  N N 407 
TYR HD2  H  N N 408 
TYR HE1  H  N N 409 
TYR HE2  H  N N 410 
TYR HH   H  N N 411 
TYR HXT  H  N N 412 
VAL N    N  N N 413 
VAL CA   C  N S 414 
VAL C    C  N N 415 
VAL O    O  N N 416 
VAL CB   C  N N 417 
VAL CG1  C  N N 418 
VAL CG2  C  N N 419 
VAL OXT  O  N N 420 
VAL H    H  N N 421 
VAL H2   H  N N 422 
VAL HA   H  N N 423 
VAL HB   H  N N 424 
VAL HG11 H  N N 425 
VAL HG12 H  N N 426 
VAL HG13 H  N N 427 
VAL HG21 H  N N 428 
VAL HG22 H  N N 429 
VAL HG23 H  N N 430 
VAL HXT  H  N N 431 
# 
loop_
_chem_comp_bond.comp_id 
_chem_comp_bond.atom_id_1 
_chem_comp_bond.atom_id_2 
_chem_comp_bond.value_order 
_chem_comp_bond.pdbx_aromatic_flag 
_chem_comp_bond.pdbx_stereo_config 
_chem_comp_bond.pdbx_ordinal 
ALA N   CA   sing N N 1   
ALA N   H    sing N N 2   
ALA N   H2   sing N N 3   
ALA CA  C    sing N N 4   
ALA CA  CB   sing N N 5   
ALA CA  HA   sing N N 6   
ALA C   O    doub N N 7   
ALA C   OXT  sing N N 8   
ALA CB  HB1  sing N N 9   
ALA CB  HB2  sing N N 10  
ALA CB  HB3  sing N N 11  
ALA OXT HXT  sing N N 12  
ARG N   CA   sing N N 13  
ARG N   H    sing N N 14  
ARG N   H2   sing N N 15  
ARG CA  C    sing N N 16  
ARG CA  CB   sing N N 17  
ARG CA  HA   sing N N 18  
ARG C   O    doub N N 19  
ARG C   OXT  sing N N 20  
ARG CB  CG   sing N N 21  
ARG CB  HB2  sing N N 22  
ARG CB  HB3  sing N N 23  
ARG CG  CD   sing N N 24  
ARG CG  HG2  sing N N 25  
ARG CG  HG3  sing N N 26  
ARG CD  NE   sing N N 27  
ARG CD  HD2  sing N N 28  
ARG CD  HD3  sing N N 29  
ARG NE  CZ   sing N N 30  
ARG NE  HE   sing N N 31  
ARG CZ  NH1  sing N N 32  
ARG CZ  NH2  doub N N 33  
ARG NH1 HH11 sing N N 34  
ARG NH1 HH12 sing N N 35  
ARG NH2 HH21 sing N N 36  
ARG NH2 HH22 sing N N 37  
ARG OXT HXT  sing N N 38  
ASN N   CA   sing N N 39  
ASN N   H    sing N N 40  
ASN N   H2   sing N N 41  
ASN CA  C    sing N N 42  
ASN CA  CB   sing N N 43  
ASN CA  HA   sing N N 44  
ASN C   O    doub N N 45  
ASN C   OXT  sing N N 46  
ASN CB  CG   sing N N 47  
ASN CB  HB2  sing N N 48  
ASN CB  HB3  sing N N 49  
ASN CG  OD1  doub N N 50  
ASN CG  ND2  sing N N 51  
ASN ND2 HD21 sing N N 52  
ASN ND2 HD22 sing N N 53  
ASN OXT HXT  sing N N 54  
ASP N   CA   sing N N 55  
ASP N   H    sing N N 56  
ASP N   H2   sing N N 57  
ASP CA  C    sing N N 58  
ASP CA  CB   sing N N 59  
ASP CA  HA   sing N N 60  
ASP C   O    doub N N 61  
ASP C   OXT  sing N N 62  
ASP CB  CG   sing N N 63  
ASP CB  HB2  sing N N 64  
ASP CB  HB3  sing N N 65  
ASP CG  OD1  doub N N 66  
ASP CG  OD2  sing N N 67  
ASP OD2 HD2  sing N N 68  
ASP OXT HXT  sing N N 69  
CTZ N1  C2   sing N N 70  
CTZ N1  C9   doub N N 71  
CTZ C2  C3   sing N N 72  
CTZ C2  C10  sing N N 73  
CTZ C2  O33  sing N N 74  
CTZ C3  N4   sing N N 75  
CTZ C3  O18  doub N N 76  
CTZ N4  C5   sing N N 77  
CTZ N4  C9   sing N N 78  
CTZ C5  C6   doub N N 79  
CTZ C5  H5   sing N N 80  
CTZ C6  N7   sing N N 81  
CTZ C6  C19  sing N N 82  
CTZ N7  C8   doub N N 83  
CTZ C8  C9   sing N N 84  
CTZ C8  C26  sing N N 85  
CTZ C10 C11  sing N N 86  
CTZ C10 H101 sing N N 87  
CTZ C10 H102 sing N N 88  
CTZ C11 C12  doub Y N 89  
CTZ C11 C16  sing Y N 90  
CTZ C12 C13  sing Y N 91  
CTZ C12 H12  sing N N 92  
CTZ C13 C14  doub Y N 93  
CTZ C13 H13  sing N N 94  
CTZ C14 C15  sing Y N 95  
CTZ C14 O17  sing N N 96  
CTZ C15 C16  doub Y N 97  
CTZ C15 H15  sing N N 98  
CTZ C16 H16  sing N N 99  
CTZ O17 H17  sing N N 100 
CTZ C19 C20  doub Y N 101 
CTZ C19 C24  sing Y N 102 
CTZ C20 C21  sing Y N 103 
CTZ C20 H20  sing N N 104 
CTZ C21 C22  doub Y N 105 
CTZ C21 H21  sing N N 106 
CTZ C22 C23  sing Y N 107 
CTZ C22 O25  sing N N 108 
CTZ C23 C24  doub Y N 109 
CTZ C23 H23  sing N N 110 
CTZ C24 H24  sing N N 111 
CTZ O25 H25  sing N N 112 
CTZ C26 C27  sing N N 113 
CTZ C26 H261 sing N N 114 
CTZ C26 H262 sing N N 115 
CTZ C27 C28  doub Y N 116 
CTZ C27 C32  sing Y N 117 
CTZ C28 C29  sing Y N 118 
CTZ C28 H28  sing N N 119 
CTZ C29 C30  doub Y N 120 
CTZ C29 H29  sing N N 121 
CTZ C30 C31  sing Y N 122 
CTZ C30 H30  sing N N 123 
CTZ C31 C32  doub Y N 124 
CTZ C31 H31  sing N N 125 
CTZ C32 H32  sing N N 126 
CTZ O33 H33  sing N N 127 
CYS N   CA   sing N N 128 
CYS N   H    sing N N 129 
CYS N   H2   sing N N 130 
CYS CA  C    sing N N 131 
CYS CA  CB   sing N N 132 
CYS CA  HA   sing N N 133 
CYS C   O    doub N N 134 
CYS C   OXT  sing N N 135 
CYS CB  SG   sing N N 136 
CYS CB  HB2  sing N N 137 
CYS CB  HB3  sing N N 138 
CYS SG  HG   sing N N 139 
CYS OXT HXT  sing N N 140 
GLN N   CA   sing N N 141 
GLN N   H    sing N N 142 
GLN N   H2   sing N N 143 
GLN CA  C    sing N N 144 
GLN CA  CB   sing N N 145 
GLN CA  HA   sing N N 146 
GLN C   O    doub N N 147 
GLN C   OXT  sing N N 148 
GLN CB  CG   sing N N 149 
GLN CB  HB2  sing N N 150 
GLN CB  HB3  sing N N 151 
GLN CG  CD   sing N N 152 
GLN CG  HG2  sing N N 153 
GLN CG  HG3  sing N N 154 
GLN CD  OE1  doub N N 155 
GLN CD  NE2  sing N N 156 
GLN NE2 HE21 sing N N 157 
GLN NE2 HE22 sing N N 158 
GLN OXT HXT  sing N N 159 
GLU N   CA   sing N N 160 
GLU N   H    sing N N 161 
GLU N   H2   sing N N 162 
GLU CA  C    sing N N 163 
GLU CA  CB   sing N N 164 
GLU CA  HA   sing N N 165 
GLU C   O    doub N N 166 
GLU C   OXT  sing N N 167 
GLU CB  CG   sing N N 168 
GLU CB  HB2  sing N N 169 
GLU CB  HB3  sing N N 170 
GLU CG  CD   sing N N 171 
GLU CG  HG2  sing N N 172 
GLU CG  HG3  sing N N 173 
GLU CD  OE1  doub N N 174 
GLU CD  OE2  sing N N 175 
GLU OE2 HE2  sing N N 176 
GLU OXT HXT  sing N N 177 
GLY N   CA   sing N N 178 
GLY N   H    sing N N 179 
GLY N   H2   sing N N 180 
GLY CA  C    sing N N 181 
GLY CA  HA2  sing N N 182 
GLY CA  HA3  sing N N 183 
GLY C   O    doub N N 184 
GLY C   OXT  sing N N 185 
GLY OXT HXT  sing N N 186 
GOL C1  O1   sing N N 187 
GOL C1  C2   sing N N 188 
GOL C1  H11  sing N N 189 
GOL C1  H12  sing N N 190 
GOL O1  HO1  sing N N 191 
GOL C2  O2   sing N N 192 
GOL C2  C3   sing N N 193 
GOL C2  H2   sing N N 194 
GOL O2  HO2  sing N N 195 
GOL C3  O3   sing N N 196 
GOL C3  H31  sing N N 197 
GOL C3  H32  sing N N 198 
GOL O3  HO3  sing N N 199 
HIS N   CA   sing N N 200 
HIS N   H    sing N N 201 
HIS N   H2   sing N N 202 
HIS CA  C    sing N N 203 
HIS CA  CB   sing N N 204 
HIS CA  HA   sing N N 205 
HIS C   O    doub N N 206 
HIS C   OXT  sing N N 207 
HIS CB  CG   sing N N 208 
HIS CB  HB2  sing N N 209 
HIS CB  HB3  sing N N 210 
HIS CG  ND1  sing Y N 211 
HIS CG  CD2  doub Y N 212 
HIS ND1 CE1  doub Y N 213 
HIS ND1 HD1  sing N N 214 
HIS CD2 NE2  sing Y N 215 
HIS CD2 HD2  sing N N 216 
HIS CE1 NE2  sing Y N 217 
HIS CE1 HE1  sing N N 218 
HIS NE2 HE2  sing N N 219 
HIS OXT HXT  sing N N 220 
HOH O   H1   sing N N 221 
HOH O   H2   sing N N 222 
ILE N   CA   sing N N 223 
ILE N   H    sing N N 224 
ILE N   H2   sing N N 225 
ILE CA  C    sing N N 226 
ILE CA  CB   sing N N 227 
ILE CA  HA   sing N N 228 
ILE C   O    doub N N 229 
ILE C   OXT  sing N N 230 
ILE CB  CG1  sing N N 231 
ILE CB  CG2  sing N N 232 
ILE CB  HB   sing N N 233 
ILE CG1 CD1  sing N N 234 
ILE CG1 HG12 sing N N 235 
ILE CG1 HG13 sing N N 236 
ILE CG2 HG21 sing N N 237 
ILE CG2 HG22 sing N N 238 
ILE CG2 HG23 sing N N 239 
ILE CD1 HD11 sing N N 240 
ILE CD1 HD12 sing N N 241 
ILE CD1 HD13 sing N N 242 
ILE OXT HXT  sing N N 243 
LEU N   CA   sing N N 244 
LEU N   H    sing N N 245 
LEU N   H2   sing N N 246 
LEU CA  C    sing N N 247 
LEU CA  CB   sing N N 248 
LEU CA  HA   sing N N 249 
LEU C   O    doub N N 250 
LEU C   OXT  sing N N 251 
LEU CB  CG   sing N N 252 
LEU CB  HB2  sing N N 253 
LEU CB  HB3  sing N N 254 
LEU CG  CD1  sing N N 255 
LEU CG  CD2  sing N N 256 
LEU CG  HG   sing N N 257 
LEU CD1 HD11 sing N N 258 
LEU CD1 HD12 sing N N 259 
LEU CD1 HD13 sing N N 260 
LEU CD2 HD21 sing N N 261 
LEU CD2 HD22 sing N N 262 
LEU CD2 HD23 sing N N 263 
LEU OXT HXT  sing N N 264 
LYS N   CA   sing N N 265 
LYS N   H    sing N N 266 
LYS N   H2   sing N N 267 
LYS CA  C    sing N N 268 
LYS CA  CB   sing N N 269 
LYS CA  HA   sing N N 270 
LYS C   O    doub N N 271 
LYS C   OXT  sing N N 272 
LYS CB  CG   sing N N 273 
LYS CB  HB2  sing N N 274 
LYS CB  HB3  sing N N 275 
LYS CG  CD   sing N N 276 
LYS CG  HG2  sing N N 277 
LYS CG  HG3  sing N N 278 
LYS CD  CE   sing N N 279 
LYS CD  HD2  sing N N 280 
LYS CD  HD3  sing N N 281 
LYS CE  NZ   sing N N 282 
LYS CE  HE2  sing N N 283 
LYS CE  HE3  sing N N 284 
LYS NZ  HZ1  sing N N 285 
LYS NZ  HZ2  sing N N 286 
LYS NZ  HZ3  sing N N 287 
LYS OXT HXT  sing N N 288 
MSE N   CA   sing N N 289 
MSE N   H    sing N N 290 
MSE N   H2   sing N N 291 
MSE CA  C    sing N N 292 
MSE CA  CB   sing N N 293 
MSE CA  HA   sing N N 294 
MSE C   O    doub N N 295 
MSE C   OXT  sing N N 296 
MSE OXT HXT  sing N N 297 
MSE CB  CG   sing N N 298 
MSE CB  HB2  sing N N 299 
MSE CB  HB3  sing N N 300 
MSE CG  SE   sing N N 301 
MSE CG  HG2  sing N N 302 
MSE CG  HG3  sing N N 303 
MSE SE  CE   sing N N 304 
MSE CE  HE1  sing N N 305 
MSE CE  HE2  sing N N 306 
MSE CE  HE3  sing N N 307 
PHE N   CA   sing N N 308 
PHE N   H    sing N N 309 
PHE N   H2   sing N N 310 
PHE CA  C    sing N N 311 
PHE CA  CB   sing N N 312 
PHE CA  HA   sing N N 313 
PHE C   O    doub N N 314 
PHE C   OXT  sing N N 315 
PHE CB  CG   sing N N 316 
PHE CB  HB2  sing N N 317 
PHE CB  HB3  sing N N 318 
PHE CG  CD1  doub Y N 319 
PHE CG  CD2  sing Y N 320 
PHE CD1 CE1  sing Y N 321 
PHE CD1 HD1  sing N N 322 
PHE CD2 CE2  doub Y N 323 
PHE CD2 HD2  sing N N 324 
PHE CE1 CZ   doub Y N 325 
PHE CE1 HE1  sing N N 326 
PHE CE2 CZ   sing Y N 327 
PHE CE2 HE2  sing N N 328 
PHE CZ  HZ   sing N N 329 
PHE OXT HXT  sing N N 330 
PRO N   CA   sing N N 331 
PRO N   CD   sing N N 332 
PRO N   H    sing N N 333 
PRO CA  C    sing N N 334 
PRO CA  CB   sing N N 335 
PRO CA  HA   sing N N 336 
PRO C   O    doub N N 337 
PRO C   OXT  sing N N 338 
PRO CB  CG   sing N N 339 
PRO CB  HB2  sing N N 340 
PRO CB  HB3  sing N N 341 
PRO CG  CD   sing N N 342 
PRO CG  HG2  sing N N 343 
PRO CG  HG3  sing N N 344 
PRO CD  HD2  sing N N 345 
PRO CD  HD3  sing N N 346 
PRO OXT HXT  sing N N 347 
SER N   CA   sing N N 348 
SER N   H    sing N N 349 
SER N   H2   sing N N 350 
SER CA  C    sing N N 351 
SER CA  CB   sing N N 352 
SER CA  HA   sing N N 353 
SER C   O    doub N N 354 
SER C   OXT  sing N N 355 
SER CB  OG   sing N N 356 
SER CB  HB2  sing N N 357 
SER CB  HB3  sing N N 358 
SER OG  HG   sing N N 359 
SER OXT HXT  sing N N 360 
THR N   CA   sing N N 361 
THR N   H    sing N N 362 
THR N   H2   sing N N 363 
THR CA  C    sing N N 364 
THR CA  CB   sing N N 365 
THR CA  HA   sing N N 366 
THR C   O    doub N N 367 
THR C   OXT  sing N N 368 
THR CB  OG1  sing N N 369 
THR CB  CG2  sing N N 370 
THR CB  HB   sing N N 371 
THR OG1 HG1  sing N N 372 
THR CG2 HG21 sing N N 373 
THR CG2 HG22 sing N N 374 
THR CG2 HG23 sing N N 375 
THR OXT HXT  sing N N 376 
TYR N   CA   sing N N 377 
TYR N   H    sing N N 378 
TYR N   H2   sing N N 379 
TYR CA  C    sing N N 380 
TYR CA  CB   sing N N 381 
TYR CA  HA   sing N N 382 
TYR C   O    doub N N 383 
TYR C   OXT  sing N N 384 
TYR CB  CG   sing N N 385 
TYR CB  HB2  sing N N 386 
TYR CB  HB3  sing N N 387 
TYR CG  CD1  doub Y N 388 
TYR CG  CD2  sing Y N 389 
TYR CD1 CE1  sing Y N 390 
TYR CD1 HD1  sing N N 391 
TYR CD2 CE2  doub Y N 392 
TYR CD2 HD2  sing N N 393 
TYR CE1 CZ   doub Y N 394 
TYR CE1 HE1  sing N N 395 
TYR CE2 CZ   sing Y N 396 
TYR CE2 HE2  sing N N 397 
TYR CZ  OH   sing N N 398 
TYR OH  HH   sing N N 399 
TYR OXT HXT  sing N N 400 
VAL N   CA   sing N N 401 
VAL N   H    sing N N 402 
VAL N   H2   sing N N 403 
VAL CA  C    sing N N 404 
VAL CA  CB   sing N N 405 
VAL CA  HA   sing N N 406 
VAL C   O    doub N N 407 
VAL C   OXT  sing N N 408 
VAL CB  CG1  sing N N 409 
VAL CB  CG2  sing N N 410 
VAL CB  HB   sing N N 411 
VAL CG1 HG11 sing N N 412 
VAL CG1 HG12 sing N N 413 
VAL CG1 HG13 sing N N 414 
VAL CG2 HG21 sing N N 415 
VAL CG2 HG22 sing N N 416 
VAL CG2 HG23 sing N N 417 
VAL OXT HXT  sing N N 418 
# 
_atom_sites.entry_id                    2HPS 
_atom_sites.fract_transf_matrix[1][1]   -0.00228171 
_atom_sites.fract_transf_matrix[1][2]   0.01985679 
_atom_sites.fract_transf_matrix[1][3]   -0.00514424 
_atom_sites.fract_transf_matrix[2][1]   0.01594757 
_atom_sites.fract_transf_matrix[2][2]   0.01054318 
_atom_sites.fract_transf_matrix[2][3]   -0.00777720 
_atom_sites.fract_transf_matrix[3][1]   -0.00092941 
_atom_sites.fract_transf_matrix[3][2]   -0.00092561 
_atom_sites.fract_transf_matrix[3][3]   -0.00316062 
_atom_sites.fract_transf_vector[1]      -0.302177 
_atom_sites.fract_transf_vector[2]      0.406194 
_atom_sites.fract_transf_vector[3]      0.146498 
# 
loop_
_atom_type.symbol 
C  
N  
O  
S  
SE 
# 
loop_
_atom_site.group_PDB 
_atom_site.id 
_atom_site.type_symbol 
_atom_site.label_atom_id 
_atom_site.label_alt_id 
_atom_site.label_comp_id 
_atom_site.label_asym_id 
_atom_site.label_entity_id 
_atom_site.label_seq_id 
_atom_site.pdbx_PDB_ins_code 
_atom_site.Cartn_x 
_atom_site.Cartn_y 
_atom_site.Cartn_z 
_atom_site.occupancy 
_atom_site.B_iso_or_equiv 
_atom_site.pdbx_formal_charge 
_atom_site.auth_seq_id 
_atom_site.auth_comp_id 
_atom_site.auth_asym_id 
_atom_site.auth_atom_id 
_atom_site.pdbx_PDB_model_num 
ATOM   1    N  N   . GLU A 1 3   ? -2.690  20.954  15.458  1.00 27.63 ? 3   GLU A N   1 
ATOM   2    C  CA  . GLU A 1 3   ? -1.499  20.180  15.947  1.00 26.51 ? 3   GLU A CA  1 
ATOM   3    C  C   . GLU A 1 3   ? -1.876  18.711  16.144  1.00 25.52 ? 3   GLU A C   1 
ATOM   4    O  O   . GLU A 1 3   ? -2.876  18.395  16.805  1.00 26.57 ? 3   GLU A O   1 
ATOM   5    C  CB  A GLU A 1 3   ? -0.959  20.765  17.258  0.65 26.72 ? 3   GLU A CB  1 
ATOM   6    N  N   . ILE A 1 4   ? -1.073  17.824  15.574  1.00 23.79 ? 4   ILE A N   1 
ATOM   7    C  CA  . ILE A 1 4   ? -1.338  16.376  15.643  1.00 21.24 ? 4   ILE A CA  1 
ATOM   8    C  C   . ILE A 1 4   ? -1.045  15.894  17.067  1.00 19.96 ? 4   ILE A C   1 
ATOM   9    O  O   . ILE A 1 4   ? 0.021   16.159  17.617  1.00 20.53 ? 4   ILE A O   1 
ATOM   10   C  CB  . ILE A 1 4   ? -0.498  15.604  14.591  1.00 21.54 ? 4   ILE A CB  1 
ATOM   11   C  CG1 . ILE A 1 4   ? -0.914  16.013  13.160  1.00 21.90 ? 4   ILE A CG1 1 
ATOM   12   C  CG2 . ILE A 1 4   ? -0.654  14.083  14.745  1.00 19.97 ? 4   ILE A CG2 1 
ATOM   13   C  CD1 . ILE A 1 4   ? 0.228   15.929  12.145  1.00 23.76 ? 4   ILE A CD1 1 
ATOM   14   N  N   . THR A 1 5   ? -2.011  15.207  17.658  1.00 18.43 ? 5   THR A N   1 
ATOM   15   C  CA  . THR A 1 5   ? -1.900  14.765  19.052  1.00 17.17 ? 5   THR A CA  1 
ATOM   16   C  C   . THR A 1 5   ? -1.005  13.532  19.151  1.00 16.43 ? 5   THR A C   1 
ATOM   17   O  O   . THR A 1 5   ? -0.711  12.882  18.154  1.00 15.70 ? 5   THR A O   1 
ATOM   18   C  CB  . THR A 1 5   ? -3.267  14.432  19.631  1.00 17.49 ? 5   THR A CB  1 
ATOM   19   O  OG1 . THR A 1 5   ? -3.786  13.256  19.005  1.00 16.52 ? 5   THR A OG1 1 
ATOM   20   C  CG2 . THR A 1 5   ? -4.241  15.579  19.406  1.00 18.17 ? 5   THR A CG2 1 
ATOM   21   N  N   . GLU A 1 6   ? -0.587  13.204  20.371  1.00 15.64 ? 6   GLU A N   1 
ATOM   22   C  CA  . GLU A 1 6   ? 0.240   12.011  20.582  1.00 14.80 ? 6   GLU A CA  1 
ATOM   23   C  C   . GLU A 1 6   ? -0.488  10.725  20.160  1.00 14.34 ? 6   GLU A C   1 
ATOM   24   O  O   . GLU A 1 6   ? 0.134   9.819   19.618  1.00 14.97 ? 6   GLU A O   1 
ATOM   25   C  CB  . GLU A 1 6   ? 0.707   11.917  22.053  1.00 14.96 ? 6   GLU A CB  1 
ATOM   26   C  CG  . GLU A 1 6   ? 1.671   13.047  22.500  1.00 16.45 ? 6   GLU A CG  1 
ATOM   27   C  CD  . GLU A 1 6   ? 3.060   12.981  21.871  1.00 18.90 ? 6   GLU A CD  1 
ATOM   28   O  OE1 . GLU A 1 6   ? 3.487   11.913  21.402  1.00 17.07 ? 6   GLU A OE1 1 
ATOM   29   O  OE2 . GLU A 1 6   ? 3.767   14.014  21.862  1.00 20.65 ? 6   GLU A OE2 1 
ATOM   30   N  N   . SER A 1 7   ? -1.794  10.635  20.412  1.00 13.96 ? 7   SER A N   1 
ATOM   31   C  CA  . SER A 1 7   ? -2.536  9.425   20.067  1.00 14.34 ? 7   SER A CA  1 
ATOM   32   C  C   . SER A 1 7   ? -2.790  9.325   18.557  1.00 13.85 ? 7   SER A C   1 
ATOM   33   O  O   . SER A 1 7   ? -2.760  8.235   17.996  1.00 14.10 ? 7   SER A O   1 
ATOM   34   C  CB  . SER A 1 7   ? -3.840  9.341   20.859  1.00 15.01 ? 7   SER A CB  1 
ATOM   35   O  OG  . SER A 1 7   ? -4.591  10.526  20.664  1.00 16.73 ? 7   SER A OG  1 
ATOM   36   N  N   . GLU A 1 8   ? -3.029  10.464  17.899  1.00 14.06 ? 8   GLU A N   1 
ATOM   37   C  CA  . GLU A 1 8   ? -3.148  10.474  16.426  1.00 13.94 ? 8   GLU A CA  1 
ATOM   38   C  C   . GLU A 1 8   ? -1.821  10.055  15.794  1.00 13.03 ? 8   GLU A C   1 
ATOM   39   O  O   . GLU A 1 8   ? -1.796  9.229   14.871  1.00 12.51 ? 8   GLU A O   1 
ATOM   40   C  CB  . GLU A 1 8   ? -3.566  11.867  15.925  1.00 13.59 ? 8   GLU A CB  1 
ATOM   41   C  CG  . GLU A 1 8   ? -5.006  12.194  16.251  1.00 15.41 ? 8   GLU A CG  1 
ATOM   42   C  CD  . GLU A 1 8   ? -5.366  13.654  15.975  1.00 17.15 ? 8   GLU A CD  1 
ATOM   43   O  OE1 . GLU A 1 8   ? -4.455  14.517  15.868  1.00 18.11 ? 8   GLU A OE1 1 
ATOM   44   O  OE2 . GLU A 1 8   ? -6.584  13.922  15.878  1.00 21.39 ? 8   GLU A OE2 1 
ATOM   45   N  N   . ARG A 1 9   ? -0.714  10.603  16.298  1.00 12.68 ? 9   ARG A N   1 
ATOM   46   C  CA  . ARG A 1 9   ? 0.591   10.204  15.777  1.00 12.22 ? 9   ARG A CA  1 
ATOM   47   C  C   . ARG A 1 9   ? 0.828   8.714   16.039  1.00 11.71 ? 9   ARG A C   1 
ATOM   48   O  O   . ARG A 1 9   ? 1.319   7.999   15.164  1.00 11.15 ? 9   ARG A O   1 
ATOM   49   C  CB  . ARG A 1 9   ? 1.723   11.045  16.366  1.00 12.76 ? 9   ARG A CB  1 
ATOM   50   C  CG  . ARG A 1 9   ? 3.078   10.663  15.759  1.00 14.11 ? 9   ARG A CG  1 
ATOM   51   C  CD  . ARG A 1 9   ? 4.186   11.573  16.233  1.00 15.50 ? 9   ARG A CD  1 
ATOM   52   N  NE  . ARG A 1 9   ? 5.468   11.186  15.634  1.00 14.77 ? 9   ARG A NE  1 
ATOM   53   C  CZ  . ARG A 1 9   ? 5.901   11.529  14.419  1.00 17.33 ? 9   ARG A CZ  1 
ATOM   54   N  NH1 . ARG A 1 9   ? 5.172   12.303  13.612  1.00 16.89 ? 9   ARG A NH1 1 
ATOM   55   N  NH2 . ARG A 1 9   ? 7.087   11.092  14.007  1.00 15.16 ? 9   ARG A NH2 1 
ATOM   56   N  N   . ALA A 1 10  ? 0.457   8.252   17.235  1.00 11.21 ? 10  ALA A N   1 
ATOM   57   C  CA  . ALA A 1 10  ? 0.620   6.835   17.580  1.00 11.01 ? 10  ALA A CA  1 
ATOM   58   C  C   . ALA A 1 10  ? -0.110  5.946   16.589  1.00 10.64 ? 10  ALA A C   1 
ATOM   59   O  O   . ALA A 1 10  ? 0.460   4.981   16.076  1.00 10.69 ? 10  ALA A O   1 
ATOM   60   C  CB  . ALA A 1 10  ? 0.118   6.560   19.015  1.00 10.89 ? 10  ALA A CB  1 
ATOM   61   N  N   . TYR A 1 11  ? -1.365  6.298   16.298  1.00 11.36 ? 11  TYR A N   1 
ATOM   62   C  CA  . TYR A 1 11  ? -2.186  5.479   15.413  1.00 11.31 ? 11  TYR A CA  1 
ATOM   63   C  C   . TYR A 1 11  ? -1.627  5.508   13.978  1.00 11.50 ? 11  TYR A C   1 
ATOM   64   O  O   . TYR A 1 11  ? -1.525  4.476   13.322  1.00 10.58 ? 11  TYR A O   1 
ATOM   65   C  CB  . TYR A 1 11  ? -3.651  5.945   15.457  1.00 10.96 ? 11  TYR A CB  1 
ATOM   66   C  CG  . TYR A 1 11  ? -4.525  5.171   14.496  1.00 11.56 ? 11  TYR A CG  1 
ATOM   67   C  CD1 . TYR A 1 11  ? -4.739  3.796   14.674  1.00 11.85 ? 11  TYR A CD1 1 
ATOM   68   C  CD2 . TYR A 1 11  ? -5.065  5.790   13.367  1.00 12.04 ? 11  TYR A CD2 1 
ATOM   69   C  CE1 . TYR A 1 11  ? -5.517  3.056   13.768  1.00 12.34 ? 11  TYR A CE1 1 
ATOM   70   C  CE2 . TYR A 1 11  ? -5.831  5.064   12.457  1.00 11.78 ? 11  TYR A CE2 1 
ATOM   71   C  CZ  . TYR A 1 11  ? -6.050  3.705   12.654  1.00 12.45 ? 11  TYR A CZ  1 
ATOM   72   O  OH  . TYR A 1 11  ? -6.822  2.990   11.767  1.00 13.74 ? 11  TYR A OH  1 
ATOM   73   N  N   . HIS A 1 12  ? -1.259  6.699   13.507  1.00 11.15 ? 12  HIS A N   1 
ATOM   74   C  CA  . HIS A 1 12  ? -0.711  6.805   12.151  1.00 11.07 ? 12  HIS A CA  1 
ATOM   75   C  C   . HIS A 1 12  ? 0.575   6.007   12.010  1.00 10.72 ? 12  HIS A C   1 
ATOM   76   O  O   . HIS A 1 12  ? 0.743   5.262   11.036  1.00 10.43 ? 12  HIS A O   1 
ATOM   77   C  CB  . HIS A 1 12  ? -0.494  8.255   11.730  1.00 11.56 ? 12  HIS A CB  1 
ATOM   78   C  CG  . HIS A 1 12  ? -0.349  8.406   10.254  1.00 11.87 ? 12  HIS A CG  1 
ATOM   79   N  ND1 . HIS A 1 12  ? 0.851   8.219   9.603   1.00 12.27 ? 12  HIS A ND1 1 
ATOM   80   C  CD2 . HIS A 1 12  ? -1.273  8.648   9.292   1.00 12.95 ? 12  HIS A CD2 1 
ATOM   81   C  CE1 . HIS A 1 12  ? 0.661   8.348   8.299   1.00 13.00 ? 12  HIS A CE1 1 
ATOM   82   N  NE2 . HIS A 1 12  ? -0.614  8.626   8.087   1.00 13.08 ? 12  HIS A NE2 1 
ATOM   83   N  N   . LEU A 1 13  ? 1.457   6.097   13.009  1.00 10.71 ? 13  LEU A N   1 
ATOM   84   C  CA  . LEU A 1 13  ? 2.685   5.283   12.968  1.00 11.13 ? 13  LEU A CA  1 
ATOM   85   C  C   . LEU A 1 13  ? 2.403   3.789   12.985  1.00 11.30 ? 13  LEU A C   1 
ATOM   86   O  O   . LEU A 1 13  ? 3.139   3.004   12.382  1.00 11.81 ? 13  LEU A O   1 
ATOM   87   C  CB  . LEU A 1 13  ? 3.605   5.633   14.147  1.00 10.97 ? 13  LEU A CB  1 
ATOM   88   C  CG  . LEU A 1 13  ? 4.321   6.981   14.110  1.00 11.68 ? 13  LEU A CG  1 
ATOM   89   C  CD1 . LEU A 1 13  ? 4.941   7.277   15.486  1.00 13.83 ? 13  LEU A CD1 1 
ATOM   90   C  CD2 . LEU A 1 13  ? 5.429   6.943   13.042  1.00 13.13 ? 13  LEU A CD2 1 
ATOM   91   N  N   . ARG A 1 14  ? 1.385   3.388   13.746  1.00 10.99 ? 14  ARG A N   1 
ATOM   92   C  CA  . ARG A 1 14  ? 0.954   1.986   13.794  1.00 10.70 ? 14  ARG A CA  1 
ATOM   93   C  C   . ARG A 1 14  ? 0.515   1.500   12.419  1.00 10.38 ? 14  ARG A C   1 
ATOM   94   O  O   . ARG A 1 14  ? 0.913   0.413   11.985  1.00 10.56 ? 14  ARG A O   1 
ATOM   95   C  CB  . ARG A 1 14  ? -0.166  1.804   14.814  1.00 10.68 ? 14  ARG A CB  1 
ATOM   96   C  CG  . ARG A 1 14  ? -0.576  0.344   15.042  1.00 11.36 ? 14  ARG A CG  1 
ATOM   97   C  CD  . ARG A 1 14  ? -1.619  0.265   16.185  1.00 11.20 ? 14  ARG A CD  1 
ATOM   98   N  NE  . ARG A 1 14  ? -2.074  -1.104  16.407  1.00 11.37 ? 14  ARG A NE  1 
ATOM   99   C  CZ  . ARG A 1 14  ? -1.466  -1.996  17.183  1.00 14.25 ? 14  ARG A CZ  1 
ATOM   100  N  NH1 . ARG A 1 14  ? -0.333  -1.681  17.823  1.00 13.79 ? 14  ARG A NH1 1 
ATOM   101  N  NH2 . ARG A 1 14  ? -1.986  -3.229  17.299  1.00 14.13 ? 14  ARG A NH2 1 
ATOM   102  N  N   . LYS A 1 15  ? -0.238  2.343   11.707  1.00 10.69 ? 15  LYS A N   1 
ATOM   103  C  CA  . LYS A 1 15  ? -0.613  2.042   10.344  1.00 10.44 ? 15  LYS A CA  1 
ATOM   104  C  C   . LYS A 1 15  ? 0.631   1.910   9.464   1.00 10.83 ? 15  LYS A C   1 
ATOM   105  O  O   . LYS A 1 15  ? 0.773   0.939   8.719   1.00 10.71 ? 15  LYS A O   1 
ATOM   106  C  CB  . LYS A 1 15  ? -1.546  3.115   9.797   1.00 10.14 ? 15  LYS A CB  1 
ATOM   107  C  CG  . LYS A 1 15  ? -2.967  3.067   10.389  1.00 11.04 ? 15  LYS A CG  1 
ATOM   108  C  CD  . LYS A 1 15  ? -3.932  3.953   9.619   1.00 11.92 ? 15  LYS A CD  1 
ATOM   109  C  CE  . LYS A 1 15  ? -3.562  5.444   9.682   1.00 11.80 ? 15  LYS A CE  1 
ATOM   110  N  NZ  . LYS A 1 15  ? -4.568  6.321   8.919   1.00 11.41 ? 15  LYS A NZ  1 
HETATM 111  N  N   . MSE A 1 16  ? 1.534   2.876   9.574   1.00 10.80 ? 16  MSE A N   1 
HETATM 112  C  CA  . MSE A 1 16  ? 2.714   2.891   8.701   1.00 11.96 ? 16  MSE A CA  1 
HETATM 113  C  C   . MSE A 1 16  ? 3.646   1.709   8.990   1.00 11.95 ? 16  MSE A C   1 
HETATM 114  O  O   . MSE A 1 16  ? 4.232   1.136   8.081   1.00 11.75 ? 16  MSE A O   1 
HETATM 115  C  CB  . MSE A 1 16  ? 3.463   4.217   8.787   1.00 12.83 ? 16  MSE A CB  1 
HETATM 116  C  CG  . MSE A 1 16  ? 2.674   5.426   8.321   1.00 13.63 ? 16  MSE A CG  1 
HETATM 117  SE SE  . MSE A 1 16  ? 1.964   5.229   6.466   1.00 21.82 ? 16  MSE A SE  1 
HETATM 118  C  CE  . MSE A 1 16  ? 0.012   4.921   6.925   1.00 14.84 ? 16  MSE A CE  1 
ATOM   119  N  N   . LYS A 1 17  ? 3.779   1.331   10.258  1.00 11.51 ? 17  LYS A N   1 
ATOM   120  C  CA  . LYS A 1 17  ? 4.589   0.160   10.588  1.00 12.02 ? 17  LYS A CA  1 
ATOM   121  C  C   . LYS A 1 17  ? 4.003   -1.141  9.993   1.00 11.58 ? 17  LYS A C   1 
ATOM   122  O  O   . LYS A 1 17  ? 4.733   -2.050  9.582   1.00 11.73 ? 17  LYS A O   1 
ATOM   123  C  CB  . LYS A 1 17  ? 4.771   0.035   12.116  1.00 12.61 ? 17  LYS A CB  1 
ATOM   124  C  CG  . LYS A 1 17  ? 5.841   -1.004  12.494  1.00 12.91 ? 17  LYS A CG  1 
ATOM   125  C  CD  . LYS A 1 17  ? 6.056   -1.174  14.013  1.00 14.78 ? 17  LYS A CD  1 
ATOM   126  C  CE  . LYS A 1 17  ? 6.965   -2.388  14.264  1.00 18.57 ? 17  LYS A CE  1 
ATOM   127  N  NZ  . LYS A 1 17  ? 7.148   -2.614  15.735  1.00 20.64 ? 17  LYS A NZ  1 
ATOM   128  N  N   . THR A 1 18  ? 2.680   -1.218  9.939   1.00 11.04 ? 18  THR A N   1 
ATOM   129  C  CA  . THR A 1 18  ? 2.001   -2.379  9.365   1.00 11.52 ? 18  THR A CA  1 
ATOM   130  C  C   . THR A 1 18  ? 2.337   -2.454  7.866   1.00 12.00 ? 18  THR A C   1 
ATOM   131  O  O   . THR A 1 18  ? 2.693   -3.515  7.340   1.00 11.67 ? 18  THR A O   1 
ATOM   132  C  CB  . THR A 1 18  ? 0.497   -2.259  9.629   1.00 12.15 ? 18  THR A CB  1 
ATOM   133  O  OG1 . THR A 1 18  ? 0.298   -2.181  11.057  1.00 11.54 ? 18  THR A OG1 1 
ATOM   134  C  CG2 . THR A 1 18  ? -0.253  -3.472  9.091   1.00 12.29 ? 18  THR A CG2 1 
ATOM   135  N  N   . ARG A 1 19  ? 2.295   -1.299  7.221   1.00 11.84 ? 19  ARG A N   1 
ATOM   136  C  CA  . ARG A 1 19  ? 2.638   -1.176  5.799   1.00 12.25 ? 19  ARG A CA  1 
ATOM   137  C  C   . ARG A 1 19  ? 4.108   -1.556  5.581   1.00 12.28 ? 19  ARG A C   1 
ATOM   138  O  O   . ARG A 1 19  ? 4.440   -2.305  4.673   1.00 12.75 ? 19  ARG A O   1 
ATOM   139  C  CB  . ARG A 1 19  ? 2.408   0.268   5.355   1.00 12.22 ? 19  ARG A CB  1 
ATOM   140  C  CG  . ARG A 1 19  ? 2.839   0.561   3.933   1.00 12.98 ? 19  ARG A CG  1 
ATOM   141  C  CD  . ARG A 1 19  ? 2.632   2.050   3.646   1.00 15.26 ? 19  ARG A CD  1 
ATOM   142  N  NE  . ARG A 1 19  ? 3.399   2.474   2.467   1.00 16.43 ? 19  ARG A NE  1 
ATOM   143  C  CZ  . ARG A 1 19  ? 3.746   3.735   2.200   1.00 16.97 ? 19  ARG A CZ  1 
ATOM   144  N  NH1 . ARG A 1 19  ? 3.387   4.738   3.006   1.00 16.22 ? 19  ARG A NH1 1 
ATOM   145  N  NH2 . ARG A 1 19  ? 4.438   4.001   1.103   1.00 14.97 ? 19  ARG A NH2 1 
HETATM 146  N  N   . MSE A 1 20  ? 4.986   -1.050  6.433   1.00 12.65 ? 20  MSE A N   1 
HETATM 147  C  CA  . MSE A 1 20  ? 6.400   -1.281  6.229   1.00 13.74 ? 20  MSE A CA  1 
HETATM 148  C  C   . MSE A 1 20  ? 6.785   -2.723  6.477   1.00 13.44 ? 20  MSE A C   1 
HETATM 149  O  O   . MSE A 1 20  ? 7.716   -3.248  5.837   1.00 14.07 ? 20  MSE A O   1 
HETATM 150  C  CB  . MSE A 1 20  ? 7.226   -0.327  7.080   1.00 14.55 ? 20  MSE A CB  1 
HETATM 151  C  CG  . MSE A 1 20  ? 7.071   1.138   6.701   1.00 17.92 ? 20  MSE A CG  1 
HETATM 152  SE SE  . MSE A 1 20  ? 7.698   1.458   4.879   1.00 29.60 ? 20  MSE A SE  1 
HETATM 153  C  CE  . MSE A 1 20  ? 6.189   1.427   3.827   1.00 21.69 ? 20  MSE A CE  1 
ATOM   154  N  N   . GLN A 1 21  ? 6.054   -3.388  7.375   1.00 12.70 ? 21  GLN A N   1 
ATOM   155  C  CA  . GLN A 1 21  ? 6.330   -4.780  7.666   1.00 13.40 ? 21  GLN A CA  1 
ATOM   156  C  C   . GLN A 1 21  ? 6.074   -5.648  6.441   1.00 13.41 ? 21  GLN A C   1 
ATOM   157  O  O   . GLN A 1 21  ? 6.681   -6.712  6.310   1.00 14.58 ? 21  GLN A O   1 
ATOM   158  C  CB  A GLN A 1 21  ? 5.556   -5.304  8.879   0.65 12.50 ? 21  GLN A CB  1 
ATOM   159  C  CG  A GLN A 1 21  ? 6.203   -4.872  10.172  0.65 14.34 ? 21  GLN A CG  1 
ATOM   160  C  CD  A GLN A 1 21  ? 6.027   -5.835  11.337  0.65 16.42 ? 21  GLN A CD  1 
ATOM   161  O  OE1 A GLN A 1 21  ? 5.244   -6.789  11.294  0.65 18.20 ? 21  GLN A OE1 1 
ATOM   162  N  NE2 A GLN A 1 21  ? 6.766   -5.573  12.389  0.65 17.71 ? 21  GLN A NE2 1 
ATOM   163  N  N   . ARG A 1 22  ? 5.204   -5.180  5.541   1.00 13.30 ? 22  ARG A N   1 
ATOM   164  C  CA  . ARG A 1 22  ? 4.956   -5.874  4.283   1.00 14.12 ? 22  ARG A CA  1 
ATOM   165  C  C   . ARG A 1 22  ? 6.163   -5.829  3.353   1.00 14.98 ? 22  ARG A C   1 
ATOM   166  O  O   . ARG A 1 22  ? 6.303   -6.690  2.479   1.00 16.76 ? 22  ARG A O   1 
ATOM   167  C  CB  . ARG A 1 22  ? 3.708   -5.319  3.571   1.00 13.94 ? 22  ARG A CB  1 
ATOM   168  C  CG  . ARG A 1 22  ? 2.410   -5.533  4.357   1.00 15.02 ? 22  ARG A CG  1 
ATOM   169  C  CD  . ARG A 1 22  ? 2.156   -7.012  4.640   1.00 15.65 ? 22  ARG A CD  1 
ATOM   170  N  NE  . ARG A 1 22  ? 2.316   -7.826  3.430   1.00 15.78 ? 22  ARG A NE  1 
ATOM   171  C  CZ  . ARG A 1 22  ? 2.355   -9.159  3.420   1.00 18.17 ? 22  ARG A CZ  1 
ATOM   172  N  NH1 . ARG A 1 22  ? 2.523   -9.801  2.274   1.00 18.05 ? 22  ARG A NH1 1 
ATOM   173  N  NH2 . ARG A 1 22  ? 2.222   -9.851  4.550   1.00 17.53 ? 22  ARG A NH2 1 
ATOM   174  N  N   . VAL A 1 23  ? 7.034   -4.846  3.555   1.00 14.01 ? 23  VAL A N   1 
ATOM   175  C  CA  . VAL A 1 23  ? 8.247   -4.728  2.761   1.00 14.67 ? 23  VAL A CA  1 
ATOM   176  C  C   . VAL A 1 23  ? 9.317   -5.693  3.315   1.00 15.07 ? 23  VAL A C   1 
ATOM   177  O  O   . VAL A 1 23  ? 10.199  -6.158  2.591   1.00 15.43 ? 23  VAL A O   1 
ATOM   178  C  CB  . VAL A 1 23  ? 8.729   -3.251  2.702   1.00 14.47 ? 23  VAL A CB  1 
ATOM   179  C  CG1 . VAL A 1 23  ? 9.949   -3.093  1.762   1.00 14.94 ? 23  VAL A CG1 1 
ATOM   180  C  CG2 . VAL A 1 23  ? 7.598   -2.327  2.235   1.00 14.75 ? 23  VAL A CG2 1 
ATOM   181  N  N   . ASP A 1 24  ? 9.199   -6.023  4.607   1.00 15.54 ? 24  ASP A N   1 
ATOM   182  C  CA  . ASP A 1 24  ? 10.151  -6.867  5.319   1.00 16.29 ? 24  ASP A CA  1 
ATOM   183  C  C   . ASP A 1 24  ? 9.923   -8.357  5.032   1.00 17.19 ? 24  ASP A C   1 
ATOM   184  O  O   . ASP A 1 24  ? 9.380   -9.102  5.855   1.00 16.71 ? 24  ASP A O   1 
ATOM   185  C  CB  . ASP A 1 24  ? 10.084  -6.577  6.838   1.00 16.65 ? 24  ASP A CB  1 
ATOM   186  C  CG  . ASP A 1 24  ? 11.077  -7.403  7.637   1.00 18.49 ? 24  ASP A CG  1 
ATOM   187  O  OD1 . ASP A 1 24  ? 12.041  -7.929  7.046   1.00 18.67 ? 24  ASP A OD1 1 
ATOM   188  O  OD2 . ASP A 1 24  ? 10.888  -7.545  8.856   1.00 18.47 ? 24  ASP A OD2 1 
ATOM   189  N  N   . VAL A 1 25  ? 10.359  -8.788  3.856   1.00 17.41 ? 25  VAL A N   1 
ATOM   190  C  CA  . VAL A 1 25  ? 9.982   -10.098 3.350   1.00 19.43 ? 25  VAL A CA  1 
ATOM   191  C  C   . VAL A 1 25  ? 10.666  -11.266 4.107   1.00 19.62 ? 25  VAL A C   1 
ATOM   192  O  O   . VAL A 1 25  ? 10.150  -12.397 4.093   1.00 21.04 ? 25  VAL A O   1 
ATOM   193  C  CB  . VAL A 1 25  ? 10.194  -10.132 1.798   1.00 19.59 ? 25  VAL A CB  1 
ATOM   194  C  CG1 . VAL A 1 25  ? 11.687  -10.162 1.453   1.00 20.16 ? 25  VAL A CG1 1 
ATOM   195  C  CG2 . VAL A 1 25  ? 9.432   -11.263 1.149   1.00 20.99 ? 25  VAL A CG2 1 
ATOM   196  N  N   . THR A 1 26  ? 11.795  -11.011 4.774   1.00 20.13 ? 26  THR A N   1 
ATOM   197  C  CA  . THR A 1 26  ? 12.428  -12.074 5.577   1.00 20.91 ? 26  THR A CA  1 
ATOM   198  C  C   . THR A 1 26  ? 12.101  -11.994 7.067   1.00 21.02 ? 26  THR A C   1 
ATOM   199  O  O   . THR A 1 26  ? 12.528  -12.848 7.848   1.00 21.19 ? 26  THR A O   1 
ATOM   200  C  CB  . THR A 1 26  ? 13.957  -12.148 5.401   1.00 20.98 ? 26  THR A CB  1 
ATOM   201  O  OG1 . THR A 1 26  ? 14.566  -10.932 5.839   1.00 21.28 ? 26  THR A OG1 1 
ATOM   202  C  CG2 . THR A 1 26  ? 14.323  -12.435 3.930   1.00 22.09 ? 26  THR A CG2 1 
ATOM   203  N  N   . GLY A 1 27  ? 11.354  -10.963 7.451   1.00 21.41 ? 27  GLY A N   1 
ATOM   204  C  CA  . GLY A 1 27  ? 10.911  -10.801 8.832   1.00 22.16 ? 27  GLY A CA  1 
ATOM   205  C  C   . GLY A 1 27  ? 12.033  -10.533 9.821   1.00 22.44 ? 27  GLY A C   1 
ATOM   206  O  O   . GLY A 1 27  ? 11.917  -10.905 10.983  1.00 22.95 ? 27  GLY A O   1 
ATOM   207  N  N   . ASP A 1 28  ? 13.109  -9.890  9.365   1.00 22.30 ? 28  ASP A N   1 
ATOM   208  C  CA  . ASP A 1 28  ? 14.263  -9.576  10.220  1.00 22.97 ? 28  ASP A CA  1 
ATOM   209  C  C   . ASP A 1 28  ? 14.189  -8.181  10.862  1.00 22.91 ? 28  ASP A C   1 
ATOM   210  O  O   . ASP A 1 28  ? 15.093  -7.780  11.613  1.00 23.53 ? 28  ASP A O   1 
ATOM   211  C  CB  . ASP A 1 28  ? 15.592  -9.786  9.465   1.00 23.56 ? 28  ASP A CB  1 
ATOM   212  C  CG  . ASP A 1 28  ? 15.833  -8.757  8.354   1.00 24.28 ? 28  ASP A CG  1 
ATOM   213  O  OD1 . ASP A 1 28  ? 14.912  -7.989  7.985   1.00 23.30 ? 28  ASP A OD1 1 
ATOM   214  O  OD2 . ASP A 1 28  ? 16.974  -8.725  7.834   1.00 26.02 ? 28  ASP A OD2 1 
ATOM   215  N  N   . GLY A 1 29  ? 13.105  -7.458  10.578  1.00 21.85 ? 29  GLY A N   1 
ATOM   216  C  CA  . GLY A 1 29  ? 12.870  -6.126  11.132  1.00 21.17 ? 29  GLY A CA  1 
ATOM   217  C  C   . GLY A 1 29  ? 13.524  -4.988  10.369  1.00 20.62 ? 29  GLY A C   1 
ATOM   218  O  O   . GLY A 1 29  ? 13.492  -3.842  10.828  1.00 20.31 ? 29  GLY A O   1 
ATOM   219  N  N   . PHE A 1 30  ? 14.113  -5.305  9.217   1.00 20.15 ? 30  PHE A N   1 
ATOM   220  C  CA  . PHE A 1 30  ? 14.819  -4.314  8.403   1.00 20.04 ? 30  PHE A CA  1 
ATOM   221  C  C   . PHE A 1 30  ? 14.396  -4.391  6.947   1.00 19.07 ? 30  PHE A C   1 
ATOM   222  O  O   . PHE A 1 30  ? 14.034  -5.450  6.451   1.00 17.95 ? 30  PHE A O   1 
ATOM   223  C  CB  . PHE A 1 30  ? 16.337  -4.487  8.527   1.00 20.78 ? 30  PHE A CB  1 
ATOM   224  C  CG  . PHE A 1 30  ? 16.869  -4.099  9.876   1.00 22.31 ? 30  PHE A CG  1 
ATOM   225  C  CD1 . PHE A 1 30  ? 17.344  -2.811  10.104  1.00 24.08 ? 30  PHE A CD1 1 
ATOM   226  C  CD2 . PHE A 1 30  ? 16.864  -5.014  10.929  1.00 25.15 ? 30  PHE A CD2 1 
ATOM   227  C  CE1 . PHE A 1 30  ? 17.825  -2.437  11.356  1.00 26.21 ? 30  PHE A CE1 1 
ATOM   228  C  CE2 . PHE A 1 30  ? 17.338  -4.652  12.199  1.00 27.15 ? 30  PHE A CE2 1 
ATOM   229  C  CZ  . PHE A 1 30  ? 17.821  -3.360  12.410  1.00 25.68 ? 30  PHE A CZ  1 
ATOM   230  N  N   . ILE A 1 31  ? 14.452  -3.249  6.272   1.00 18.74 ? 31  ILE A N   1 
ATOM   231  C  CA  . ILE A 1 31  ? 14.077  -3.180  4.854   1.00 18.65 ? 31  ILE A CA  1 
ATOM   232  C  C   . ILE A 1 31  ? 15.053  -2.313  4.059   1.00 18.80 ? 31  ILE A C   1 
ATOM   233  O  O   . ILE A 1 31  ? 15.788  -1.489  4.620   1.00 19.22 ? 31  ILE A O   1 
ATOM   234  C  CB  . ILE A 1 31  ? 12.634  -2.662  4.654   1.00 18.83 ? 31  ILE A CB  1 
ATOM   235  C  CG1 . ILE A 1 31  ? 12.433  -1.268  5.277   1.00 17.61 ? 31  ILE A CG1 1 
ATOM   236  C  CG2 . ILE A 1 31  ? 11.612  -3.688  5.196   1.00 17.95 ? 31  ILE A CG2 1 
ATOM   237  C  CD1 . ILE A 1 31  ? 11.109  -0.595  4.863   1.00 18.90 ? 31  ILE A CD1 1 
ATOM   238  N  N   . SER A 1 32  ? 15.028  -2.485  2.744   1.00 18.93 ? 32  SER A N   1 
ATOM   239  C  CA  . SER A 1 32  ? 15.923  -1.735  1.873   1.00 19.25 ? 32  SER A CA  1 
ATOM   240  C  C   . SER A 1 32  ? 15.215  -1.386  0.577   1.00 18.95 ? 32  SER A C   1 
ATOM   241  O  O   . SER A 1 32  ? 14.118  -1.905  0.281   1.00 17.50 ? 32  SER A O   1 
ATOM   242  C  CB  . SER A 1 32  ? 17.132  -2.599  1.526   1.00 19.70 ? 32  SER A CB  1 
ATOM   243  O  OG  . SER A 1 32  ? 16.721  -3.646  0.674   1.00 21.82 ? 32  SER A OG  1 
ATOM   244  N  N   . ARG A 1 33  ? 15.888  -0.546  -0.211  1.00 18.05 ? 33  ARG A N   1 
ATOM   245  C  CA  . ARG A 1 33  ? 15.400  -0.130  -1.529  1.00 17.99 ? 33  ARG A CA  1 
ATOM   246  C  C   . ARG A 1 33  ? 15.036  -1.330  -2.380  1.00 17.53 ? 33  ARG A C   1 
ATOM   247  O  O   . ARG A 1 33  ? 13.944  -1.375  -2.963  1.00 16.60 ? 33  ARG A O   1 
ATOM   248  C  CB  . ARG A 1 33  ? 16.486  0.693   -2.208  1.00 17.97 ? 33  ARG A CB  1 
ATOM   249  C  CG  . ARG A 1 33  ? 16.073  1.491   -3.426  1.00 17.74 ? 33  ARG A CG  1 
ATOM   250  C  CD  A ARG A 1 33  ? 17.193  2.429   -3.854  0.65 19.25 ? 33  ARG A CD  1 
ATOM   251  C  CD  B ARG A 1 33  ? 17.118  2.586   -3.628  0.35 18.04 ? 33  ARG A CD  1 
ATOM   252  N  NE  A ARG A 1 33  ? 16.799  3.249   -4.997  0.65 18.11 ? 33  ARG A NE  1 
ATOM   253  N  NE  B ARG A 1 33  ? 16.723  3.585   -4.612  0.35 17.85 ? 33  ARG A NE  1 
ATOM   254  C  CZ  A ARG A 1 33  ? 16.219  4.443   -4.898  0.65 18.67 ? 33  ARG A CZ  1 
ATOM   255  C  CZ  B ARG A 1 33  ? 15.982  4.658   -4.347  0.35 17.62 ? 33  ARG A CZ  1 
ATOM   256  N  NH1 A ARG A 1 33  ? 15.965  4.964   -3.705  0.65 18.27 ? 33  ARG A NH1 1 
ATOM   257  N  NH1 B ARG A 1 33  ? 15.534  4.888   -3.116  0.35 17.89 ? 33  ARG A NH1 1 
ATOM   258  N  NH2 A ARG A 1 33  ? 15.898  5.118   -5.998  0.65 17.27 ? 33  ARG A NH2 1 
ATOM   259  N  NH2 B ARG A 1 33  ? 15.690  5.506   -5.323  0.35 18.38 ? 33  ARG A NH2 1 
ATOM   260  N  N   . GLU A 1 34  ? 15.921  -2.337  -2.455  1.00 18.64 ? 34  GLU A N   1 
ATOM   261  C  CA  . GLU A 1 34  ? 15.608  -3.472  -3.326  1.00 18.87 ? 34  GLU A CA  1 
ATOM   262  C  C   . GLU A 1 34  ? 14.432  -4.311  -2.834  1.00 18.18 ? 34  GLU A C   1 
ATOM   263  O  O   . GLU A 1 34  ? 13.733  -4.892  -3.637  1.00 17.60 ? 34  GLU A O   1 
ATOM   264  C  CB  . GLU A 1 34  ? 16.825  -4.357  -3.640  1.00 20.01 ? 34  GLU A CB  1 
ATOM   265  C  CG  . GLU A 1 34  ? 17.519  -4.945  -2.450  1.00 22.46 ? 34  GLU A CG  1 
ATOM   266  C  CD  . GLU A 1 34  ? 18.716  -4.112  -2.018  1.00 27.90 ? 34  GLU A CD  1 
ATOM   267  O  OE1 . GLU A 1 34  ? 19.806  -4.719  -1.856  1.00 28.53 ? 34  GLU A OE1 1 
ATOM   268  O  OE2 . GLU A 1 34  ? 18.576  -2.866  -1.852  1.00 27.26 ? 34  GLU A OE2 1 
ATOM   269  N  N   . ASP A 1 35  ? 14.222  -4.367  -1.516  1.00 18.28 ? 35  ASP A N   1 
ATOM   270  C  CA  . ASP A 1 35  ? 13.014  -5.004  -0.954  1.00 17.69 ? 35  ASP A CA  1 
ATOM   271  C  C   . ASP A 1 35  ? 11.745  -4.322  -1.496  1.00 16.92 ? 35  ASP A C   1 
ATOM   272  O  O   . ASP A 1 35  ? 10.741  -4.981  -1.805  1.00 16.56 ? 35  ASP A O   1 
ATOM   273  C  CB  . ASP A 1 35  ? 13.015  -4.926  0.579   1.00 18.40 ? 35  ASP A CB  1 
ATOM   274  C  CG  . ASP A 1 35  ? 14.154  -5.726  1.230   1.00 20.23 ? 35  ASP A CG  1 
ATOM   275  O  OD1 . ASP A 1 35  ? 14.628  -6.731  0.659   1.00 21.87 ? 35  ASP A OD1 1 
ATOM   276  O  OD2 . ASP A 1 35  ? 14.554  -5.345  2.354   1.00 23.87 ? 35  ASP A OD2 1 
ATOM   277  N  N   . TYR A 1 36  ? 11.797  -2.998  -1.594  1.00 15.53 ? 36  TYR A N   1 
ATOM   278  C  CA  . TYR A 1 36  ? 10.678  -2.233  -2.137  1.00 15.28 ? 36  TYR A CA  1 
ATOM   279  C  C   . TYR A 1 36  ? 10.487  -2.502  -3.642  1.00 15.29 ? 36  TYR A C   1 
ATOM   280  O  O   . TYR A 1 36  ? 9.369   -2.722  -4.117  1.00 15.15 ? 36  TYR A O   1 
ATOM   281  C  CB  . TYR A 1 36  ? 10.862  -0.745  -1.804  1.00 15.57 ? 36  TYR A CB  1 
ATOM   282  C  CG  . TYR A 1 36  ? 9.554   0.002   -1.610  1.00 14.67 ? 36  TYR A CG  1 
ATOM   283  C  CD1 . TYR A 1 36  ? 8.562   -0.489  -0.737  1.00 16.17 ? 36  TYR A CD1 1 
ATOM   284  C  CD2 . TYR A 1 36  ? 9.320   1.215   -2.272  1.00 16.32 ? 36  TYR A CD2 1 
ATOM   285  C  CE1 . TYR A 1 36  ? 7.355   0.202   -0.562  1.00 16.25 ? 36  TYR A CE1 1 
ATOM   286  C  CE2 . TYR A 1 36  ? 8.129   1.909   -2.095  1.00 15.23 ? 36  TYR A CE2 1 
ATOM   287  C  CZ  . TYR A 1 36  ? 7.151   1.399   -1.249  1.00 15.87 ? 36  TYR A CZ  1 
ATOM   288  O  OH  . TYR A 1 36  ? 5.979   2.115   -1.094  1.00 13.87 ? 36  TYR A OH  1 
ATOM   289  N  N   . GLU A 1 37  ? 11.596  -2.537  -4.384  1.00 15.44 ? 37  GLU A N   1 
ATOM   290  C  CA  . GLU A 1 37  ? 11.576  -2.874  -5.811  1.00 15.93 ? 37  GLU A CA  1 
ATOM   291  C  C   . GLU A 1 37  ? 11.008  -4.264  -6.056  1.00 15.15 ? 37  GLU A C   1 
ATOM   292  O  O   . GLU A 1 37  ? 10.384  -4.499  -7.072  1.00 14.52 ? 37  GLU A O   1 
ATOM   293  C  CB  . GLU A 1 37  ? 12.993  -2.815  -6.394  1.00 17.01 ? 37  GLU A CB  1 
ATOM   294  C  CG  . GLU A 1 37  ? 13.645  -1.437  -6.366  1.00 19.10 ? 37  GLU A CG  1 
ATOM   295  C  CD  . GLU A 1 37  ? 15.010  -1.440  -7.033  1.00 18.95 ? 37  GLU A CD  1 
ATOM   296  O  OE1 . GLU A 1 37  ? 15.038  -1.412  -8.278  1.00 23.10 ? 37  GLU A OE1 1 
ATOM   297  O  OE2 . GLU A 1 37  ? 16.044  -1.468  -6.318  1.00 25.90 ? 37  GLU A OE2 1 
ATOM   298  N  N   . LEU A 1 38  ? 11.224  -5.189  -5.119  1.00 13.87 ? 38  LEU A N   1 
ATOM   299  C  CA  . LEU A 1 38  ? 10.671  -6.529  -5.269  1.00 14.29 ? 38  LEU A CA  1 
ATOM   300  C  C   . LEU A 1 38  ? 9.147   -6.500  -5.399  1.00 14.13 ? 38  LEU A C   1 
ATOM   301  O  O   . LEU A 1 38  ? 8.573   -7.254  -6.177  1.00 14.60 ? 38  LEU A O   1 
ATOM   302  C  CB  . LEU A 1 38  ? 11.080  -7.416  -4.089  1.00 13.98 ? 38  LEU A CB  1 
ATOM   303  C  CG  . LEU A 1 38  ? 10.511  -8.845  -4.044  1.00 14.23 ? 38  LEU A CG  1 
ATOM   304  C  CD1 . LEU A 1 38  ? 10.903  -9.668  -5.264  1.00 15.45 ? 38  LEU A CD1 1 
ATOM   305  C  CD2 . LEU A 1 38  ? 10.962  -9.544  -2.734  1.00 14.72 ? 38  LEU A CD2 1 
ATOM   306  N  N   . ILE A 1 39  ? 8.506   -5.643  -4.608  1.00 14.35 ? 39  ILE A N   1 
ATOM   307  C  CA  . ILE A 1 39  ? 7.052   -5.451  -4.707  1.00 14.21 ? 39  ILE A CA  1 
ATOM   308  C  C   . ILE A 1 39  ? 6.655   -4.992  -6.116  1.00 14.45 ? 39  ILE A C   1 
ATOM   309  O  O   . ILE A 1 39  ? 5.756   -5.568  -6.734  1.00 14.02 ? 39  ILE A O   1 
ATOM   310  C  CB  . ILE A 1 39  ? 6.558   -4.470  -3.631  1.00 14.67 ? 39  ILE A CB  1 
ATOM   311  C  CG1 . ILE A 1 39  ? 6.767   -5.109  -2.261  1.00 15.49 ? 39  ILE A CG1 1 
ATOM   312  C  CG2 . ILE A 1 39  ? 5.066   -4.103  -3.866  1.00 14.14 ? 39  ILE A CG2 1 
ATOM   313  C  CD1 . ILE A 1 39  ? 6.593   -4.177  -1.102  1.00 17.21 ? 39  ILE A CD1 1 
ATOM   314  N  N   . ALA A 1 40  ? 7.361   -3.991  -6.649  1.00 14.79 ? 40  ALA A N   1 
ATOM   315  C  CA  . ALA A 1 40  ? 7.068   -3.524  -8.003  1.00 15.68 ? 40  ALA A CA  1 
ATOM   316  C  C   . ALA A 1 40  ? 7.267   -4.641  -9.048  1.00 16.02 ? 40  ALA A C   1 
ATOM   317  O  O   . ALA A 1 40  ? 6.499   -4.764  -9.999  1.00 15.57 ? 40  ALA A O   1 
ATOM   318  C  CB  . ALA A 1 40  ? 7.908   -2.273  -8.333  1.00 16.40 ? 40  ALA A CB  1 
ATOM   319  N  N   . VAL A 1 41  ? 8.298   -5.466  -8.866  1.00 15.69 ? 41  VAL A N   1 
ATOM   320  C  CA  . VAL A 1 41  ? 8.516   -6.608  -9.766  1.00 15.91 ? 41  VAL A CA  1 
ATOM   321  C  C   . VAL A 1 41  ? 7.366   -7.633  -9.691  1.00 15.38 ? 41  VAL A C   1 
ATOM   322  O  O   . VAL A 1 41  ? 6.914   -8.173  -10.711 1.00 16.35 ? 41  VAL A O   1 
ATOM   323  C  CB  . VAL A 1 41  ? 9.880   -7.293  -9.480  1.00 16.03 ? 41  VAL A CB  1 
ATOM   324  C  CG1 . VAL A 1 41  ? 9.957   -8.668  -10.159 1.00 18.39 ? 41  VAL A CG1 1 
ATOM   325  C  CG2 . VAL A 1 41  ? 11.033  -6.386  -9.937  1.00 17.07 ? 41  VAL A CG2 1 
ATOM   326  N  N   . ARG A 1 42  ? 6.895   -7.908  -8.477  1.00 15.18 ? 42  ARG A N   1 
ATOM   327  C  CA  . ARG A 1 42  ? 5.768   -8.816  -8.321  1.00 15.00 ? 42  ARG A CA  1 
ATOM   328  C  C   . ARG A 1 42  ? 4.506   -8.244  -8.986  1.00 15.33 ? 42  ARG A C   1 
ATOM   329  O  O   . ARG A 1 42  ? 3.726   -8.990  -9.598  1.00 16.22 ? 42  ARG A O   1 
ATOM   330  C  CB  . ARG A 1 42  ? 5.551   -9.129  -6.839  1.00 14.63 ? 42  ARG A CB  1 
ATOM   331  C  CG  . ARG A 1 42  ? 6.679   -10.010 -6.240  1.00 14.02 ? 42  ARG A CG  1 
ATOM   332  C  CD  . ARG A 1 42  ? 6.342   -10.294 -4.782  1.00 14.35 ? 42  ARG A CD  1 
ATOM   333  N  NE  . ARG A 1 42  ? 7.285   -11.223 -4.153  1.00 15.76 ? 42  ARG A NE  1 
ATOM   334  C  CZ  . ARG A 1 42  ? 7.276   -11.478 -2.851  1.00 16.20 ? 42  ARG A CZ  1 
ATOM   335  N  NH1 . ARG A 1 42  ? 6.386   -10.862 -2.082  1.00 14.86 ? 42  ARG A NH1 1 
ATOM   336  N  NH2 . ARG A 1 42  ? 8.153   -12.333 -2.317  1.00 15.91 ? 42  ARG A NH2 1 
ATOM   337  N  N   . ILE A 1 43  ? 4.323   -6.924  -8.859  1.00 15.59 ? 43  ILE A N   1 
ATOM   338  C  CA  . ILE A 1 43  ? 3.175   -6.225  -9.460  1.00 15.71 ? 43  ILE A CA  1 
ATOM   339  C  C   . ILE A 1 43  ? 3.215   -6.389  -10.986 1.00 16.18 ? 43  ILE A C   1 
ATOM   340  O  O   . ILE A 1 43  ? 2.227   -6.783  -11.613 1.00 16.03 ? 43  ILE A O   1 
ATOM   341  C  CB  . ILE A 1 43  ? 3.140   -4.727  -9.046  1.00 15.57 ? 43  ILE A CB  1 
ATOM   342  C  CG1 . ILE A 1 43  ? 2.703   -4.589  -7.586  1.00 15.13 ? 43  ILE A CG1 1 
ATOM   343  C  CG2 . ILE A 1 43  ? 2.184   -3.912  -9.965  1.00 14.19 ? 43  ILE A CG2 1 
ATOM   344  C  CD1 . ILE A 1 43  ? 2.985   -3.227  -6.964  1.00 15.51 ? 43  ILE A CD1 1 
ATOM   345  N  N   . ALA A 1 44  ? 4.380   -6.128  -11.571 1.00 16.81 ? 44  ALA A N   1 
ATOM   346  C  CA  . ALA A 1 44  ? 4.547   -6.219  -13.029 1.00 17.68 ? 44  ALA A CA  1 
ATOM   347  C  C   . ALA A 1 44  ? 4.265   -7.642  -13.545 1.00 18.74 ? 44  ALA A C   1 
ATOM   348  O  O   . ALA A 1 44  ? 3.671   -7.834  -14.616 1.00 19.03 ? 44  ALA A O   1 
ATOM   349  C  CB  . ALA A 1 44  ? 5.957   -5.773  -13.408 1.00 17.95 ? 44  ALA A CB  1 
ATOM   350  N  N   . LYS A 1 45  ? 4.699   -8.639  -12.791 1.00 18.92 ? 45  LYS A N   1 
ATOM   351  C  CA  . LYS A 1 45  ? 4.510   -10.037 -13.193 1.00 19.75 ? 45  LYS A CA  1 
ATOM   352  C  C   . LYS A 1 45  ? 3.033   -10.445 -13.221 1.00 19.47 ? 45  LYS A C   1 
ATOM   353  O  O   . LYS A 1 45  ? 2.553   -10.991 -14.222 1.00 19.59 ? 45  LYS A O   1 
ATOM   354  C  CB  . LYS A 1 45  ? 5.320   -10.967 -12.282 1.00 20.03 ? 45  LYS A CB  1 
ATOM   355  C  CG  . LYS A 1 45  ? 5.325   -12.426 -12.726 1.00 21.28 ? 45  LYS A CG  1 
ATOM   356  C  CD  . LYS A 1 45  ? 6.336   -13.229 -11.886 1.00 21.42 ? 45  LYS A CD  1 
ATOM   357  C  CE  . LYS A 1 45  ? 6.825   -14.481 -12.597 1.00 26.13 ? 45  LYS A CE  1 
ATOM   358  N  NZ  . LYS A 1 45  ? 7.917   -15.109 -11.775 1.00 27.23 ? 45  LYS A NZ  1 
ATOM   359  N  N   . ILE A 1 46  ? 2.302   -10.177 -12.142 1.00 19.08 ? 46  ILE A N   1 
ATOM   360  C  CA  . ILE A 1 46  ? 0.906   -10.613 -12.072 1.00 19.36 ? 46  ILE A CA  1 
ATOM   361  C  C   . ILE A 1 46  ? 0.053   -9.846  -13.101 1.00 19.82 ? 46  ILE A C   1 
ATOM   362  O  O   . ILE A 1 46  ? -0.843  -10.422 -13.711 1.00 20.09 ? 46  ILE A O   1 
ATOM   363  C  CB  . ILE A 1 46  ? 0.319   -10.508 -10.622 1.00 19.41 ? 46  ILE A CB  1 
ATOM   364  C  CG1 . ILE A 1 46  ? -1.090  -11.109 -10.545 1.00 19.67 ? 46  ILE A CG1 1 
ATOM   365  C  CG2 . ILE A 1 46  ? 0.323   -9.065  -10.111 1.00 18.09 ? 46  ILE A CG2 1 
ATOM   366  C  CD1 . ILE A 1 46  ? -1.134  -12.607 -10.716 1.00 18.60 ? 46  ILE A CD1 1 
ATOM   367  N  N   . ALA A 1 47  ? 0.362   -8.569  -13.308 1.00 20.45 ? 47  ALA A N   1 
ATOM   368  C  CA  . ALA A 1 47  ? -0.405  -7.739  -14.260 1.00 21.60 ? 47  ALA A CA  1 
ATOM   369  C  C   . ALA A 1 47  ? 0.030   -7.965  -15.718 1.00 22.65 ? 47  ALA A C   1 
ATOM   370  O  O   . ALA A 1 47  ? -0.615  -7.472  -16.656 1.00 22.91 ? 47  ALA A O   1 
ATOM   371  C  CB  . ALA A 1 47  ? -0.303  -6.270  -13.893 1.00 21.62 ? 47  ALA A CB  1 
ATOM   372  N  N   . LYS A 1 48  ? 1.122   -8.707  -15.896 1.00 23.11 ? 48  LYS A N   1 
ATOM   373  C  CA  . LYS A 1 48  ? 1.736   -8.925  -17.212 1.00 24.39 ? 48  LYS A CA  1 
ATOM   374  C  C   . LYS A 1 48  ? 2.014   -7.586  -17.919 1.00 24.17 ? 48  LYS A C   1 
ATOM   375  O  O   . LYS A 1 48  ? 1.696   -7.412  -19.104 1.00 24.48 ? 48  LYS A O   1 
ATOM   376  C  CB  . LYS A 1 48  ? 0.864   -9.857  -18.077 1.00 24.81 ? 48  LYS A CB  1 
ATOM   377  C  CG  . LYS A 1 48  ? 0.641   -11.256 -17.465 1.00 25.56 ? 48  LYS A CG  1 
ATOM   378  C  CD  . LYS A 1 48  ? 0.189   -12.280 -18.510 1.00 26.19 ? 48  LYS A CD  1 
ATOM   379  N  N   . LEU A 1 49  ? 2.596   -6.644  -17.182 1.00 23.87 ? 49  LEU A N   1 
ATOM   380  C  CA  . LEU A 1 49  ? 2.861   -5.296  -17.697 1.00 24.45 ? 49  LEU A CA  1 
ATOM   381  C  C   . LEU A 1 49  ? 3.907   -5.325  -18.815 1.00 24.88 ? 49  LEU A C   1 
ATOM   382  O  O   . LEU A 1 49  ? 4.837   -6.142  -18.786 1.00 24.75 ? 49  LEU A O   1 
ATOM   383  C  CB  . LEU A 1 49  ? 3.335   -4.345  -16.581 1.00 23.91 ? 49  LEU A CB  1 
ATOM   384  C  CG  . LEU A 1 49  ? 2.373   -4.011  -15.428 1.00 23.77 ? 49  LEU A CG  1 
ATOM   385  C  CD1 . LEU A 1 49  ? 3.012   -3.021  -14.479 1.00 20.89 ? 49  LEU A CD1 1 
ATOM   386  C  CD2 . LEU A 1 49  ? 1.064   -3.451  -15.963 1.00 22.46 ? 49  LEU A CD2 1 
ATOM   387  N  N   . SER A 1 50  ? 3.732   -4.431  -19.789 1.00 25.53 ? 50  SER A N   1 
ATOM   388  C  CA  . SER A 1 50  ? 4.732   -4.183  -20.826 1.00 26.08 ? 50  SER A CA  1 
ATOM   389  C  C   . SER A 1 50  ? 6.005   -3.676  -20.165 1.00 26.70 ? 50  SER A C   1 
ATOM   390  O  O   . SER A 1 50  ? 5.956   -3.205  -19.023 1.00 26.30 ? 50  SER A O   1 
ATOM   391  C  CB  . SER A 1 50  ? 4.218   -3.122  -21.801 1.00 26.06 ? 50  SER A CB  1 
ATOM   392  O  OG  . SER A 1 50  ? 4.064   -1.857  -21.152 1.00 26.17 ? 50  SER A OG  1 
ATOM   393  N  N   . ALA A 1 51  ? 7.134   -3.739  -20.879 1.00 26.96 ? 51  ALA A N   1 
ATOM   394  C  CA  . ALA A 1 51  ? 8.403   -3.248  -20.335 1.00 27.28 ? 51  ALA A CA  1 
ATOM   395  C  C   . ALA A 1 51  ? 8.278   -1.797  -19.880 1.00 27.71 ? 51  ALA A C   1 
ATOM   396  O  O   . ALA A 1 51  ? 8.777   -1.429  -18.814 1.00 27.48 ? 51  ALA A O   1 
ATOM   397  C  CB  . ALA A 1 51  ? 9.540   -3.404  -21.351 1.00 27.32 ? 51  ALA A CB  1 
ATOM   398  N  N   . GLU A 1 52  ? 7.586   -0.988  -20.680 1.00 27.61 ? 52  GLU A N   1 
ATOM   399  C  CA  . GLU A 1 52  ? 7.383   0.421   -20.373 1.00 28.32 ? 52  GLU A CA  1 
ATOM   400  C  C   . GLU A 1 52  ? 6.554   0.645   -19.099 1.00 26.60 ? 52  GLU A C   1 
ATOM   401  O  O   . GLU A 1 52  ? 6.940   1.453   -18.254 1.00 26.02 ? 52  GLU A O   1 
ATOM   402  C  CB  . GLU A 1 52  ? 6.734   1.128   -21.569 1.00 28.47 ? 52  GLU A CB  1 
ATOM   403  C  CG  . GLU A 1 52  ? 6.490   2.597   -21.374 1.00 31.33 ? 52  GLU A CG  1 
ATOM   404  C  CD  . GLU A 1 52  ? 5.699   3.209   -22.520 1.00 31.97 ? 52  GLU A CD  1 
ATOM   405  O  OE1 . GLU A 1 52  ? 5.740   2.659   -23.651 1.00 37.15 ? 52  GLU A OE1 1 
ATOM   406  O  OE2 . GLU A 1 52  ? 5.044   4.245   -22.285 1.00 37.20 ? 52  GLU A OE2 1 
ATOM   407  N  N   . LYS A 1 53  ? 5.418   -0.048  -18.986 1.00 25.52 ? 53  LYS A N   1 
ATOM   408  C  CA  . LYS A 1 53  ? 4.555   0.056   -17.796 1.00 24.73 ? 53  LYS A CA  1 
ATOM   409  C  C   . LYS A 1 53  ? 5.237   -0.516  -16.557 1.00 23.79 ? 53  LYS A C   1 
ATOM   410  O  O   . LYS A 1 53  ? 5.139   0.056   -15.469 1.00 23.09 ? 53  LYS A O   1 
ATOM   411  C  CB  . LYS A 1 53  ? 3.199   -0.618  -18.024 1.00 25.25 ? 53  LYS A CB  1 
ATOM   412  C  CG  . LYS A 1 53  ? 2.228   0.213   -18.876 1.00 26.17 ? 53  LYS A CG  1 
ATOM   413  C  CD  . LYS A 1 53  ? 1.953   1.585   -18.240 1.00 28.26 ? 53  LYS A CD  1 
ATOM   414  C  CE  . LYS A 1 53  ? 0.964   2.418   -19.058 1.00 29.39 ? 53  LYS A CE  1 
ATOM   415  N  NZ  . LYS A 1 53  ? 0.673   3.728   -18.395 1.00 31.66 ? 53  LYS A NZ  1 
ATOM   416  N  N   . ALA A 1 54  ? 5.945   -1.628  -16.730 1.00 22.67 ? 54  ALA A N   1 
ATOM   417  C  CA  . ALA A 1 54  ? 6.712   -2.210  -15.625 1.00 22.21 ? 54  ALA A CA  1 
ATOM   418  C  C   . ALA A 1 54  ? 7.749   -1.213  -15.093 1.00 21.74 ? 54  ALA A C   1 
ATOM   419  O  O   . ALA A 1 54  ? 7.903   -1.069  -13.874 1.00 21.16 ? 54  ALA A O   1 
ATOM   420  C  CB  . ALA A 1 54  ? 7.368   -3.531  -16.051 1.00 21.82 ? 54  ALA A CB  1 
ATOM   421  N  N   . GLU A 1 55  ? 8.436   -0.496  -15.993 1.00 21.31 ? 55  GLU A N   1 
ATOM   422  C  CA  . GLU A 1 55  ? 9.441   0.472   -15.560 1.00 21.13 ? 55  GLU A CA  1 
ATOM   423  C  C   . GLU A 1 55  ? 8.794   1.688   -14.884 1.00 20.34 ? 55  GLU A C   1 
ATOM   424  O  O   . GLU A 1 55  ? 9.335   2.210   -13.915 1.00 20.37 ? 55  GLU A O   1 
ATOM   425  C  CB  . GLU A 1 55  ? 10.368  0.902   -16.716 1.00 21.59 ? 55  GLU A CB  1 
ATOM   426  C  CG  . GLU A 1 55  ? 11.474  1.914   -16.325 1.00 23.12 ? 55  GLU A CG  1 
ATOM   427  C  CD  . GLU A 1 55  ? 12.507  1.376   -15.314 1.00 25.15 ? 55  GLU A CD  1 
ATOM   428  O  OE1 . GLU A 1 55  ? 12.468  0.173   -14.941 1.00 27.11 ? 55  GLU A OE1 1 
ATOM   429  O  OE2 . GLU A 1 55  ? 13.374  2.170   -14.890 1.00 26.74 ? 55  GLU A OE2 1 
ATOM   430  N  N   . GLU A 1 56  ? 7.647   2.139   -15.397 1.00 19.48 ? 56  GLU A N   1 
ATOM   431  C  CA  . GLU A 1 56  ? 6.924   3.243   -14.765 1.00 19.91 ? 56  GLU A CA  1 
ATOM   432  C  C   . GLU A 1 56  ? 6.543   2.858   -13.319 1.00 18.09 ? 56  GLU A C   1 
ATOM   433  O  O   . GLU A 1 56  ? 6.678   3.663   -12.392 1.00 17.77 ? 56  GLU A O   1 
ATOM   434  C  CB  . GLU A 1 56  ? 5.674   3.581   -15.578 1.00 19.92 ? 56  GLU A CB  1 
ATOM   435  C  CG  . GLU A 1 56  ? 5.967   4.298   -16.888 1.00 22.94 ? 56  GLU A CG  1 
ATOM   436  C  CD  . GLU A 1 56  ? 4.740   4.422   -17.783 1.00 24.89 ? 56  GLU A CD  1 
ATOM   437  O  OE1 . GLU A 1 56  ? 3.597   4.419   -17.262 1.00 30.38 ? 56  GLU A OE1 1 
ATOM   438  O  OE2 . GLU A 1 56  ? 4.917   4.529   -19.026 1.00 32.27 ? 56  GLU A OE2 1 
ATOM   439  N  N   . THR A 1 57  ? 6.105   1.618   -13.148 1.00 17.40 ? 57  THR A N   1 
ATOM   440  C  CA  . THR A 1 57  ? 5.765   1.084   -11.813 1.00 17.40 ? 57  THR A CA  1 
ATOM   441  C  C   . THR A 1 57  ? 7.007   1.072   -10.918 1.00 16.74 ? 57  THR A C   1 
ATOM   442  O  O   . THR A 1 57  ? 6.974   1.592   -9.794  1.00 15.58 ? 57  THR A O   1 
ATOM   443  C  CB  . THR A 1 57  ? 5.145   -0.326  -11.896 1.00 17.10 ? 57  THR A CB  1 
ATOM   444  O  OG1 . THR A 1 57  ? 4.015   -0.292  -12.783 1.00 19.44 ? 57  THR A OG1 1 
ATOM   445  C  CG2 . THR A 1 57  ? 4.697   -0.829  -10.504 1.00 17.85 ? 57  THR A CG2 1 
ATOM   446  N  N   . ARG A 1 58  ? 8.115   0.527   -11.425 1.00 15.90 ? 58  ARG A N   1 
ATOM   447  C  CA  . ARG A 1 58  ? 9.383   0.582   -10.673 1.00 16.47 ? 58  ARG A CA  1 
ATOM   448  C  C   . ARG A 1 58  ? 9.796   2.020   -10.297 1.00 16.30 ? 58  ARG A C   1 
ATOM   449  O  O   . ARG A 1 58  ? 10.178  2.287   -9.161  1.00 15.25 ? 58  ARG A O   1 
ATOM   450  C  CB  A ARG A 1 58  ? 10.502  -0.140  -11.444 0.65 16.62 ? 58  ARG A CB  1 
ATOM   451  C  CB  B ARG A 1 58  ? 10.532  -0.071  -11.456 0.35 16.59 ? 58  ARG A CB  1 
ATOM   452  C  CG  A ARG A 1 58  ? 11.622  -0.689  -10.542 0.65 17.46 ? 58  ARG A CG  1 
ATOM   453  C  CG  B ARG A 1 58  ? 11.907  0.154   -10.799 0.35 17.71 ? 58  ARG A CG  1 
ATOM   454  C  CD  A ARG A 1 58  ? 12.782  -1.303  -11.355 0.65 17.03 ? 58  ARG A CD  1 
ATOM   455  C  CD  B ARG A 1 58  ? 13.066  -0.285  -11.692 0.35 18.03 ? 58  ARG A CD  1 
ATOM   456  N  NE  A ARG A 1 58  ? 13.401  -0.324  -12.262 0.65 18.37 ? 58  ARG A NE  1 
ATOM   457  N  NE  B ARG A 1 58  ? 14.339  -0.299  -10.969 0.35 21.39 ? 58  ARG A NE  1 
ATOM   458  C  CZ  A ARG A 1 58  ? 14.496  0.381   -11.989 0.65 18.05 ? 58  ARG A CZ  1 
ATOM   459  C  CZ  B ARG A 1 58  ? 15.366  0.512   -11.220 0.35 22.20 ? 58  ARG A CZ  1 
ATOM   460  N  NH1 A ARG A 1 58  ? 15.140  0.218   -10.828 0.65 19.90 ? 58  ARG A NH1 1 
ATOM   461  N  NH1 B ARG A 1 58  ? 15.299  1.414   -12.195 0.35 22.45 ? 58  ARG A NH1 1 
ATOM   462  N  NH2 A ARG A 1 58  ? 14.959  1.251   -12.883 0.65 20.13 ? 58  ARG A NH2 1 
ATOM   463  N  NH2 B ARG A 1 58  ? 16.474  0.413   -10.500 0.35 22.65 ? 58  ARG A NH2 1 
ATOM   464  N  N   . GLN A 1 59  ? 9.726   2.947   -11.254 1.00 16.02 ? 59  GLN A N   1 
ATOM   465  C  CA  . GLN A 1 59  ? 10.124  4.318   -11.002 1.00 16.52 ? 59  GLN A CA  1 
ATOM   466  C  C   . GLN A 1 59  ? 9.256   4.979   -9.922  1.00 15.76 ? 59  GLN A C   1 
ATOM   467  O  O   . GLN A 1 59  ? 9.765   5.740   -9.101  1.00 15.72 ? 59  GLN A O   1 
ATOM   468  C  CB  . GLN A 1 59  ? 10.105  5.123   -12.306 1.00 17.56 ? 59  GLN A CB  1 
ATOM   469  C  CG  . GLN A 1 59  ? 11.277  4.766   -13.231 1.00 19.88 ? 59  GLN A CG  1 
ATOM   470  C  CD  . GLN A 1 59  ? 12.641  5.074   -12.617 1.00 23.43 ? 59  GLN A CD  1 
ATOM   471  O  OE1 . GLN A 1 59  ? 12.811  6.072   -11.914 1.00 26.28 ? 59  GLN A OE1 1 
ATOM   472  N  NE2 . GLN A 1 59  ? 13.621  4.206   -12.878 1.00 22.71 ? 59  GLN A NE2 1 
ATOM   473  N  N   . GLU A 1 60  ? 7.966   4.646   -9.905  1.00 15.51 ? 60  GLU A N   1 
ATOM   474  C  CA  . GLU A 1 60  ? 7.085   5.242   -8.893  1.00 15.82 ? 60  GLU A CA  1 
ATOM   475  C  C   . GLU A 1 60  ? 7.456   4.682   -7.527  1.00 15.43 ? 60  GLU A C   1 
ATOM   476  O  O   . GLU A 1 60  ? 7.563   5.437   -6.549  1.00 15.64 ? 60  GLU A O   1 
ATOM   477  C  CB  . GLU A 1 60  ? 5.597   5.037   -9.212  1.00 16.17 ? 60  GLU A CB  1 
ATOM   478  C  CG  . GLU A 1 60  ? 4.637   5.693   -8.182  1.00 17.42 ? 60  GLU A CG  1 
ATOM   479  C  CD  . GLU A 1 60  ? 4.789   7.229   -8.020  1.00 21.21 ? 60  GLU A CD  1 
ATOM   480  O  OE1 . GLU A 1 60  ? 5.515   7.921   -8.793  1.00 21.61 ? 60  GLU A OE1 1 
ATOM   481  O  OE2 . GLU A 1 60  ? 4.168   7.767   -7.077  1.00 22.60 ? 60  GLU A OE2 1 
ATOM   482  N  N   . PHE A 1 61  ? 7.697   3.374   -7.460  1.00 15.39 ? 61  PHE A N   1 
ATOM   483  C  CA  . PHE A 1 61  ? 8.191   2.794   -6.207  1.00 15.44 ? 61  PHE A CA  1 
ATOM   484  C  C   . PHE A 1 61  ? 9.512   3.400   -5.733  1.00 15.54 ? 61  PHE A C   1 
ATOM   485  O  O   . PHE A 1 61  ? 9.704   3.623   -4.542  1.00 15.80 ? 61  PHE A O   1 
ATOM   486  C  CB  . PHE A 1 61  ? 8.263   1.265   -6.279  1.00 15.78 ? 61  PHE A CB  1 
ATOM   487  C  CG  . PHE A 1 61  ? 6.958   0.595   -5.932  1.00 15.84 ? 61  PHE A CG  1 
ATOM   488  C  CD1 . PHE A 1 61  ? 5.863   0.699   -6.787  1.00 17.03 ? 61  PHE A CD1 1 
ATOM   489  C  CD2 . PHE A 1 61  ? 6.825   -0.109  -4.736  1.00 17.40 ? 61  PHE A CD2 1 
ATOM   490  C  CE1 . PHE A 1 61  ? 4.620   0.090   -6.453  1.00 15.44 ? 61  PHE A CE1 1 
ATOM   491  C  CE2 . PHE A 1 61  ? 5.608   -0.706  -4.388  1.00 16.52 ? 61  PHE A CE2 1 
ATOM   492  C  CZ  . PHE A 1 61  ? 4.505   -0.616  -5.254  1.00 16.68 ? 61  PHE A CZ  1 
ATOM   493  N  N   . LEU A 1 62  ? 10.425  3.685   -6.665  1.00 15.29 ? 62  LEU A N   1 
ATOM   494  C  CA  . LEU A 1 62  ? 11.685  4.311   -6.283  1.00 15.88 ? 62  LEU A CA  1 
ATOM   495  C  C   . LEU A 1 62  ? 11.464  5.719   -5.757  1.00 15.65 ? 62  LEU A C   1 
ATOM   496  O  O   . LEU A 1 62  ? 12.119  6.139   -4.811  1.00 15.98 ? 62  LEU A O   1 
ATOM   497  C  CB  . LEU A 1 62  ? 12.665  4.332   -7.464  1.00 15.87 ? 62  LEU A CB  1 
ATOM   498  C  CG  . LEU A 1 62  ? 13.205  2.974   -7.910  1.00 18.57 ? 62  LEU A CG  1 
ATOM   499  C  CD1 . LEU A 1 62  ? 14.022  3.187   -9.190  1.00 20.71 ? 62  LEU A CD1 1 
ATOM   500  C  CD2 . LEU A 1 62  ? 14.032  2.279   -6.830  1.00 21.27 ? 62  LEU A CD2 1 
ATOM   501  N  N   . ARG A 1 63  ? 10.529  6.447   -6.366  1.00 15.25 ? 63  ARG A N   1 
ATOM   502  C  CA  . ARG A 1 63  ? 10.211  7.806   -5.935  1.00 15.19 ? 63  ARG A CA  1 
ATOM   503  C  C   . ARG A 1 63  ? 9.722   7.819   -4.480  1.00 14.69 ? 63  ARG A C   1 
ATOM   504  O  O   . ARG A 1 63  ? 10.159  8.638   -3.657  1.00 14.82 ? 63  ARG A O   1 
ATOM   505  C  CB  . ARG A 1 63  ? 9.165   8.423   -6.872  1.00 15.07 ? 63  ARG A CB  1 
ATOM   506  C  CG  . ARG A 1 63  ? 9.007   9.954   -6.661  1.00 14.85 ? 63  ARG A CG  1 
ATOM   507  C  CD  . ARG A 1 63  ? 7.925   10.508  -7.608  1.00 16.27 ? 63  ARG A CD  1 
ATOM   508  N  NE  . ARG A 1 63  ? 6.582   10.112  -7.184  1.00 17.70 ? 63  ARG A NE  1 
ATOM   509  C  CZ  . ARG A 1 63  ? 5.889   10.722  -6.224  1.00 19.99 ? 63  ARG A CZ  1 
ATOM   510  N  NH1 . ARG A 1 63  ? 6.404   11.765  -5.579  1.00 20.77 ? 63  ARG A NH1 1 
ATOM   511  N  NH2 . ARG A 1 63  ? 4.686   10.275  -5.897  1.00 18.81 ? 63  ARG A NH2 1 
ATOM   512  N  N   . VAL A 1 64  ? 8.810   6.900   -4.177  1.00 14.82 ? 64  VAL A N   1 
ATOM   513  C  CA  . VAL A 1 64  ? 8.304   6.700   -2.816  1.00 15.00 ? 64  VAL A CA  1 
ATOM   514  C  C   . VAL A 1 64  ? 9.421   6.173   -1.895  1.00 14.78 ? 64  VAL A C   1 
ATOM   515  O  O   . VAL A 1 64  ? 9.553   6.651   -0.775  1.00 15.59 ? 64  VAL A O   1 
ATOM   516  C  CB  . VAL A 1 64  ? 7.028   5.825   -2.819  1.00 15.66 ? 64  VAL A CB  1 
ATOM   517  C  CG1 . VAL A 1 64  ? 6.522   5.558   -1.399  1.00 15.93 ? 64  VAL A CG1 1 
ATOM   518  C  CG2 . VAL A 1 64  ? 5.934   6.521   -3.638  1.00 15.17 ? 64  VAL A CG2 1 
ATOM   519  N  N   . ALA A 1 65  ? 10.258  5.256   -2.384  1.00 15.33 ? 65  ALA A N   1 
ATOM   520  C  CA  . ALA A 1 65  ? 11.406  4.760   -1.580  1.00 16.16 ? 65  ALA A CA  1 
ATOM   521  C  C   . ALA A 1 65  ? 12.270  5.912   -1.067  1.00 16.86 ? 65  ALA A C   1 
ATOM   522  O  O   . ALA A 1 65  ? 12.725  5.910   0.086   1.00 15.74 ? 65  ALA A O   1 
ATOM   523  C  CB  . ALA A 1 65  ? 12.244  3.763   -2.380  1.00 16.31 ? 65  ALA A CB  1 
ATOM   524  N  N   . ASP A 1 66  ? 12.478  6.914   -1.914  1.00 17.69 ? 66  ASP A N   1 
ATOM   525  C  CA  . ASP A 1 66  ? 13.238  8.103   -1.504  1.00 19.62 ? 66  ASP A CA  1 
ATOM   526  C  C   . ASP A 1 66  ? 12.600  8.796   -0.306  1.00 19.89 ? 66  ASP A C   1 
ATOM   527  O  O   . ASP A 1 66  ? 13.278  9.174   0.656   1.00 20.38 ? 66  ASP A O   1 
ATOM   528  C  CB  . ASP A 1 66  ? 13.393  9.089   -2.663  1.00 20.05 ? 66  ASP A CB  1 
ATOM   529  C  CG  . ASP A 1 66  ? 14.304  8.569   -3.780  1.00 22.78 ? 66  ASP A CG  1 
ATOM   530  O  OD1 . ASP A 1 66  ? 15.078  7.605   -3.573  1.00 24.56 ? 66  ASP A OD1 1 
ATOM   531  O  OD2 . ASP A 1 66  ? 14.219  9.122   -4.900  1.00 26.53 ? 66  ASP A OD2 1 
ATOM   532  N  N   . GLN A 1 67  ? 11.281  8.946   -0.348  1.00 19.68 ? 67  GLN A N   1 
ATOM   533  C  CA  . GLN A 1 67  ? 10.551  9.541   0.767   1.00 20.09 ? 67  GLN A CA  1 
ATOM   534  C  C   . GLN A 1 67  ? 10.636  8.690   2.042   1.00 20.25 ? 67  GLN A C   1 
ATOM   535  O  O   . GLN A 1 67  ? 10.653  9.227   3.161   1.00 20.87 ? 67  GLN A O   1 
ATOM   536  C  CB  . GLN A 1 67  ? 9.092   9.738   0.371   1.00 19.79 ? 67  GLN A CB  1 
ATOM   537  C  CG  . GLN A 1 67  ? 8.916   10.557  -0.928  1.00 20.02 ? 67  GLN A CG  1 
ATOM   538  C  CD  . GLN A 1 67  ? 7.450   10.758  -1.317  1.00 21.34 ? 67  GLN A CD  1 
ATOM   539  O  OE1 . GLN A 1 67  ? 7.098   11.712  -2.027  1.00 23.87 ? 67  GLN A OE1 1 
ATOM   540  N  NE2 . GLN A 1 67  ? 6.593   9.860   -0.862  1.00 18.18 ? 67  GLN A NE2 1 
ATOM   541  N  N   . LEU A 1 68  ? 10.672  7.370   1.866   1.00 20.07 ? 68  LEU A N   1 
ATOM   542  C  CA  . LEU A 1 68  ? 10.702  6.442   2.995   1.00 19.61 ? 68  LEU A CA  1 
ATOM   543  C  C   . LEU A 1 68  ? 12.093  6.349   3.629   1.00 20.26 ? 68  LEU A C   1 
ATOM   544  O  O   . LEU A 1 68  ? 12.262  5.723   4.669   1.00 19.52 ? 68  LEU A O   1 
ATOM   545  C  CB  . LEU A 1 68  ? 10.204  5.058   2.573   1.00 19.40 ? 68  LEU A CB  1 
ATOM   546  C  CG  . LEU A 1 68  ? 8.747   5.050   2.083   1.00 17.93 ? 68  LEU A CG  1 
ATOM   547  C  CD1 . LEU A 1 68  ? 8.360   3.670   1.536   1.00 17.20 ? 68  LEU A CD1 1 
ATOM   548  C  CD2 . LEU A 1 68  ? 7.802   5.512   3.203   1.00 17.97 ? 68  LEU A CD2 1 
ATOM   549  N  N   . GLY A 1 69  ? 13.074  6.996   3.006   1.00 21.02 ? 69  GLY A N   1 
ATOM   550  C  CA  . GLY A 1 69  ? 14.456  6.904   3.475   1.00 20.99 ? 69  GLY A CA  1 
ATOM   551  C  C   . GLY A 1 69  ? 15.152  5.635   3.019   1.00 21.29 ? 69  GLY A C   1 
ATOM   552  O  O   . GLY A 1 69  ? 16.194  5.250   3.580   1.00 21.43 ? 69  GLY A O   1 
ATOM   553  N  N   . LEU A 1 70  ? 14.587  4.975   2.007   1.00 20.96 ? 70  LEU A N   1 
ATOM   554  C  CA  . LEU A 1 70  ? 15.174  3.751   1.470   1.00 21.63 ? 70  LEU A CA  1 
ATOM   555  C  C   . LEU A 1 70  ? 16.166  4.103   0.365   1.00 22.76 ? 70  LEU A C   1 
ATOM   556  O  O   . LEU A 1 70  ? 15.971  3.753   -0.802  1.00 22.37 ? 70  LEU A O   1 
ATOM   557  C  CB  . LEU A 1 70  ? 14.099  2.789   0.965   1.00 21.22 ? 70  LEU A CB  1 
ATOM   558  C  CG  . LEU A 1 70  ? 13.082  2.329   2.006   1.00 20.71 ? 70  LEU A CG  1 
ATOM   559  C  CD1 . LEU A 1 70  ? 12.135  1.335   1.337   1.00 20.34 ? 70  LEU A CD1 1 
ATOM   560  C  CD2 . LEU A 1 70  ? 13.799  1.696   3.203   1.00 21.07 ? 70  LEU A CD2 1 
ATOM   561  N  N   . ALA A 1 71  ? 17.215  4.815   0.771   1.00 24.48 ? 71  ALA A N   1 
ATOM   562  C  CA  . ALA A 1 71  ? 18.281  5.266   -0.120  1.00 26.17 ? 71  ALA A CA  1 
ATOM   563  C  C   . ALA A 1 71  ? 19.101  4.079   -0.616  1.00 27.29 ? 71  ALA A C   1 
ATOM   564  O  O   . ALA A 1 71  ? 19.143  3.039   0.040   1.00 26.76 ? 71  ALA A O   1 
ATOM   565  C  CB  . ALA A 1 71  ? 19.173  6.284   0.602   1.00 26.62 ? 71  ALA A CB  1 
ATOM   566  N  N   . PRO A 1 72  ? 19.731  4.209   -1.807  1.00 28.61 ? 72  PRO A N   1 
ATOM   567  C  CA  . PRO A 1 72  ? 20.588  3.116   -2.275  1.00 29.34 ? 72  PRO A CA  1 
ATOM   568  C  C   . PRO A 1 72  ? 21.614  2.711   -1.211  1.00 29.96 ? 72  PRO A C   1 
ATOM   569  O  O   . PRO A 1 72  ? 22.206  3.570   -0.548  1.00 30.26 ? 72  PRO A O   1 
ATOM   570  C  CB  . PRO A 1 72  ? 21.293  3.718   -3.500  1.00 29.82 ? 72  PRO A CB  1 
ATOM   571  C  CG  . PRO A 1 72  ? 20.357  4.758   -3.987  1.00 29.26 ? 72  PRO A CG  1 
ATOM   572  C  CD  . PRO A 1 72  ? 19.675  5.326   -2.772  1.00 28.63 ? 72  PRO A CD  1 
ATOM   573  N  N   . GLY A 1 73  ? 21.759  1.407   -1.015  1.00 30.45 ? 73  GLY A N   1 
ATOM   574  C  CA  . GLY A 1 73  ? 22.776  0.876   -0.117  1.00 31.10 ? 73  GLY A CA  1 
ATOM   575  C  C   . GLY A 1 73  ? 22.448  0.816   1.362   1.00 31.42 ? 73  GLY A C   1 
ATOM   576  O  O   . GLY A 1 73  ? 23.148  0.121   2.111   1.00 32.21 ? 73  GLY A O   1 
ATOM   577  N  N   . VAL A 1 74  ? 21.410  1.535   1.800   1.00 30.58 ? 74  VAL A N   1 
ATOM   578  C  CA  . VAL A 1 74  ? 21.069  1.559   3.226   1.00 30.17 ? 74  VAL A CA  1 
ATOM   579  C  C   . VAL A 1 74  ? 20.068  0.460   3.581   1.00 29.62 ? 74  VAL A C   1 
ATOM   580  O  O   . VAL A 1 74  ? 19.345  -0.064  2.722   1.00 29.17 ? 74  VAL A O   1 
ATOM   581  C  CB  . VAL A 1 74  ? 20.585  2.954   3.749   1.00 30.58 ? 74  VAL A CB  1 
ATOM   582  C  CG1 . VAL A 1 74  ? 21.488  4.081   3.250   1.00 31.50 ? 74  VAL A CG1 1 
ATOM   583  C  CG2 . VAL A 1 74  ? 19.125  3.222   3.382   1.00 31.00 ? 74  VAL A CG2 1 
ATOM   584  N  N   . ARG A 1 75  ? 20.067  0.110   4.859   1.00 28.46 ? 75  ARG A N   1 
ATOM   585  C  CA  . ARG A 1 75  ? 19.170  -0.873  5.409   1.00 27.90 ? 75  ARG A CA  1 
ATOM   586  C  C   . ARG A 1 75  ? 18.683  -0.179  6.660   1.00 26.67 ? 75  ARG A C   1 
ATOM   587  O  O   . ARG A 1 75  ? 19.498  0.223   7.491   1.00 26.98 ? 75  ARG A O   1 
ATOM   588  C  CB  . ARG A 1 75  ? 19.979  -2.132  5.733   1.00 28.71 ? 75  ARG A CB  1 
ATOM   589  C  CG  . ARG A 1 75  ? 19.268  -3.194  6.516   1.00 30.90 ? 75  ARG A CG  1 
ATOM   590  C  CD  . ARG A 1 75  ? 20.124  -4.445  6.573   1.00 34.21 ? 75  ARG A CD  1 
ATOM   591  N  NE  . ARG A 1 75  ? 19.478  -5.511  7.333   1.00 37.85 ? 75  ARG A NE  1 
ATOM   592  C  CZ  . ARG A 1 75  ? 19.682  -5.741  8.629   1.00 39.84 ? 75  ARG A CZ  1 
ATOM   593  N  NH1 . ARG A 1 75  ? 20.528  -4.981  9.320   1.00 40.43 ? 75  ARG A NH1 1 
ATOM   594  N  NH2 . ARG A 1 75  ? 19.041  -6.738  9.233   1.00 40.96 ? 75  ARG A NH2 1 
ATOM   595  N  N   . ILE A 1 76  ? 17.374  0.047   6.769   1.00 24.36 ? 76  ILE A N   1 
ATOM   596  C  CA  . ILE A 1 76  ? 16.815  0.724   7.941   1.00 22.75 ? 76  ILE A CA  1 
ATOM   597  C  C   . ILE A 1 76  ? 15.731  -0.139  8.569   1.00 21.90 ? 76  ILE A C   1 
ATOM   598  O  O   . ILE A 1 76  ? 15.184  -1.025  7.906   1.00 20.84 ? 76  ILE A O   1 
ATOM   599  C  CB  . ILE A 1 76  ? 16.291  2.162   7.634   1.00 23.36 ? 76  ILE A CB  1 
ATOM   600  C  CG1 . ILE A 1 76  ? 15.124  2.140   6.648   1.00 22.34 ? 76  ILE A CG1 1 
ATOM   601  C  CG2 . ILE A 1 76  ? 17.427  3.062   7.086   1.00 22.98 ? 76  ILE A CG2 1 
ATOM   602  C  CD1 . ILE A 1 76  ? 14.464  3.544   6.474   1.00 22.68 ? 76  ILE A CD1 1 
ATOM   603  N  N   . SER A 1 77  ? 15.453  0.097   9.850   1.00 20.50 ? 77  SER A N   1 
ATOM   604  C  CA  . SER A 1 77  ? 14.415  -0.652  10.562  1.00 19.87 ? 77  SER A CA  1 
ATOM   605  C  C   . SER A 1 77  ? 13.026  -0.364  10.005  1.00 19.59 ? 77  SER A C   1 
ATOM   606  O  O   . SER A 1 77  ? 12.779  0.704   9.445   1.00 18.15 ? 77  SER A O   1 
ATOM   607  C  CB  . SER A 1 77  ? 14.425  -0.328  12.054  1.00 19.72 ? 77  SER A CB  1 
ATOM   608  O  OG  . SER A 1 77  ? 13.973  0.991   12.318  1.00 19.67 ? 77  SER A OG  1 
ATOM   609  N  N   . VAL A 1 78  ? 12.111  -1.307  10.187  1.00 19.36 ? 78  VAL A N   1 
ATOM   610  C  CA  . VAL A 1 78  ? 10.722  -1.038  9.815   1.00 19.60 ? 78  VAL A CA  1 
ATOM   611  C  C   . VAL A 1 78  ? 10.114  0.155   10.567  1.00 19.69 ? 78  VAL A C   1 
ATOM   612  O  O   . VAL A 1 78  ? 9.346   0.908   9.982   1.00 19.76 ? 78  VAL A O   1 
ATOM   613  C  CB  . VAL A 1 78  ? 9.817   -2.296  9.907   1.00 19.10 ? 78  VAL A CB  1 
ATOM   614  C  CG1 . VAL A 1 78  ? 10.343  -3.379  8.956   1.00 18.96 ? 78  VAL A CG1 1 
ATOM   615  C  CG2 . VAL A 1 78  ? 9.717   -2.805  11.357  1.00 21.88 ? 78  VAL A CG2 1 
ATOM   616  N  N   . GLU A 1 79  ? 10.474  0.363   11.839  1.00 20.58 ? 79  GLU A N   1 
ATOM   617  C  CA  . GLU A 1 79  ? 9.909   1.524   12.547  1.00 20.96 ? 79  GLU A CA  1 
ATOM   618  C  C   . GLU A 1 79  ? 10.531  2.851   12.091  1.00 19.90 ? 79  GLU A C   1 
ATOM   619  O  O   . GLU A 1 79  ? 9.823   3.866   12.050  1.00 19.75 ? 79  GLU A O   1 
ATOM   620  C  CB  . GLU A 1 79  ? 9.857   1.360   14.089  1.00 22.05 ? 79  GLU A CB  1 
ATOM   621  C  CG  . GLU A 1 79  ? 9.292   2.582   14.908  1.00 23.63 ? 79  GLU A CG  1 
ATOM   622  C  CD  . GLU A 1 79  ? 7.805   2.986   14.651  1.00 31.21 ? 79  GLU A CD  1 
ATOM   623  O  OE1 . GLU A 1 79  ? 7.383   4.045   15.184  1.00 32.42 ? 79  GLU A OE1 1 
ATOM   624  O  OE2 . GLU A 1 79  ? 7.039   2.276   13.956  1.00 32.59 ? 79  GLU A OE2 1 
ATOM   625  N  N   . GLU A 1 80  ? 11.815  2.847   11.717  1.00 19.80 ? 80  GLU A N   1 
ATOM   626  C  CA  . GLU A 1 80  ? 12.430  4.062   11.159  1.00 19.60 ? 80  GLU A CA  1 
ATOM   627  C  C   . GLU A 1 80  ? 11.756  4.450   9.832   1.00 17.94 ? 80  GLU A C   1 
ATOM   628  O  O   . GLU A 1 80  ? 11.453  5.631   9.606   1.00 17.38 ? 80  GLU A O   1 
ATOM   629  C  CB  . GLU A 1 80  ? 13.938  3.907   10.967  1.00 19.86 ? 80  GLU A CB  1 
ATOM   630  C  CG  . GLU A 1 80  ? 14.649  5.187   10.516  1.00 22.17 ? 80  GLU A CG  1 
ATOM   631  C  CD  . GLU A 1 80  ? 16.173  5.059   10.508  1.00 22.97 ? 80  GLU A CD  1 
ATOM   632  O  OE1 . GLU A 1 80  ? 16.724  4.350   11.379  1.00 27.08 ? 80  GLU A OE1 1 
ATOM   633  O  OE2 . GLU A 1 80  ? 16.818  5.671   9.637   1.00 27.89 ? 80  GLU A OE2 1 
ATOM   634  N  N   . ALA A 1 81  ? 11.510  3.458   8.978   1.00 16.91 ? 81  ALA A N   1 
ATOM   635  C  CA  . ALA A 1 81  ? 10.789  3.697   7.724   1.00 16.17 ? 81  ALA A CA  1 
ATOM   636  C  C   . ALA A 1 81  ? 9.360   4.177   7.985   1.00 15.82 ? 81  ALA A C   1 
ATOM   637  O  O   . ALA A 1 81  ? 8.859   5.057   7.271   1.00 15.21 ? 81  ALA A O   1 
ATOM   638  C  CB  . ALA A 1 81  ? 10.786  2.438   6.858   1.00 16.02 ? 81  ALA A CB  1 
ATOM   639  N  N   . ALA A 1 82  ? 8.710   3.604   9.005   1.00 15.22 ? 82  ALA A N   1 
ATOM   640  C  CA  . ALA A 1 82  ? 7.366   4.042   9.403   1.00 14.99 ? 82  ALA A CA  1 
ATOM   641  C  C   . ALA A 1 82  ? 7.345   5.518   9.831   1.00 14.72 ? 82  ALA A C   1 
ATOM   642  O  O   . ALA A 1 82  ? 6.476   6.281   9.430   1.00 14.74 ? 82  ALA A O   1 
ATOM   643  C  CB  . ALA A 1 82  ? 6.788   3.133   10.509  1.00 15.38 ? 82  ALA A CB  1 
ATOM   644  N  N   . VAL A 1 83  ? 8.329   5.929   10.626  1.00 14.31 ? 83  VAL A N   1 
ATOM   645  C  CA  . VAL A 1 83  ? 8.440   7.326   11.009  1.00 13.95 ? 83  VAL A CA  1 
ATOM   646  C  C   . VAL A 1 83  ? 8.605   8.228   9.768   1.00 14.16 ? 83  VAL A C   1 
ATOM   647  O  O   . VAL A 1 83  ? 7.975   9.279   9.668   1.00 13.68 ? 83  VAL A O   1 
ATOM   648  C  CB  . VAL A 1 83  ? 9.595   7.535   12.029  1.00 14.68 ? 83  VAL A CB  1 
ATOM   649  C  CG1 . VAL A 1 83  ? 9.925   8.985   12.133  1.00 13.08 ? 83  VAL A CG1 1 
ATOM   650  C  CG2 . VAL A 1 83  ? 9.199   6.955   13.425  1.00 15.33 ? 83  VAL A CG2 1 
ATOM   651  N  N   . ASN A 1 84  ? 9.447   7.802   8.834   1.00 13.99 ? 84  ASN A N   1 
ATOM   652  C  CA  . ASN A 1 84  ? 9.659   8.559   7.593   1.00 13.83 ? 84  ASN A CA  1 
ATOM   653  C  C   . ASN A 1 84  ? 8.362   8.702   6.790   1.00 13.78 ? 84  ASN A C   1 
ATOM   654  O  O   . ASN A 1 84  ? 8.069   9.784   6.278   1.00 14.57 ? 84  ASN A O   1 
ATOM   655  C  CB  . ASN A 1 84  ? 10.746  7.913   6.749   1.00 13.88 ? 84  ASN A CB  1 
ATOM   656  C  CG  . ASN A 1 84  ? 12.132  8.029   7.385   1.00 14.72 ? 84  ASN A CG  1 
ATOM   657  O  OD1 . ASN A 1 84  ? 12.376  8.902   8.225   1.00 18.49 ? 84  ASN A OD1 1 
ATOM   658  N  ND2 . ASN A 1 84  ? 13.037  7.160   6.971   1.00 16.33 ? 84  ASN A ND2 1 
ATOM   659  N  N   . ALA A 1 85  ? 7.582   7.621   6.733   1.00 13.73 ? 85  ALA A N   1 
ATOM   660  C  CA  . ALA A 1 85  ? 6.261   7.633   6.087   1.00 13.25 ? 85  ALA A CA  1 
ATOM   661  C  C   . ALA A 1 85  ? 5.301   8.624   6.754   1.00 13.33 ? 85  ALA A C   1 
ATOM   662  O  O   . ALA A 1 85  ? 4.674   9.454   6.093   1.00 13.89 ? 85  ALA A O   1 
ATOM   663  C  CB  . ALA A 1 85  ? 5.655   6.191   6.091   1.00 14.08 ? 85  ALA A CB  1 
ATOM   664  N  N   . THR A 1 86  ? 5.164   8.536   8.080   1.00 12.10 ? 86  THR A N   1 
ATOM   665  C  CA  . THR A 1 86  ? 4.259   9.403   8.821   1.00 13.46 ? 86  THR A CA  1 
ATOM   666  C  C   . THR A 1 86  ? 4.680   10.863  8.680   1.00 14.43 ? 86  THR A C   1 
ATOM   667  O  O   . THR A 1 86  ? 3.847   11.734  8.388   1.00 14.57 ? 86  THR A O   1 
ATOM   668  C  CB  . THR A 1 86  ? 4.208   8.953   10.304  1.00 12.37 ? 86  THR A CB  1 
ATOM   669  O  OG1 . THR A 1 86  ? 3.589   7.652   10.347  1.00 11.97 ? 86  THR A OG1 1 
ATOM   670  C  CG2 . THR A 1 86  ? 3.422   9.952   11.178  1.00 12.99 ? 86  THR A CG2 1 
ATOM   671  N  N   . ASP A 1 87  ? 5.980   11.114  8.850   1.00 14.62 ? 87  ASP A N   1 
ATOM   672  C  CA  . ASP A 1 87  ? 6.514   12.483  8.756   1.00 16.49 ? 87  ASP A CA  1 
ATOM   673  C  C   . ASP A 1 87  ? 6.240   13.072  7.369   1.00 16.41 ? 87  ASP A C   1 
ATOM   674  O  O   . ASP A 1 87  ? 5.773   14.205  7.269   1.00 17.36 ? 87  ASP A O   1 
ATOM   675  C  CB  . ASP A 1 87  ? 8.024   12.522  9.060   1.00 16.75 ? 87  ASP A CB  1 
ATOM   676  C  CG  . ASP A 1 87  ? 8.338   12.407  10.545  1.00 20.07 ? 87  ASP A CG  1 
ATOM   677  O  OD1 . ASP A 1 87  ? 7.415   12.520  11.373  1.00 21.10 ? 87  ASP A OD1 1 
ATOM   678  O  OD2 . ASP A 1 87  ? 9.528   12.185  10.876  1.00 24.23 ? 87  ASP A OD2 1 
ATOM   679  N  N   . SER A 1 88  ? 6.512   12.288  6.326   1.00 16.13 ? 88  SER A N   1 
ATOM   680  C  CA  . SER A 1 88  ? 6.286   12.723  4.929   1.00 15.77 ? 88  SER A CA  1 
ATOM   681  C  C   . SER A 1 88  ? 4.812   12.941  4.586   1.00 15.79 ? 88  SER A C   1 
ATOM   682  O  O   . SER A 1 88  ? 4.433   14.013  4.083   1.00 15.21 ? 88  SER A O   1 
ATOM   683  C  CB  A SER A 1 88  ? 6.972   11.801  3.920   0.65 16.02 ? 88  SER A CB  1 
ATOM   684  C  CB  B SER A 1 88  ? 6.894   11.688  3.970   0.35 15.60 ? 88  SER A CB  1 
ATOM   685  O  OG  A SER A 1 88  ? 6.540   10.463  4.029   0.65 17.64 ? 88  SER A OG  1 
ATOM   686  O  OG  B SER A 1 88  ? 6.451   11.844  2.627   0.35 14.20 ? 88  SER A OG  1 
ATOM   687  N  N   . LEU A 1 89  ? 3.983   11.935  4.875   1.00 15.06 ? 89  LEU A N   1 
ATOM   688  C  CA  . LEU A 1 89  ? 2.557   11.998  4.528   1.00 15.16 ? 89  LEU A CA  1 
ATOM   689  C  C   . LEU A 1 89  ? 1.793   13.080  5.250   1.00 16.10 ? 89  LEU A C   1 
ATOM   690  O  O   . LEU A 1 89  ? 0.964   13.746  4.643   1.00 16.48 ? 89  LEU A O   1 
ATOM   691  C  CB  . LEU A 1 89  ? 1.880   10.645  4.768   1.00 14.48 ? 89  LEU A CB  1 
ATOM   692  C  CG  . LEU A 1 89  ? 2.286   9.587   3.747   1.00 14.11 ? 89  LEU A CG  1 
ATOM   693  C  CD1 . LEU A 1 89  ? 1.967   8.189   4.267   1.00 13.61 ? 89  LEU A CD1 1 
ATOM   694  C  CD2 . LEU A 1 89  ? 1.617   9.862   2.381   1.00 14.43 ? 89  LEU A CD2 1 
ATOM   695  N  N   . LEU A 1 90  ? 2.065   13.268  6.544   1.00 16.62 ? 90  LEU A N   1 
ATOM   696  C  CA  . LEU A 1 90  ? 1.258   14.209  7.328   1.00 17.96 ? 90  LEU A CA  1 
ATOM   697  C  C   . LEU A 1 90  ? 1.627   15.680  7.091   1.00 19.02 ? 90  LEU A C   1 
ATOM   698  O  O   . LEU A 1 90  ? 0.888   16.571  7.495   1.00 20.84 ? 90  LEU A O   1 
ATOM   699  C  CB  . LEU A 1 90  ? 1.263   13.836  8.822   1.00 17.88 ? 90  LEU A CB  1 
ATOM   700  C  CG  . LEU A 1 90  ? 0.567   12.497  9.144   1.00 18.86 ? 90  LEU A CG  1 
ATOM   701  C  CD1 . LEU A 1 90  ? 0.508   12.254  10.666  1.00 19.66 ? 90  LEU A CD1 1 
ATOM   702  C  CD2 . LEU A 1 90  ? -0.829  12.369  8.521   1.00 19.09 ? 90  LEU A CD2 1 
ATOM   703  N  N   . LYS A 1 91  ? 2.756   15.899  6.423   1.00 19.34 ? 91  LYS A N   1 
ATOM   704  C  CA  . LYS A 1 91  ? 3.247   17.229  6.025   1.00 20.95 ? 91  LYS A CA  1 
ATOM   705  C  C   . LYS A 1 91  ? 2.524   17.728  4.758   1.00 20.29 ? 91  LYS A C   1 
ATOM   706  O  O   . LYS A 1 91  ? 2.457   18.944  4.492   1.00 20.31 ? 91  LYS A O   1 
ATOM   707  C  CB  . LYS A 1 91  ? 4.754   17.128  5.749   1.00 20.85 ? 91  LYS A CB  1 
ATOM   708  C  CG  . LYS A 1 91  ? 5.539   18.436  5.663   1.00 24.33 ? 91  LYS A CG  1 
ATOM   709  C  CD  . LYS A 1 91  ? 7.032   18.150  5.452   1.00 23.23 ? 91  LYS A CD  1 
HETATM 710  N  N   . MSE A 1 92  ? 1.985   16.794  3.980   1.00 19.54 ? 92  MSE A N   1 
HETATM 711  C  CA  . MSE A 1 92  ? 1.525   17.116  2.621   1.00 19.90 ? 92  MSE A CA  1 
HETATM 712  C  C   . MSE A 1 92  ? 0.243   17.902  2.621   1.00 19.46 ? 92  MSE A C   1 
HETATM 713  O  O   . MSE A 1 92  ? -0.637  17.668  3.452   1.00 18.90 ? 92  MSE A O   1 
HETATM 714  C  CB  . MSE A 1 92  ? 1.333   15.851  1.794   1.00 18.83 ? 92  MSE A CB  1 
HETATM 715  C  CG  . MSE A 1 92  ? 2.609   15.086  1.538   1.00 19.15 ? 92  MSE A CG  1 
HETATM 716  SE SE  . MSE A 1 92  ? 2.138   13.495  0.561   1.00 24.43 ? 92  MSE A SE  1 
HETATM 717  C  CE  . MSE A 1 92  ? 3.848   12.555  0.529   1.00 20.52 ? 92  MSE A CE  1 
ATOM   718  N  N   . LYS A 1 93  ? 0.130   18.817  1.657   1.00 19.58 ? 93  LYS A N   1 
ATOM   719  C  CA  . LYS A 1 93  ? -1.068  19.635  1.482   1.00 19.39 ? 93  LYS A CA  1 
ATOM   720  C  C   . LYS A 1 93  ? -1.449  19.730  0.014   1.00 18.86 ? 93  LYS A C   1 
ATOM   721  O  O   . LYS A 1 93  ? -0.572  19.685  -0.868  1.00 18.39 ? 93  LYS A O   1 
ATOM   722  C  CB  . LYS A 1 93  ? -0.832  21.065  1.992   1.00 20.08 ? 93  LYS A CB  1 
ATOM   723  C  CG  . LYS A 1 93  ? -0.415  21.188  3.455   1.00 20.76 ? 93  LYS A CG  1 
ATOM   724  C  CD  . LYS A 1 93  ? -1.573  20.828  4.380   1.00 24.34 ? 93  LYS A CD  1 
ATOM   725  N  N   . GLY A 1 94  ? -2.751  19.870  -0.218  1.00 18.21 ? 94  GLY A N   1 
ATOM   726  C  CA  . GLY A 1 94  ? -3.311  20.107  -1.551  1.00 18.26 ? 94  GLY A CA  1 
ATOM   727  C  C   . GLY A 1 94  ? -2.866  19.084  -2.566  1.00 17.42 ? 94  GLY A C   1 
ATOM   728  O  O   . GLY A 1 94  ? -3.037  17.882  -2.365  1.00 17.42 ? 94  GLY A O   1 
ATOM   729  N  N   . GLU A 1 95  ? -2.280  19.564  -3.661  1.00 16.34 ? 95  GLU A N   1 
ATOM   730  C  CA  . GLU A 1 95  ? -1.866  18.685  -4.754  1.00 16.52 ? 95  GLU A CA  1 
ATOM   731  C  C   . GLU A 1 95  ? -0.838  17.623  -4.335  1.00 15.49 ? 95  GLU A C   1 
ATOM   732  O  O   . GLU A 1 95  ? -0.758  16.569  -4.951  1.00 15.05 ? 95  GLU A O   1 
ATOM   733  C  CB  . GLU A 1 95  ? -1.368  19.523  -5.951  1.00 16.78 ? 95  GLU A CB  1 
ATOM   734  C  CG  . GLU A 1 95  ? -0.885  18.691  -7.139  1.00 18.80 ? 95  GLU A CG  1 
ATOM   735  C  CD  . GLU A 1 95  ? 0.594   18.337  -7.056  1.00 20.05 ? 95  GLU A CD  1 
ATOM   736  O  OE1 . GLU A 1 95  ? 1.315   18.805  -6.131  1.00 23.01 ? 95  GLU A OE1 1 
ATOM   737  O  OE2 . GLU A 1 95  ? 1.042   17.569  -7.917  1.00 22.26 ? 95  GLU A OE2 1 
ATOM   738  N  N   . GLU A 1 96  ? -0.072  17.890  -3.276  1.00 14.88 ? 96  GLU A N   1 
ATOM   739  C  CA  . GLU A 1 96  ? 0.888   16.898  -2.769  1.00 15.10 ? 96  GLU A CA  1 
ATOM   740  C  C   . GLU A 1 96  ? 0.193   15.591  -2.407  1.00 14.86 ? 96  GLU A C   1 
ATOM   741  O  O   . GLU A 1 96  ? 0.714   14.488  -2.666  1.00 14.98 ? 96  GLU A O   1 
ATOM   742  C  CB  . GLU A 1 96  ? 1.642   17.466  -1.566  1.00 15.60 ? 96  GLU A CB  1 
ATOM   743  C  CG  . GLU A 1 96  ? 2.593   18.592  -1.969  1.00 18.19 ? 96  GLU A CG  1 
ATOM   744  C  CD  . GLU A 1 96  ? 3.140   19.367  -0.785  1.00 23.89 ? 96  GLU A CD  1 
ATOM   745  O  OE1 . GLU A 1 96  ? 2.605   19.239  0.337   1.00 21.89 ? 96  GLU A OE1 1 
ATOM   746  O  OE2 . GLU A 1 96  ? 4.096   20.142  -1.000  1.00 28.26 ? 96  GLU A OE2 1 
ATOM   747  N  N   . LYS A 1 97  ? -1.010  15.724  -1.868  1.00 15.24 ? 97  LYS A N   1 
ATOM   748  C  CA  . LYS A 1 97  ? -1.786  14.550  -1.458  1.00 15.59 ? 97  LYS A CA  1 
ATOM   749  C  C   . LYS A 1 97  ? -2.309  13.763  -2.654  1.00 15.65 ? 97  LYS A C   1 
ATOM   750  O  O   . LYS A 1 97  ? -2.513  12.552  -2.556  1.00 16.69 ? 97  LYS A O   1 
ATOM   751  C  CB  . LYS A 1 97  ? -2.932  14.971  -0.527  1.00 15.86 ? 97  LYS A CB  1 
ATOM   752  C  CG  . LYS A 1 97  ? -2.463  15.610  0.794   1.00 15.78 ? 97  LYS A CG  1 
ATOM   753  C  CD  . LYS A 1 97  ? -3.649  16.012  1.675   1.00 16.35 ? 97  LYS A CD  1 
ATOM   754  C  CE  . LYS A 1 97  ? -4.503  14.811  2.068   1.00 17.70 ? 97  LYS A CE  1 
ATOM   755  N  NZ  . LYS A 1 97  ? -5.517  15.219  3.109   1.00 19.83 ? 97  LYS A NZ  1 
ATOM   756  N  N   . ALA A 1 98  ? -2.542  14.450  -3.777  1.00 15.80 ? 98  ALA A N   1 
ATOM   757  C  CA  . ALA A 1 98  ? -2.919  13.785  -5.027  1.00 15.71 ? 98  ALA A CA  1 
ATOM   758  C  C   . ALA A 1 98  ? -1.764  12.971  -5.584  1.00 15.47 ? 98  ALA A C   1 
ATOM   759  O  O   . ALA A 1 98  ? -1.963  11.852  -6.064  1.00 15.68 ? 98  ALA A O   1 
ATOM   760  C  CB  . ALA A 1 98  ? -3.417  14.822  -6.071  1.00 16.58 ? 98  ALA A CB  1 
HETATM 761  N  N   . MSE A 1 99  ? -0.551  13.513  -5.498  1.00 15.50 ? 99  MSE A N   1 
HETATM 762  C  CA  . MSE A 1 99  ? 0.614   12.767  -5.951  1.00 16.11 ? 99  MSE A CA  1 
HETATM 763  C  C   . MSE A 1 99  ? 0.833   11.540  -5.080  1.00 15.48 ? 99  MSE A C   1 
HETATM 764  O  O   . MSE A 1 99  ? 1.311   10.511  -5.565  1.00 14.80 ? 99  MSE A O   1 
HETATM 765  C  CB  . MSE A 1 99  ? 1.868   13.640  -5.950  1.00 16.99 ? 99  MSE A CB  1 
HETATM 766  C  CG  . MSE A 1 99  ? 1.934   14.600  -7.100  1.00 21.71 ? 99  MSE A CG  1 
HETATM 767  SE SE  . MSE A 1 99  ? 1.891   13.678  -8.853  1.00 34.22 ? 99  MSE A SE  1 
HETATM 768  C  CE  . MSE A 1 99  ? 3.005   12.266  -8.555  1.00 23.90 ? 99  MSE A CE  1 
ATOM   769  N  N   . ALA A 1 100 ? 0.477   11.649  -3.795  1.00 14.94 ? 100 ALA A N   1 
ATOM   770  C  CA  . ALA A 1 100 ? 0.694   10.546  -2.840  1.00 14.73 ? 100 ALA A CA  1 
ATOM   771  C  C   . ALA A 1 100 ? -0.112  9.278   -3.114  1.00 15.29 ? 100 ALA A C   1 
ATOM   772  O  O   . ALA A 1 100 ? 0.250   8.187   -2.637  1.00 15.14 ? 100 ALA A O   1 
ATOM   773  C  CB  . ALA A 1 100 ? 0.442   11.016  -1.426  1.00 14.51 ? 100 ALA A CB  1 
ATOM   774  N  N   . VAL A 1 101 ? -1.201  9.406   -3.878  1.00 14.91 ? 101 VAL A N   1 
ATOM   775  C  CA  . VAL A 1 101 ? -2.042  8.232   -4.166  1.00 15.61 ? 101 VAL A CA  1 
ATOM   776  C  C   . VAL A 1 101 ? -1.785  7.610   -5.533  1.00 15.43 ? 101 VAL A C   1 
ATOM   777  O  O   . VAL A 1 101 ? -2.375  6.588   -5.891  1.00 15.47 ? 101 VAL A O   1 
ATOM   778  C  CB  . VAL A 1 101 ? -3.545  8.536   -3.977  1.00 14.43 ? 101 VAL A CB  1 
ATOM   779  C  CG1 . VAL A 1 101 ? -3.792  9.024   -2.543  1.00 14.32 ? 101 VAL A CG1 1 
ATOM   780  C  CG2 . VAL A 1 101 ? -4.045  9.561   -5.012  1.00 16.31 ? 101 VAL A CG2 1 
ATOM   781  N  N   . ILE A 1 102 ? -0.894  8.238   -6.297  1.00 16.18 ? 102 ILE A N   1 
ATOM   782  C  CA  . ILE A 1 102 ? -0.523  7.726   -7.613  1.00 16.31 ? 102 ILE A CA  1 
ATOM   783  C  C   . ILE A 1 102 ? -0.046  6.272   -7.579  1.00 16.76 ? 102 ILE A C   1 
ATOM   784  O  O   . ILE A 1 102 ? -0.453  5.458   -8.410  1.00 15.83 ? 102 ILE A O   1 
ATOM   785  C  CB  . ILE A 1 102 ? 0.485   8.706   -8.289  1.00 16.29 ? 102 ILE A CB  1 
ATOM   786  C  CG1 . ILE A 1 102 ? -0.228  10.030  -8.602  1.00 16.10 ? 102 ILE A CG1 1 
ATOM   787  C  CG2 . ILE A 1 102 ? 1.160   8.083   -9.496  1.00 17.08 ? 102 ILE A CG2 1 
ATOM   788  C  CD1 . ILE A 1 102 ? -1.298  9.959   -9.734  1.00 17.25 ? 102 ILE A CD1 1 
ATOM   789  N  N   . GLN A 1 103 ? 0.782   5.931   -6.598  1.00 16.91 ? 103 GLN A N   1 
ATOM   790  C  CA  . GLN A 1 103 ? 1.242   4.568   -6.439  1.00 17.15 ? 103 GLN A CA  1 
ATOM   791  C  C   . GLN A 1 103 ? 0.067   3.585   -6.297  1.00 16.89 ? 103 GLN A C   1 
ATOM   792  O  O   . GLN A 1 103 ? 0.033   2.529   -6.946  1.00 17.35 ? 103 GLN A O   1 
ATOM   793  C  CB  . GLN A 1 103 ? 2.142   4.509   -5.213  1.00 18.20 ? 103 GLN A CB  1 
ATOM   794  C  CG  . GLN A 1 103 ? 2.954   3.267   -5.065  1.00 17.90 ? 103 GLN A CG  1 
ATOM   795  C  CD  . GLN A 1 103 ? 3.748   3.292   -3.762  1.00 20.90 ? 103 GLN A CD  1 
ATOM   796  O  OE1 . GLN A 1 103 ? 3.448   4.066   -2.839  1.00 21.50 ? 103 GLN A OE1 1 
ATOM   797  N  NE2 . GLN A 1 103 ? 4.774   2.464   -3.690  1.00 17.62 ? 103 GLN A NE2 1 
ATOM   798  N  N   . SER A 1 104 ? -0.913  3.944   -5.469  1.00 15.78 ? 104 SER A N   1 
ATOM   799  C  CA  . SER A 1 104 ? -2.057  3.079   -5.242  1.00 15.82 ? 104 SER A CA  1 
ATOM   800  C  C   . SER A 1 104 ? -2.940  2.981   -6.483  1.00 15.13 ? 104 SER A C   1 
ATOM   801  O  O   . SER A 1 104 ? -3.525  1.944   -6.740  1.00 14.45 ? 104 SER A O   1 
ATOM   802  C  CB  . SER A 1 104 ? -2.868  3.575   -4.047  1.00 15.84 ? 104 SER A CB  1 
ATOM   803  O  OG  . SER A 1 104 ? -2.163  3.362   -2.829  1.00 19.56 ? 104 SER A OG  1 
ATOM   804  N  N   . LEU A 1 105 ? -3.056  4.078   -7.237  1.00 15.90 ? 105 LEU A N   1 
ATOM   805  C  CA  . LEU A 1 105 ? -3.833  4.067   -8.484  1.00 15.76 ? 105 LEU A CA  1 
ATOM   806  C  C   . LEU A 1 105 ? -3.165  3.227   -9.575  1.00 16.31 ? 105 LEU A C   1 
ATOM   807  O  O   . LEU A 1 105 ? -3.852  2.566   -10.375 1.00 16.15 ? 105 LEU A O   1 
ATOM   808  C  CB  . LEU A 1 105 ? -4.098  5.498   -8.972  1.00 16.04 ? 105 LEU A CB  1 
ATOM   809  C  CG  . LEU A 1 105 ? -5.115  6.267   -8.107  1.00 17.28 ? 105 LEU A CG  1 
ATOM   810  C  CD1 . LEU A 1 105 ? -5.227  7.740   -8.506  1.00 17.76 ? 105 LEU A CD1 1 
ATOM   811  C  CD2 . LEU A 1 105 ? -6.505  5.585   -8.105  1.00 16.89 ? 105 LEU A CD2 1 
ATOM   812  N  N   . ILE A 1 106 ? -1.829  3.237   -9.604  1.00 16.39 ? 106 ILE A N   1 
ATOM   813  C  CA  . ILE A 1 106 ? -1.090  2.294   -10.458 1.00 17.10 ? 106 ILE A CA  1 
ATOM   814  C  C   . ILE A 1 106 ? -1.433  0.854   -10.077 1.00 17.85 ? 106 ILE A C   1 
ATOM   815  O  O   . ILE A 1 106 ? -1.763  0.037   -10.952 1.00 17.02 ? 106 ILE A O   1 
ATOM   816  C  CB  . ILE A 1 106 ? 0.436   2.541   -10.422 1.00 17.30 ? 106 ILE A CB  1 
ATOM   817  C  CG1 . ILE A 1 106 ? 0.754   3.875   -11.106 1.00 18.43 ? 106 ILE A CG1 1 
ATOM   818  C  CG2 . ILE A 1 106 ? 1.220   1.356   -11.063 1.00 17.77 ? 106 ILE A CG2 1 
ATOM   819  C  CD1 . ILE A 1 106 ? 2.241   4.197   -11.137 1.00 20.37 ? 106 ILE A CD1 1 
HETATM 820  N  N   . MSE A 1 107 ? -1.400  0.551   -8.774  1.00 17.14 ? 107 MSE A N   1 
HETATM 821  C  CA  . MSE A 1 107 ? -1.778  -0.781  -8.311  1.00 18.55 ? 107 MSE A CA  1 
HETATM 822  C  C   . MSE A 1 107 ? -3.212  -1.122  -8.667  1.00 16.58 ? 107 MSE A C   1 
HETATM 823  O  O   . MSE A 1 107 ? -3.483  -2.226  -9.114  1.00 16.10 ? 107 MSE A O   1 
HETATM 824  C  CB  . MSE A 1 107 ? -1.538  -0.943  -6.820  1.00 18.11 ? 107 MSE A CB  1 
HETATM 825  C  CG  . MSE A 1 107 ? -0.087  -0.740  -6.482  1.00 17.82 ? 107 MSE A CG  1 
HETATM 826  SE SE  . MSE A 1 107 ? 0.245   -1.009  -4.568  1.00 30.72 ? 107 MSE A SE  1 
HETATM 827  C  CE  . MSE A 1 107 ? -0.139  -2.415  -4.419  1.00 9.29  ? 107 MSE A CE  1 
ATOM   828  N  N   . TYR A 1 108 ? -4.130  -0.168  -8.498  1.00 15.02 ? 108 TYR A N   1 
ATOM   829  C  CA  . TYR A 1 108 ? -5.524  -0.441  -8.850  1.00 14.99 ? 108 TYR A CA  1 
ATOM   830  C  C   . TYR A 1 108 ? -5.649  -0.829  -10.325 1.00 15.25 ? 108 TYR A C   1 
ATOM   831  O  O   . TYR A 1 108 ? -6.343  -1.806  -10.660 1.00 14.88 ? 108 TYR A O   1 
ATOM   832  C  CB  . TYR A 1 108 ? -6.459  0.734   -8.495  1.00 14.82 ? 108 TYR A CB  1 
ATOM   833  C  CG  . TYR A 1 108 ? -7.914  0.373   -8.735  1.00 14.79 ? 108 TYR A CG  1 
ATOM   834  C  CD1 . TYR A 1 108 ? -8.677  -0.207  -7.727  1.00 14.76 ? 108 TYR A CD1 1 
ATOM   835  C  CD2 . TYR A 1 108 ? -8.495  0.541   -9.996  1.00 14.31 ? 108 TYR A CD2 1 
ATOM   836  C  CE1 . TYR A 1 108 ? -10.010 -0.579  -7.946  1.00 14.63 ? 108 TYR A CE1 1 
ATOM   837  C  CE2 . TYR A 1 108 ? -9.824  0.172   -10.240 1.00 14.31 ? 108 TYR A CE2 1 
ATOM   838  C  CZ  . TYR A 1 108 ? -10.575 -0.380  -9.209  1.00 16.30 ? 108 TYR A CZ  1 
ATOM   839  O  OH  . TYR A 1 108 ? -11.883 -0.763  -9.419  1.00 17.25 ? 108 TYR A OH  1 
ATOM   840  N  N   . ASP A 1 109 ? -5.002  -0.066  -11.211 1.00 15.23 ? 109 ASP A N   1 
ATOM   841  C  CA  . ASP A 1 109 ? -5.007  -0.392  -12.646 1.00 15.50 ? 109 ASP A CA  1 
ATOM   842  C  C   . ASP A 1 109 ? -4.527  -1.824  -12.898 1.00 16.16 ? 109 ASP A C   1 
ATOM   843  O  O   . ASP A 1 109 ? -5.054  -2.515  -13.770 1.00 16.47 ? 109 ASP A O   1 
ATOM   844  C  CB  . ASP A 1 109 ? -4.122  0.565   -13.424 1.00 15.53 ? 109 ASP A CB  1 
ATOM   845  C  CG  . ASP A 1 109 ? -4.783  1.917   -13.659 1.00 16.92 ? 109 ASP A CG  1 
ATOM   846  O  OD1 . ASP A 1 109 ? -5.973  2.064   -13.306 1.00 16.96 ? 109 ASP A OD1 1 
ATOM   847  O  OD2 . ASP A 1 109 ? -4.114  2.807   -14.216 1.00 18.73 ? 109 ASP A OD2 1 
ATOM   848  N  N   . CYS A 1 110 ? -3.507  -2.254  -12.144 1.00 15.47 ? 110 CYS A N   1 
ATOM   849  C  CA  . CYS A 1 110 ? -2.972  -3.616  -12.290 1.00 16.64 ? 110 CYS A CA  1 
ATOM   850  C  C   . CYS A 1 110 ? -3.992  -4.684  -11.876 1.00 16.94 ? 110 CYS A C   1 
ATOM   851  O  O   . CYS A 1 110 ? -4.055  -5.763  -12.485 1.00 17.81 ? 110 CYS A O   1 
ATOM   852  C  CB  . CYS A 1 110 ? -1.662  -3.755  -11.513 1.00 16.73 ? 110 CYS A CB  1 
ATOM   853  S  SG  . CYS A 1 110 ? -0.314  -2.781  -12.208 1.00 19.96 ? 110 CYS A SG  1 
ATOM   854  N  N   . ILE A 1 111 ? -4.817  -4.385  -10.872 1.00 16.36 ? 111 ILE A N   1 
ATOM   855  C  CA  . ILE A 1 111 ? -5.876  -5.328  -10.475 1.00 16.94 ? 111 ILE A CA  1 
ATOM   856  C  C   . ILE A 1 111 ? -6.993  -5.377  -11.529 1.00 17.92 ? 111 ILE A C   1 
ATOM   857  O  O   . ILE A 1 111 ? -7.564  -6.447  -11.817 1.00 18.65 ? 111 ILE A O   1 
ATOM   858  C  CB  . ILE A 1 111 ? -6.517  -4.932  -9.119  1.00 16.08 ? 111 ILE A CB  1 
ATOM   859  C  CG1 . ILE A 1 111 ? -5.444  -4.707  -8.041  1.00 16.89 ? 111 ILE A CG1 1 
ATOM   860  C  CG2 . ILE A 1 111 ? -7.506  -6.006  -8.654  1.00 17.14 ? 111 ILE A CG2 1 
ATOM   861  C  CD1 . ILE A 1 111 ? -6.002  -4.117  -6.731  1.00 16.39 ? 111 ILE A CD1 1 
ATOM   862  N  N   . ASP A 1 112 ? -7.301  -4.197  -12.063 1.00 18.96 ? 112 ASP A N   1 
ATOM   863  C  CA  . ASP A 1 112 ? -8.459  -3.932  -12.931 1.00 20.12 ? 112 ASP A CA  1 
ATOM   864  C  C   . ASP A 1 112 ? -8.180  -4.438  -14.343 1.00 21.23 ? 112 ASP A C   1 
ATOM   865  O  O   . ASP A 1 112 ? -7.783  -3.669  -15.208 1.00 21.38 ? 112 ASP A O   1 
ATOM   866  C  CB  . ASP A 1 112 ? -8.716  -2.419  -12.929 1.00 20.06 ? 112 ASP A CB  1 
ATOM   867  C  CG  . ASP A 1 112 ? -9.945  -2.000  -13.737 1.00 19.66 ? 112 ASP A CG  1 
ATOM   868  O  OD1 . ASP A 1 112 ? -10.708 -2.869  -14.221 1.00 17.56 ? 112 ASP A OD1 1 
ATOM   869  O  OD2 . ASP A 1 112 ? -10.114 -0.775  -13.861 1.00 18.58 ? 112 ASP A OD2 1 
ATOM   870  N  N   . THR A 1 113 ? -8.394  -5.736  -14.553 1.00 22.70 ? 113 THR A N   1 
ATOM   871  C  CA  . THR A 1 113 ? -7.988  -6.393  -15.804 1.00 24.38 ? 113 THR A CA  1 
ATOM   872  C  C   . THR A 1 113 ? -8.766  -5.923  -17.023 1.00 25.23 ? 113 THR A C   1 
ATOM   873  O  O   . THR A 1 113 ? -8.214  -5.872  -18.127 1.00 26.03 ? 113 THR A O   1 
ATOM   874  C  CB  . THR A 1 113 ? -8.018  -7.939  -15.708 1.00 24.33 ? 113 THR A CB  1 
ATOM   875  O  OG1 . THR A 1 113 ? -9.358  -8.406  -15.531 1.00 26.44 ? 113 THR A OG1 1 
ATOM   876  C  CG2 . THR A 1 113 ? -7.175  -8.418  -14.544 1.00 24.51 ? 113 THR A CG2 1 
ATOM   877  N  N   . ASP A 1 114 ? -10.037 -5.573  -16.827 1.00 25.98 ? 114 ASP A N   1 
ATOM   878  C  CA  . ASP A 1 114 ? -10.869 -5.084  -17.930 1.00 27.15 ? 114 ASP A CA  1 
ATOM   879  C  C   . ASP A 1 114 ? -10.645 -3.597  -18.160 1.00 26.89 ? 114 ASP A C   1 
ATOM   880  O  O   . ASP A 1 114 ? -11.100 -3.041  -19.162 1.00 27.75 ? 114 ASP A O   1 
ATOM   881  C  CB  . ASP A 1 114 ? -12.346 -5.358  -17.657 1.00 27.55 ? 114 ASP A CB  1 
ATOM   882  C  CG  . ASP A 1 114 ? -12.644 -6.836  -17.531 1.00 29.89 ? 114 ASP A CG  1 
ATOM   883  O  OD1 . ASP A 1 114 ? -12.313 -7.594  -18.482 1.00 33.43 ? 114 ASP A OD1 1 
ATOM   884  O  OD2 . ASP A 1 114 ? -13.201 -7.240  -16.484 1.00 31.42 ? 114 ASP A OD2 1 
ATOM   885  N  N   . LYS A 1 115 ? -9.939  -2.959  -17.229 1.00 26.60 ? 115 LYS A N   1 
ATOM   886  C  CA  . LYS A 1 115 ? -9.708  -1.508  -17.246 1.00 26.23 ? 115 LYS A CA  1 
ATOM   887  C  C   . LYS A 1 115 ? -11.030 -0.703  -17.261 1.00 25.58 ? 115 LYS A C   1 
ATOM   888  O  O   . LYS A 1 115 ? -11.156 0.315   -17.954 1.00 26.31 ? 115 LYS A O   1 
ATOM   889  C  CB  . LYS A 1 115 ? -8.765  -1.120  -18.398 1.00 26.90 ? 115 LYS A CB  1 
ATOM   890  C  CG  . LYS A 1 115 ? -7.369  -1.779  -18.314 1.00 27.17 ? 115 LYS A CG  1 
ATOM   891  C  CD  . LYS A 1 115 ? -6.521  -1.207  -17.161 1.00 28.23 ? 115 LYS A CD  1 
ATOM   892  C  CE  . LYS A 1 115 ? -5.183  -1.960  -16.998 1.00 28.17 ? 115 LYS A CE  1 
ATOM   893  N  NZ  . LYS A 1 115 ? -5.357  -3.429  -16.734 1.00 27.69 ? 115 LYS A NZ  1 
ATOM   894  N  N   . ASP A 1 116 ? -12.002 -1.166  -16.475 1.00 24.45 ? 116 ASP A N   1 
ATOM   895  C  CA  . ASP A 1 116 ? -13.353 -0.582  -16.443 1.00 23.08 ? 116 ASP A CA  1 
ATOM   896  C  C   . ASP A 1 116 ? -13.704 0.135   -15.130 1.00 22.12 ? 116 ASP A C   1 
ATOM   897  O  O   . ASP A 1 116 ? -14.849 0.573   -14.929 1.00 21.50 ? 116 ASP A O   1 
ATOM   898  C  CB  . ASP A 1 116 ? -14.412 -1.656  -16.748 1.00 23.05 ? 116 ASP A CB  1 
ATOM   899  C  CG  . ASP A 1 116 ? -14.380 -2.827  -15.770 1.00 23.36 ? 116 ASP A CG  1 
ATOM   900  O  OD1 . ASP A 1 116 ? -13.552 -2.821  -14.834 1.00 22.04 ? 116 ASP A OD1 1 
ATOM   901  O  OD2 . ASP A 1 116 ? -15.200 -3.762  -15.931 1.00 23.81 ? 116 ASP A OD2 1 
ATOM   902  N  N   . GLY A 1 117 ? -12.730 0.236   -14.231 1.00 20.20 ? 117 GLY A N   1 
ATOM   903  C  CA  . GLY A 1 117 ? -12.938 0.951   -12.977 1.00 18.68 ? 117 GLY A CA  1 
ATOM   904  C  C   . GLY A 1 117 ? -13.675 0.134   -11.923 1.00 17.97 ? 117 GLY A C   1 
ATOM   905  O  O   . GLY A 1 117 ? -14.240 0.704   -10.983 1.00 17.30 ? 117 GLY A O   1 
ATOM   906  N  N   . TYR A 1 118 ? -13.665 -1.189  -12.105 1.00 18.02 ? 118 TYR A N   1 
ATOM   907  C  CA  . TYR A 1 118 ? -14.174 -2.161  -11.115 1.00 18.66 ? 118 TYR A CA  1 
ATOM   908  C  C   . TYR A 1 118 ? -13.236 -3.345  -10.979 1.00 17.58 ? 118 TYR A C   1 
ATOM   909  O  O   . TYR A 1 118 ? -12.629 -3.772  -11.953 1.00 18.24 ? 118 TYR A O   1 
ATOM   910  C  CB  . TYR A 1 118 ? -15.553 -2.704  -11.504 1.00 19.79 ? 118 TYR A CB  1 
ATOM   911  C  CG  . TYR A 1 118 ? -16.605 -1.642  -11.558 1.00 22.38 ? 118 TYR A CG  1 
ATOM   912  C  CD1 . TYR A 1 118 ? -17.268 -1.221  -10.404 1.00 23.21 ? 118 TYR A CD1 1 
ATOM   913  C  CD2 . TYR A 1 118 ? -16.918 -1.028  -12.773 1.00 25.64 ? 118 TYR A CD2 1 
ATOM   914  C  CE1 . TYR A 1 118 ? -18.238 -0.206  -10.469 1.00 25.72 ? 118 TYR A CE1 1 
ATOM   915  C  CE2 . TYR A 1 118 ? -17.873 -0.029  -12.848 1.00 26.47 ? 118 TYR A CE2 1 
ATOM   916  C  CZ  . TYR A 1 118 ? -18.519 0.382   -11.696 1.00 24.93 ? 118 TYR A CZ  1 
ATOM   917  O  OH  . TYR A 1 118 ? -19.468 1.380   -11.808 1.00 26.74 ? 118 TYR A OH  1 
ATOM   918  N  N   . VAL A 1 119 ? -13.139 -3.882  -9.768  1.00 16.87 ? 119 VAL A N   1 
ATOM   919  C  CA  . VAL A 1 119 ? -12.365 -5.107  -9.539  1.00 16.49 ? 119 VAL A CA  1 
ATOM   920  C  C   . VAL A 1 119 ? -13.196 -6.128  -8.755  1.00 16.20 ? 119 VAL A C   1 
ATOM   921  O  O   . VAL A 1 119 ? -13.848 -5.786  -7.774  1.00 16.54 ? 119 VAL A O   1 
ATOM   922  C  CB  . VAL A 1 119 ? -10.980 -4.832  -8.836  1.00 16.23 ? 119 VAL A CB  1 
ATOM   923  C  CG1 . VAL A 1 119 ? -10.109 -3.885  -9.670  1.00 16.13 ? 119 VAL A CG1 1 
ATOM   924  C  CG2 . VAL A 1 119 ? -11.143 -4.275  -7.423  1.00 15.55 ? 119 VAL A CG2 1 
ATOM   925  N  N   . SER A 1 120 ? -13.188 -7.377  -9.210  1.00 16.71 ? 120 SER A N   1 
ATOM   926  C  CA  . SER A 1 120 ? -13.916 -8.450  -8.545  1.00 17.08 ? 120 SER A CA  1 
ATOM   927  C  C   . SER A 1 120 ? -13.027 -9.130  -7.507  1.00 17.26 ? 120 SER A C   1 
ATOM   928  O  O   . SER A 1 120 ? -11.806 -8.896  -7.458  1.00 17.01 ? 120 SER A O   1 
ATOM   929  C  CB  . SER A 1 120 ? -14.308 -9.510  -9.576  1.00 16.88 ? 120 SER A CB  1 
ATOM   930  O  OG  . SER A 1 120 ? -13.124 -10.142 -10.080 1.00 19.87 ? 120 SER A OG  1 
ATOM   931  N  N   . LEU A 1 121 ? -13.637 -10.021 -6.721  1.00 16.98 ? 121 LEU A N   1 
ATOM   932  C  CA  . LEU A 1 121 ? -12.862 -10.807 -5.770  1.00 17.23 ? 121 LEU A CA  1 
ATOM   933  C  C   . LEU A 1 121 ? -11.741 -11.625 -6.440  1.00 16.73 ? 121 LEU A C   1 
ATOM   934  O  O   . LEU A 1 121 ? -10.596 -11.543 -5.988  1.00 15.89 ? 121 LEU A O   1 
ATOM   935  C  CB  . LEU A 1 121 ? -13.759 -11.677 -4.876  1.00 17.12 ? 121 LEU A CB  1 
ATOM   936  C  CG  . LEU A 1 121 ? -13.042 -12.659 -3.943  1.00 17.74 ? 121 LEU A CG  1 
ATOM   937  C  CD1 . LEU A 1 121 ? -12.145 -11.949 -2.927  1.00 17.19 ? 121 LEU A CD1 1 
ATOM   938  C  CD2 . LEU A 1 121 ? -14.111 -13.517 -3.230  1.00 19.00 ? 121 LEU A CD2 1 
ATOM   939  N  N   . PRO A 1 122 ? -12.054 -12.437 -7.477  1.00 17.15 ? 122 PRO A N   1 
ATOM   940  C  CA  . PRO A 1 122 ? -10.960 -13.173 -8.125  1.00 17.52 ? 122 PRO A CA  1 
ATOM   941  C  C   . PRO A 1 122 ? -9.784  -12.278 -8.545  1.00 17.56 ? 122 PRO A C   1 
ATOM   942  O  O   . PRO A 1 122 ? -8.625  -12.636 -8.324  1.00 17.95 ? 122 PRO A O   1 
ATOM   943  C  CB  . PRO A 1 122 ? -11.639 -13.787 -9.353  1.00 17.75 ? 122 PRO A CB  1 
ATOM   944  C  CG  . PRO A 1 122 ? -13.039 -14.026 -8.887  1.00 17.67 ? 122 PRO A CG  1 
ATOM   945  C  CD  . PRO A 1 122 ? -13.367 -12.805 -8.060  1.00 17.09 ? 122 PRO A CD  1 
ATOM   946  N  N   . GLU A 1 123 ? -10.081 -11.120 -9.127  1.00 16.50 ? 123 GLU A N   1 
ATOM   947  C  CA  . GLU A 1 123 ? -9.027  -10.189 -9.554  1.00 16.73 ? 123 GLU A CA  1 
ATOM   948  C  C   . GLU A 1 123 ? -8.167  -9.691  -8.387  1.00 16.23 ? 123 GLU A C   1 
ATOM   949  O  O   . GLU A 1 123 ? -6.924  -9.713  -8.431  1.00 15.18 ? 123 GLU A O   1 
ATOM   950  C  CB  . GLU A 1 123 ? -9.654  -8.976  -10.246 1.00 17.01 ? 123 GLU A CB  1 
ATOM   951  C  CG  . GLU A 1 123 ? -10.106 -9.280  -11.660 1.00 19.42 ? 123 GLU A CG  1 
ATOM   952  C  CD  . GLU A 1 123 ? -10.827 -8.107  -12.292 1.00 22.63 ? 123 GLU A CD  1 
ATOM   953  O  OE1 . GLU A 1 123 ? -11.752 -7.546  -11.658 1.00 21.93 ? 123 GLU A OE1 1 
ATOM   954  O  OE2 . GLU A 1 123 ? -10.456 -7.744  -13.422 1.00 24.13 ? 123 GLU A OE2 1 
ATOM   955  N  N   . PHE A 1 124 ? -8.868  -9.234  -7.360  1.00 15.05 ? 124 PHE A N   1 
ATOM   956  C  CA  . PHE A 1 124 ? -8.292  -8.649  -6.154  1.00 14.62 ? 124 PHE A CA  1 
ATOM   957  C  C   . PHE A 1 124 ? -7.454  -9.691  -5.413  1.00 14.63 ? 124 PHE A C   1 
ATOM   958  O  O   . PHE A 1 124 ? -6.308  -9.424  -5.052  1.00 14.74 ? 124 PHE A O   1 
ATOM   959  C  CB  . PHE A 1 124 ? -9.459  -8.179  -5.307  1.00 14.38 ? 124 PHE A CB  1 
ATOM   960  C  CG  . PHE A 1 124 ? -9.084  -7.511  -4.022  1.00 13.57 ? 124 PHE A CG  1 
ATOM   961  C  CD1 . PHE A 1 124 ? -9.151  -6.116  -3.905  1.00 15.33 ? 124 PHE A CD1 1 
ATOM   962  C  CD2 . PHE A 1 124 ? -8.751  -8.269  -2.896  1.00 14.84 ? 124 PHE A CD2 1 
ATOM   963  C  CE1 . PHE A 1 124 ? -8.850  -5.488  -2.678  1.00 16.42 ? 124 PHE A CE1 1 
ATOM   964  C  CE2 . PHE A 1 124 ? -8.450  -7.649  -1.680  1.00 15.95 ? 124 PHE A CE2 1 
ATOM   965  C  CZ  . PHE A 1 124 ? -8.509  -6.272  -1.568  1.00 17.76 ? 124 PHE A CZ  1 
ATOM   966  N  N   . LYS A 1 125 ? -8.012  -10.883 -5.223  1.00 14.40 ? 125 LYS A N   1 
ATOM   967  C  CA  . LYS A 1 125 ? -7.288  -11.972 -4.544  1.00 14.98 ? 125 LYS A CA  1 
ATOM   968  C  C   . LYS A 1 125 ? -6.011  -12.388 -5.291  1.00 14.88 ? 125 LYS A C   1 
ATOM   969  O  O   . LYS A 1 125 ? -4.957  -12.588 -4.658  1.00 15.20 ? 125 LYS A O   1 
ATOM   970  C  CB  . LYS A 1 125 ? -8.223  -13.168 -4.334  1.00 14.99 ? 125 LYS A CB  1 
ATOM   971  C  CG  . LYS A 1 125 ? -7.627  -14.363 -3.580  1.00 15.37 ? 125 LYS A CG  1 
ATOM   972  C  CD  . LYS A 1 125 ? -8.678  -15.492 -3.470  1.00 16.84 ? 125 LYS A CD  1 
ATOM   973  C  CE  . LYS A 1 125 ? -8.113  -16.782 -2.856  1.00 18.67 ? 125 LYS A CE  1 
ATOM   974  N  NZ  . LYS A 1 125 ? -7.143  -17.471 -3.785  1.00 19.14 ? 125 LYS A NZ  1 
ATOM   975  N  N   . ALA A 1 126 ? -6.093  -12.504 -6.620  1.00 15.22 ? 126 ALA A N   1 
ATOM   976  C  CA  . ALA A 1 126 ? -4.923  -12.876 -7.438  1.00 15.56 ? 126 ALA A CA  1 
ATOM   977  C  C   . ALA A 1 126 ? -3.814  -11.841 -7.296  1.00 15.61 ? 126 ALA A C   1 
ATOM   978  O  O   . ALA A 1 126 ? -2.627  -12.192 -7.140  1.00 16.09 ? 126 ALA A O   1 
ATOM   979  C  CB  . ALA A 1 126 ? -5.312  -13.041 -8.910  1.00 15.75 ? 126 ALA A CB  1 
ATOM   980  N  N   . PHE A 1 127 ? -4.203  -10.567 -7.319  1.00 14.83 ? 127 PHE A N   1 
ATOM   981  C  CA  . PHE A 1 127 ? -3.230  -9.485  -7.179  1.00 14.71 ? 127 PHE A CA  1 
ATOM   982  C  C   . PHE A 1 127 ? -2.597  -9.461  -5.780  1.00 14.24 ? 127 PHE A C   1 
ATOM   983  O  O   . PHE A 1 127 ? -1.369  -9.432  -5.627  1.00 14.06 ? 127 PHE A O   1 
ATOM   984  C  CB  . PHE A 1 127 ? -3.849  -8.122  -7.522  1.00 14.14 ? 127 PHE A CB  1 
ATOM   985  C  CG  . PHE A 1 127 ? -2.902  -6.969  -7.316  1.00 13.97 ? 127 PHE A CG  1 
ATOM   986  C  CD1 . PHE A 1 127 ? -2.069  -6.547  -8.346  1.00 14.99 ? 127 PHE A CD1 1 
ATOM   987  C  CD2 . PHE A 1 127 ? -2.816  -6.334  -6.076  1.00 14.37 ? 127 PHE A CD2 1 
ATOM   988  C  CE1 . PHE A 1 127 ? -1.178  -5.498  -8.150  1.00 13.05 ? 127 PHE A CE1 1 
ATOM   989  C  CE2 . PHE A 1 127 ? -1.935  -5.279  -5.872  1.00 14.26 ? 127 PHE A CE2 1 
ATOM   990  C  CZ  . PHE A 1 127 ? -1.110  -4.871  -6.914  1.00 13.42 ? 127 PHE A CZ  1 
ATOM   991  N  N   . LEU A 1 128 ? -3.442  -9.494  -4.760  1.00 13.68 ? 128 LEU A N   1 
ATOM   992  C  CA  . LEU A 1 128 ? -2.966  -9.410  -3.394  1.00 13.89 ? 128 LEU A CA  1 
ATOM   993  C  C   . LEU A 1 128 ? -2.054  -10.585 -3.027  1.00 14.50 ? 128 LEU A C   1 
ATOM   994  O  O   . LEU A 1 128 ? -1.052  -10.405 -2.342  1.00 14.32 ? 128 LEU A O   1 
ATOM   995  C  CB  . LEU A 1 128 ? -4.146  -9.309  -2.427  1.00 14.58 ? 128 LEU A CB  1 
ATOM   996  C  CG  . LEU A 1 128 ? -3.749  -9.127  -0.973  1.00 15.29 ? 128 LEU A CG  1 
ATOM   997  C  CD1 . LEU A 1 128 ? -2.820  -7.900  -0.796  1.00 16.84 ? 128 LEU A CD1 1 
ATOM   998  C  CD2 . LEU A 1 128 ? -5.018  -8.980  -0.126  1.00 15.42 ? 128 LEU A CD2 1 
ATOM   999  N  N   . GLN A 1 129 ? -2.396  -11.786 -3.499  1.00 13.57 ? 129 GLN A N   1 
ATOM   1000 C  CA  . GLN A 1 129 ? -1.566  -12.962 -3.211  1.00 14.24 ? 129 GLN A CA  1 
ATOM   1001 C  C   . GLN A 1 129 ? -0.308  -13.051 -4.084  1.00 15.12 ? 129 GLN A C   1 
ATOM   1002 O  O   . GLN A 1 129 ? 0.606   -13.826 -3.783  1.00 15.41 ? 129 GLN A O   1 
ATOM   1003 C  CB  . GLN A 1 129 ? -2.397  -14.229 -3.300  1.00 14.64 ? 129 GLN A CB  1 
ATOM   1004 C  CG  . GLN A 1 129 ? -3.437  -14.282 -2.167  1.00 15.86 ? 129 GLN A CG  1 
ATOM   1005 C  CD  . GLN A 1 129 ? -4.212  -15.576 -2.175  1.00 17.93 ? 129 GLN A CD  1 
ATOM   1006 O  OE1 . GLN A 1 129 ? -4.623  -16.043 -3.239  1.00 16.72 ? 129 GLN A OE1 1 
ATOM   1007 N  NE2 . GLN A 1 129 ? -4.401  -16.171 -0.999  1.00 17.26 ? 129 GLN A NE2 1 
ATOM   1008 N  N   . ALA A 1 130 ? -0.266  -12.278 -5.161  1.00 14.60 ? 130 ALA A N   1 
ATOM   1009 C  CA  . ALA A 1 130 ? 0.972   -12.140 -5.933  1.00 15.36 ? 130 ALA A CA  1 
ATOM   1010 C  C   . ALA A 1 130 ? 1.935   -11.212 -5.208  1.00 15.40 ? 130 ALA A C   1 
ATOM   1011 O  O   . ALA A 1 130 ? 3.118   -11.531 -5.059  1.00 14.91 ? 130 ALA A O   1 
ATOM   1012 C  CB  . ALA A 1 130 ? 0.684   -11.644 -7.351  1.00 15.15 ? 130 ALA A CB  1 
ATOM   1013 N  N   . VAL A 1 131 ? 1.446   -10.069 -4.725  1.00 15.00 ? 131 VAL A N   1 
ATOM   1014 C  CA  . VAL A 1 131 ? 2.336   -9.152  -3.994  1.00 15.62 ? 131 VAL A CA  1 
ATOM   1015 C  C   . VAL A 1 131 ? 2.684   -9.740  -2.638  1.00 15.32 ? 131 VAL A C   1 
ATOM   1016 O  O   . VAL A 1 131 ? 3.800   -9.554  -2.144  1.00 15.49 ? 131 VAL A O   1 
ATOM   1017 C  CB  . VAL A 1 131 ? 1.808   -7.685  -3.881  1.00 16.62 ? 131 VAL A CB  1 
ATOM   1018 C  CG1 . VAL A 1 131 ? 1.441   -7.154  -5.278  1.00 16.52 ? 131 VAL A CG1 1 
ATOM   1019 C  CG2 . VAL A 1 131 ? 0.643   -7.588  -2.950  1.00 18.54 ? 131 VAL A CG2 1 
ATOM   1020 N  N   . GLY A 1 132 ? 1.735   -10.493 -2.072  1.00 14.58 ? 132 GLY A N   1 
ATOM   1021 C  CA  . GLY A 1 132 ? 1.907   -11.107 -0.748  1.00 14.43 ? 132 GLY A CA  1 
ATOM   1022 C  C   . GLY A 1 132 ? 1.541   -12.585 -0.753  1.00 14.78 ? 132 GLY A C   1 
ATOM   1023 O  O   . GLY A 1 132 ? 0.485   -12.979 -0.249  1.00 14.70 ? 132 GLY A O   1 
ATOM   1024 N  N   . PRO A 1 133 ? 2.415   -13.424 -1.319  1.00 14.97 ? 133 PRO A N   1 
ATOM   1025 C  CA  . PRO A 1 133 ? 2.159   -14.876 -1.433  1.00 15.23 ? 133 PRO A CA  1 
ATOM   1026 C  C   . PRO A 1 133 ? 2.065   -15.599 -0.094  1.00 15.28 ? 133 PRO A C   1 
ATOM   1027 O  O   . PRO A 1 133 ? 1.573   -16.735 -0.030  1.00 16.10 ? 133 PRO A O   1 
ATOM   1028 C  CB  . PRO A 1 133 ? 3.341   -15.395 -2.258  1.00 15.89 ? 133 PRO A CB  1 
ATOM   1029 C  CG  . PRO A 1 133 ? 4.396   -14.303 -2.187  1.00 15.45 ? 133 PRO A CG  1 
ATOM   1030 C  CD  . PRO A 1 133 ? 3.701   -13.009 -1.915  1.00 14.83 ? 133 PRO A CD  1 
ATOM   1031 N  N   . ASP A 1 134 ? 2.512   -14.939 0.965   1.00 14.61 ? 134 ASP A N   1 
ATOM   1032 C  CA  . ASP A 1 134 ? 2.394   -15.466 2.322   1.00 15.43 ? 134 ASP A CA  1 
ATOM   1033 C  C   . ASP A 1 134 ? 0.949   -15.358 2.853   1.00 14.90 ? 134 ASP A C   1 
ATOM   1034 O  O   . ASP A 1 134 ? 0.601   -15.992 3.862   1.00 15.15 ? 134 ASP A O   1 
ATOM   1035 C  CB  . ASP A 1 134 ? 3.346   -14.698 3.243   1.00 15.95 ? 134 ASP A CB  1 
ATOM   1036 C  CG  . ASP A 1 134 ? 3.087   -13.206 3.222   1.00 17.25 ? 134 ASP A CG  1 
ATOM   1037 O  OD1 . ASP A 1 134 ? 3.147   -12.608 2.121   1.00 17.47 ? 134 ASP A OD1 1 
ATOM   1038 O  OD2 . ASP A 1 134 ? 2.803   -12.625 4.297   1.00 21.07 ? 134 ASP A OD2 1 
ATOM   1039 N  N   . LEU A 1 135 ? 0.115   -14.548 2.190   1.00 14.41 ? 135 LEU A N   1 
ATOM   1040 C  CA  . LEU A 1 135 ? -1.255  -14.274 2.651   1.00 14.82 ? 135 LEU A CA  1 
ATOM   1041 C  C   . LEU A 1 135 ? -2.244  -15.382 2.309   1.00 15.17 ? 135 LEU A C   1 
ATOM   1042 O  O   . LEU A 1 135 ? -2.399  -15.736 1.135   1.00 15.59 ? 135 LEU A O   1 
ATOM   1043 C  CB  . LEU A 1 135 ? -1.757  -12.943 2.063   1.00 14.39 ? 135 LEU A CB  1 
ATOM   1044 C  CG  . LEU A 1 135 ? -0.988  -11.690 2.518   1.00 15.71 ? 135 LEU A CG  1 
ATOM   1045 C  CD1 . LEU A 1 135 ? -1.444  -10.455 1.744   1.00 16.41 ? 135 LEU A CD1 1 
ATOM   1046 C  CD2 . LEU A 1 135 ? -1.109  -11.469 4.018   1.00 15.72 ? 135 LEU A CD2 1 
ATOM   1047 N  N   . THR A 1 136 ? -2.891  -15.922 3.348   1.00 16.43 ? 136 THR A N   1 
ATOM   1048 C  CA  . THR A 1 136 ? -3.908  -16.970 3.195   1.00 17.29 ? 136 THR A CA  1 
ATOM   1049 C  C   . THR A 1 136 ? -5.101  -16.461 2.395   1.00 18.03 ? 136 THR A C   1 
ATOM   1050 O  O   . THR A 1 136 ? -5.377  -15.250 2.357   1.00 17.45 ? 136 THR A O   1 
ATOM   1051 C  CB  . THR A 1 136 ? -4.448  -17.440 4.562   1.00 16.73 ? 136 THR A CB  1 
ATOM   1052 O  OG1 . THR A 1 136 ? -5.014  -16.329 5.260   1.00 16.99 ? 136 THR A OG1 1 
ATOM   1053 C  CG2 . THR A 1 136 ? -3.333  -18.030 5.419   1.00 18.01 ? 136 THR A CG2 1 
ATOM   1054 N  N   . ASP A 1 137 ? -5.844  -17.395 1.803   1.00 18.92 ? 137 ASP A N   1 
ATOM   1055 C  CA  . ASP A 1 137 ? -7.115  -17.047 1.150   1.00 19.67 ? 137 ASP A CA  1 
ATOM   1056 C  C   . ASP A 1 137 ? -8.043  -16.292 2.113   1.00 19.47 ? 137 ASP A C   1 
ATOM   1057 O  O   . ASP A 1 137 ? -8.659  -15.293 1.735   1.00 19.27 ? 137 ASP A O   1 
ATOM   1058 C  CB  . ASP A 1 137 ? -7.814  -18.297 0.600   1.00 20.55 ? 137 ASP A CB  1 
ATOM   1059 C  CG  . ASP A 1 137 ? -7.011  -19.015 -0.460  1.00 23.14 ? 137 ASP A CG  1 
ATOM   1060 O  OD1 . ASP A 1 137 ? -6.033  -18.468 -1.011  1.00 23.77 ? 137 ASP A OD1 1 
ATOM   1061 O  OD2 . ASP A 1 137 ? -7.367  -20.182 -0.763  1.00 29.39 ? 137 ASP A OD2 1 
ATOM   1062 N  N   . ASP A 1 138 ? -8.120  -16.747 3.366   1.00 19.40 ? 138 ASP A N   1 
ATOM   1063 C  CA  . ASP A 1 138 ? -8.918  -16.076 4.383   1.00 19.56 ? 138 ASP A CA  1 
ATOM   1064 C  C   . ASP A 1 138 ? -8.525  -14.607 4.504   1.00 18.99 ? 138 ASP A C   1 
ATOM   1065 O  O   . ASP A 1 138 ? -9.380  -13.744 4.429   1.00 17.65 ? 138 ASP A O   1 
ATOM   1066 C  CB  . ASP A 1 138 ? -8.811  -16.775 5.747   1.00 20.72 ? 138 ASP A CB  1 
ATOM   1067 C  CG  . ASP A 1 138 ? -9.507  -15.993 6.841   1.00 25.30 ? 138 ASP A CG  1 
ATOM   1068 O  OD1 . ASP A 1 138 ? -10.716 -15.722 6.702   1.00 29.96 ? 138 ASP A OD1 1 
ATOM   1069 O  OD2 . ASP A 1 138 ? -8.853  -15.624 7.839   1.00 31.88 ? 138 ASP A OD2 1 
ATOM   1070 N  N   . LYS A 1 139 ? -7.228  -14.320 4.650   1.00 17.22 ? 139 LYS A N   1 
ATOM   1071 C  CA  . LYS A 1 139 ? -6.801  -12.935 4.750   1.00 16.79 ? 139 LYS A CA  1 
ATOM   1072 C  C   . LYS A 1 139 ? -7.133  -12.105 3.520   1.00 15.76 ? 139 LYS A C   1 
ATOM   1073 O  O   . LYS A 1 139 ? -7.575  -10.960 3.651   1.00 15.51 ? 139 LYS A O   1 
ATOM   1074 C  CB  . LYS A 1 139 ? -5.309  -12.825 5.107   1.00 16.31 ? 139 LYS A CB  1 
ATOM   1075 C  CG  . LYS A 1 139 ? -5.044  -13.211 6.562   1.00 18.59 ? 139 LYS A CG  1 
ATOM   1076 C  CD  . LYS A 1 139 ? -3.552  -13.131 6.885   1.00 22.42 ? 139 LYS A CD  1 
ATOM   1077 C  CE  . LYS A 1 139 ? -3.172  -14.020 8.095   1.00 27.17 ? 139 LYS A CE  1 
ATOM   1078 N  NZ  . LYS A 1 139 ? -4.093  -13.854 9.252   1.00 30.12 ? 139 LYS A NZ  1 
ATOM   1079 N  N   . ALA A 1 140 ? -6.921  -12.670 2.331   1.00 15.39 ? 140 ALA A N   1 
ATOM   1080 C  CA  . ALA A 1 140 ? -7.149  -11.906 1.102   1.00 15.60 ? 140 ALA A CA  1 
ATOM   1081 C  C   . ALA A 1 140 ? -8.637  -11.603 0.923   1.00 15.80 ? 140 ALA A C   1 
ATOM   1082 O  O   . ALA A 1 140 ? -9.018  -10.511 0.541   1.00 14.94 ? 140 ALA A O   1 
ATOM   1083 C  CB  . ALA A 1 140 ? -6.615  -12.663 -0.097  1.00 15.05 ? 140 ALA A CB  1 
ATOM   1084 N  N   . ILE A 1 141 ? -9.468  -12.586 1.251   1.00 15.82 ? 141 ILE A N   1 
ATOM   1085 C  CA  . ILE A 1 141 ? -10.911 -12.471 1.039   1.00 16.10 ? 141 ILE A CA  1 
ATOM   1086 C  C   . ILE A 1 141 ? -11.532 -11.565 2.100   1.00 16.33 ? 141 ILE A C   1 
ATOM   1087 O  O   . ILE A 1 141 ? -12.430 -10.775 1.805   1.00 16.23 ? 141 ILE A O   1 
ATOM   1088 C  CB  . ILE A 1 141 ? -11.565 -13.872 1.009   1.00 15.97 ? 141 ILE A CB  1 
ATOM   1089 C  CG1 . ILE A 1 141 ? -11.072 -14.621 -0.233  1.00 16.67 ? 141 ILE A CG1 1 
ATOM   1090 C  CG2 . ILE A 1 141 ? -13.103 -13.745 1.015   1.00 16.44 ? 141 ILE A CG2 1 
ATOM   1091 C  CD1 . ILE A 1 141 ? -11.352 -16.110 -0.256  1.00 17.06 ? 141 ILE A CD1 1 
ATOM   1092 N  N   . THR A 1 142 ? -11.047 -11.671 3.334   1.00 15.63 ? 142 THR A N   1 
ATOM   1093 C  CA  . THR A 1 142 ? -11.446 -10.748 4.393   1.00 17.07 ? 142 THR A CA  1 
ATOM   1094 C  C   . THR A 1 142 ? -11.180 -9.303  3.982   1.00 16.37 ? 142 THR A C   1 
ATOM   1095 O  O   . THR A 1 142 ? -12.032 -8.429  4.172   1.00 16.24 ? 142 THR A O   1 
ATOM   1096 C  CB  . THR A 1 142 ? -10.739 -11.065 5.727   1.00 17.40 ? 142 THR A CB  1 
ATOM   1097 O  OG1 . THR A 1 142 ? -11.235 -12.312 6.234   1.00 19.25 ? 142 THR A OG1 1 
ATOM   1098 C  CG2 . THR A 1 142 ? -10.975 -9.956  6.739   1.00 19.56 ? 142 THR A CG2 1 
ATOM   1099 N  N   . CYS A 1 143 ? -9.994  -9.071  3.413   1.00 15.77 ? 143 CYS A N   1 
ATOM   1100 C  CA  . CYS A 1 143 ? -9.589  -7.745  2.977   1.00 15.52 ? 143 CYS A CA  1 
ATOM   1101 C  C   . CYS A 1 143 ? -10.554 -7.197  1.896   1.00 15.85 ? 143 CYS A C   1 
ATOM   1102 O  O   . CYS A 1 143 ? -11.071 -6.057  2.012   1.00 16.29 ? 143 CYS A O   1 
ATOM   1103 C  CB  . CYS A 1 143 ? -8.134  -7.786  2.480   1.00 15.69 ? 143 CYS A CB  1 
ATOM   1104 S  SG  . CYS A 1 143 ? -7.440  -6.161  2.043   1.00 14.58 ? 143 CYS A SG  1 
ATOM   1105 N  N   . PHE A 1 144 ? -10.806 -8.013  0.874   1.00 15.53 ? 144 PHE A N   1 
ATOM   1106 C  CA  . PHE A 1 144 ? -11.758 -7.658  -0.186  1.00 15.55 ? 144 PHE A CA  1 
ATOM   1107 C  C   . PHE A 1 144 ? -13.115 -7.307  0.410   1.00 15.52 ? 144 PHE A C   1 
ATOM   1108 O  O   . PHE A 1 144 ? -13.706 -6.271  0.073   1.00 15.68 ? 144 PHE A O   1 
ATOM   1109 C  CB  . PHE A 1 144 ? -11.960 -8.819  -1.164  1.00 15.98 ? 144 PHE A CB  1 
ATOM   1110 C  CG  . PHE A 1 144 ? -13.007 -8.533  -2.220  1.00 16.04 ? 144 PHE A CG  1 
ATOM   1111 C  CD1 . PHE A 1 144 ? -12.673 -7.843  -3.390  1.00 17.44 ? 144 PHE A CD1 1 
ATOM   1112 C  CD2 . PHE A 1 144 ? -14.347 -8.897  -2.013  1.00 16.85 ? 144 PHE A CD2 1 
ATOM   1113 C  CE1 . PHE A 1 144 ? -13.646 -7.538  -4.359  1.00 16.39 ? 144 PHE A CE1 1 
ATOM   1114 C  CE2 . PHE A 1 144 ? -15.332 -8.597  -2.977  1.00 16.47 ? 144 PHE A CE2 1 
ATOM   1115 C  CZ  . PHE A 1 144 ? -14.978 -7.927  -4.150  1.00 16.86 ? 144 PHE A CZ  1 
ATOM   1116 N  N   . ASN A 1 145 ? -13.623 -8.200  1.267   1.00 15.19 ? 145 ASN A N   1 
ATOM   1117 C  CA  . ASN A 1 145 ? -14.963 -8.014  1.831   1.00 15.42 ? 145 ASN A CA  1 
ATOM   1118 C  C   . ASN A 1 145 ? -15.124 -6.679  2.565   1.00 15.31 ? 145 ASN A C   1 
ATOM   1119 O  O   . ASN A 1 145 ? -16.139 -6.001  2.432   1.00 15.67 ? 145 ASN A O   1 
ATOM   1120 C  CB  . ASN A 1 145 ? -15.300 -9.187  2.753   1.00 15.27 ? 145 ASN A CB  1 
ATOM   1121 C  CG  . ASN A 1 145 ? -16.749 -9.156  3.227   1.00 15.56 ? 145 ASN A CG  1 
ATOM   1122 O  OD1 . ASN A 1 145 ? -17.675 -9.124  2.401   1.00 16.39 ? 145 ASN A OD1 1 
ATOM   1123 N  ND2 . ASN A 1 145 ? -16.948 -9.163  4.552   1.00 16.25 ? 145 ASN A ND2 1 
ATOM   1124 N  N   . THR A 1 146 ? -14.109 -6.290  3.330   1.00 15.14 ? 146 THR A N   1 
ATOM   1125 C  CA  . THR A 1 146 ? -14.131 -5.022  4.031   1.00 15.40 ? 146 THR A CA  1 
ATOM   1126 C  C   . THR A 1 146 ? -14.028 -3.818  3.068   1.00 14.96 ? 146 THR A C   1 
ATOM   1127 O  O   . THR A 1 146 ? -14.764 -2.834  3.205   1.00 14.58 ? 146 THR A O   1 
ATOM   1128 C  CB  . THR A 1 146 ? -13.034 -4.963  5.135   1.00 15.12 ? 146 THR A CB  1 
ATOM   1129 O  OG1 . THR A 1 146 ? -13.219 -6.045  6.084   1.00 16.09 ? 146 THR A OG1 1 
ATOM   1130 C  CG2 . THR A 1 146 ? -13.083 -3.607  5.858   1.00 15.34 ? 146 THR A CG2 1 
ATOM   1131 N  N   . LEU A 1 147 ? -13.132 -3.898  2.084   1.00 14.05 ? 147 LEU A N   1 
ATOM   1132 C  CA  . LEU A 1 147 ? -12.942 -2.784  1.157   1.00 14.58 ? 147 LEU A CA  1 
ATOM   1133 C  C   . LEU A 1 147 ? -14.125 -2.592  0.219   1.00 14.69 ? 147 LEU A C   1 
ATOM   1134 O  O   . LEU A 1 147 ? -14.337 -1.503  -0.319  1.00 14.76 ? 147 LEU A O   1 
ATOM   1135 C  CB  . LEU A 1 147 ? -11.659 -2.972  0.352   1.00 14.20 ? 147 LEU A CB  1 
ATOM   1136 C  CG  . LEU A 1 147 ? -10.441 -2.227  0.906   1.00 14.05 ? 147 LEU A CG  1 
ATOM   1137 C  CD1 . LEU A 1 147 ? -10.098 -2.664  2.302   1.00 14.79 ? 147 LEU A CD1 1 
ATOM   1138 C  CD2 . LEU A 1 147 ? -9.252  -2.503  0.006   1.00 13.15 ? 147 LEU A CD2 1 
ATOM   1139 N  N   . ASP A 1 148 ? -14.881 -3.669  0.035   1.00 14.75 ? 148 ASP A N   1 
ATOM   1140 C  CA  . ASP A 1 148 ? -16.170 -3.660  -0.662  1.00 15.60 ? 148 ASP A CA  1 
ATOM   1141 C  C   . ASP A 1 148 ? -17.209 -3.103  0.321   1.00 15.76 ? 148 ASP A C   1 
ATOM   1142 O  O   . ASP A 1 148 ? -18.116 -3.822  0.785   1.00 15.64 ? 148 ASP A O   1 
ATOM   1143 C  CB  . ASP A 1 148 ? -16.512 -5.100  -1.098  1.00 15.15 ? 148 ASP A CB  1 
ATOM   1144 C  CG  . ASP A 1 148 ? -17.861 -5.216  -1.827  1.00 17.21 ? 148 ASP A CG  1 
ATOM   1145 O  OD1 . ASP A 1 148 ? -18.351 -4.223  -2.411  1.00 16.91 ? 148 ASP A OD1 1 
ATOM   1146 O  OD2 . ASP A 1 148 ? -18.419 -6.334  -1.809  1.00 16.17 ? 148 ASP A OD2 1 
ATOM   1147 N  N   . PHE A 1 149 ? -17.062 -1.822  0.658   1.00 15.33 ? 149 PHE A N   1 
ATOM   1148 C  CA  . PHE A 1 149 ? -17.837 -1.244  1.747   1.00 16.86 ? 149 PHE A CA  1 
ATOM   1149 C  C   . PHE A 1 149 ? -19.289 -0.984  1.355   1.00 16.96 ? 149 PHE A C   1 
ATOM   1150 O  O   . PHE A 1 149 ? -20.168 -0.836  2.231   1.00 16.88 ? 149 PHE A O   1 
ATOM   1151 C  CB  . PHE A 1 149 ? -17.137 -0.028  2.381   1.00 16.91 ? 149 PHE A CB  1 
ATOM   1152 C  CG  . PHE A 1 149 ? -16.887 1.131   1.433   1.00 17.82 ? 149 PHE A CG  1 
ATOM   1153 C  CD1 . PHE A 1 149 ? -17.926 2.008   1.088   1.00 17.32 ? 149 PHE A CD1 1 
ATOM   1154 C  CD2 . PHE A 1 149 ? -15.608 1.392   0.964   1.00 16.93 ? 149 PHE A CD2 1 
ATOM   1155 C  CE1 . PHE A 1 149 ? -17.692 3.097   0.246   1.00 18.49 ? 149 PHE A CE1 1 
ATOM   1156 C  CE2 . PHE A 1 149 ? -15.364 2.485   0.129   1.00 17.45 ? 149 PHE A CE2 1 
ATOM   1157 C  CZ  . PHE A 1 149 ? -16.403 3.338   -0.223  1.00 17.59 ? 149 PHE A CZ  1 
ATOM   1158 N  N   . ASN A 1 150 ? -19.541 -0.951  0.048   1.00 17.13 ? 150 ASN A N   1 
ATOM   1159 C  CA  . ASN A 1 150 ? -20.917 -0.944  -0.447  1.00 17.70 ? 150 ASN A CA  1 
ATOM   1160 C  C   . ASN A 1 150 ? -21.490 -2.332  -0.687  1.00 17.37 ? 150 ASN A C   1 
ATOM   1161 O  O   . ASN A 1 150 ? -22.663 -2.461  -1.059  1.00 18.70 ? 150 ASN A O   1 
ATOM   1162 C  CB  . ASN A 1 150 ? -21.045 -0.052  -1.683  1.00 17.61 ? 150 ASN A CB  1 
ATOM   1163 C  CG  . ASN A 1 150 ? -20.935 1.414   -1.325  1.00 19.01 ? 150 ASN A CG  1 
ATOM   1164 O  OD1 . ASN A 1 150 ? -21.469 1.854   -0.300  1.00 21.18 ? 150 ASN A OD1 1 
ATOM   1165 N  ND2 . ASN A 1 150 ? -20.217 2.168   -2.136  1.00 19.45 ? 150 ASN A ND2 1 
ATOM   1166 N  N   . LYS A 1 151 ? -20.674 -3.362  -0.451  1.00 16.73 ? 151 LYS A N   1 
ATOM   1167 C  CA  . LYS A 1 151 ? -21.100 -4.772  -0.540  1.00 16.46 ? 151 LYS A CA  1 
ATOM   1168 C  C   . LYS A 1 151 ? -21.779 -5.129  -1.873  1.00 17.02 ? 151 LYS A C   1 
ATOM   1169 O  O   . LYS A 1 151 ? -22.890 -5.686  -1.902  1.00 17.55 ? 151 LYS A O   1 
ATOM   1170 C  CB  . LYS A 1 151 ? -21.950 -5.184  0.680   1.00 17.05 ? 151 LYS A CB  1 
ATOM   1171 C  CG  . LYS A 1 151 ? -21.186 -5.167  2.012   1.00 17.30 ? 151 LYS A CG  1 
ATOM   1172 C  CD  . LYS A 1 151 ? -20.109 -6.263  2.042   1.00 16.43 ? 151 LYS A CD  1 
ATOM   1173 C  CE  . LYS A 1 151 ? -19.409 -6.277  3.397   1.00 17.06 ? 151 LYS A CE  1 
ATOM   1174 N  NZ  . LYS A 1 151 ? -18.531 -5.060  3.574   1.00 14.74 ? 151 LYS A NZ  1 
ATOM   1175 N  N   . ASN A 1 152 ? -21.085 -4.797  -2.963  1.00 17.33 ? 152 ASN A N   1 
ATOM   1176 C  CA  . ASN A 1 152 ? -21.530 -5.068  -4.334  1.00 18.18 ? 152 ASN A CA  1 
ATOM   1177 C  C   . ASN A 1 152 ? -20.817 -6.249  -4.963  1.00 18.22 ? 152 ASN A C   1 
ATOM   1178 O  O   . ASN A 1 152 ? -21.076 -6.591  -6.123  1.00 18.16 ? 152 ASN A O   1 
ATOM   1179 C  CB  . ASN A 1 152 ? -21.320 -3.835  -5.220  1.00 18.64 ? 152 ASN A CB  1 
ATOM   1180 C  CG  . ASN A 1 152 ? -22.252 -2.694  -4.852  1.00 20.75 ? 152 ASN A CG  1 
ATOM   1181 O  OD1 . ASN A 1 152 ? -23.446 -2.902  -4.611  1.00 23.00 ? 152 ASN A OD1 1 
ATOM   1182 N  ND2 . ASN A 1 152 ? -21.715 -1.489  -4.813  1.00 21.08 ? 152 ASN A ND2 1 
ATOM   1183 N  N   . GLY A 1 153 ? -19.904 -6.860  -4.217  1.00 17.82 ? 153 GLY A N   1 
ATOM   1184 C  CA  . GLY A 1 153 ? -19.116 -7.957  -4.767  1.00 18.28 ? 153 GLY A CA  1 
ATOM   1185 C  C   . GLY A 1 153 ? -18.073 -7.456  -5.738  1.00 18.45 ? 153 GLY A C   1 
ATOM   1186 O  O   . GLY A 1 153 ? -17.464 -8.239  -6.448  1.00 19.16 ? 153 GLY A O   1 
ATOM   1187 N  N   . GLN A 1 154 ? -17.879 -6.141  -5.784  1.00 18.05 ? 154 GLN A N   1 
ATOM   1188 C  CA  . GLN A 1 154 ? -16.806 -5.546  -6.586  1.00 17.98 ? 154 GLN A CA  1 
ATOM   1189 C  C   . GLN A 1 154 ? -16.490 -4.175  -6.026  1.00 16.93 ? 154 GLN A C   1 
ATOM   1190 O  O   . GLN A 1 154 ? -17.365 -3.506  -5.459  1.00 16.18 ? 154 GLN A O   1 
ATOM   1191 C  CB  . GLN A 1 154 ? -17.180 -5.444  -8.069  1.00 18.81 ? 154 GLN A CB  1 
ATOM   1192 C  CG  . GLN A 1 154 ? -18.506 -4.720  -8.338  1.00 19.36 ? 154 GLN A CG  1 
ATOM   1193 C  CD  . GLN A 1 154 ? -18.809 -4.589  -9.815  1.00 20.78 ? 154 GLN A CD  1 
ATOM   1194 O  OE1 . GLN A 1 154 ? -18.290 -5.347  -10.637 1.00 23.34 ? 154 GLN A OE1 1 
ATOM   1195 N  NE2 . GLN A 1 154 ? -19.648 -3.610  -10.166 1.00 24.65 ? 154 GLN A NE2 1 
ATOM   1196 N  N   . ILE A 1 155 ? -15.231 -3.767  -6.180  1.00 15.68 ? 155 ILE A N   1 
ATOM   1197 C  CA  . ILE A 1 155 ? -14.777 -2.498  -5.641  1.00 14.91 ? 155 ILE A CA  1 
ATOM   1198 C  C   . ILE A 1 155 ? -14.445 -1.555  -6.801  1.00 14.38 ? 155 ILE A C   1 
ATOM   1199 O  O   . ILE A 1 155 ? -13.638 -1.897  -7.677  1.00 14.10 ? 155 ILE A O   1 
ATOM   1200 C  CB  . ILE A 1 155 ? -13.518 -2.651  -4.746  1.00 15.26 ? 155 ILE A CB  1 
ATOM   1201 C  CG1 . ILE A 1 155 ? -13.783 -3.635  -3.590  1.00 15.52 ? 155 ILE A CG1 1 
ATOM   1202 C  CG2 . ILE A 1 155 ? -13.109 -1.274  -4.183  1.00 15.80 ? 155 ILE A CG2 1 
ATOM   1203 C  CD1 . ILE A 1 155 ? -12.497 -4.224  -2.948  1.00 16.12 ? 155 ILE A CD1 1 
ATOM   1204 N  N   . SER A 1 156 ? -15.092 -0.392  -6.787  1.00 14.24 ? 156 SER A N   1 
ATOM   1205 C  CA  . SER A 1 156 ? -14.878 0.624   -7.811  1.00 14.87 ? 156 SER A CA  1 
ATOM   1206 C  C   . SER A 1 156 ? -13.566 1.364   -7.547  1.00 14.98 ? 156 SER A C   1 
ATOM   1207 O  O   . SER A 1 156 ? -13.020 1.327   -6.430  1.00 14.21 ? 156 SER A O   1 
ATOM   1208 C  CB  . SER A 1 156 ? -16.042 1.620   -7.857  1.00 15.08 ? 156 SER A CB  1 
ATOM   1209 O  OG  . SER A 1 156 ? -16.013 2.529   -6.762  1.00 15.26 ? 156 SER A OG  1 
ATOM   1210 N  N   . ARG A 1 157 ? -13.071 2.040   -8.577  1.00 14.65 ? 157 ARG A N   1 
ATOM   1211 C  CA  . ARG A 1 157 ? -11.880 2.862   -8.418  1.00 15.06 ? 157 ARG A CA  1 
ATOM   1212 C  C   . ARG A 1 157 ? -12.056 3.913   -7.310  1.00 15.13 ? 157 ARG A C   1 
ATOM   1213 O  O   . ARG A 1 157 ? -11.194 4.051   -6.442  1.00 15.12 ? 157 ARG A O   1 
ATOM   1214 C  CB  . ARG A 1 157 ? -11.530 3.535   -9.741  1.00 14.96 ? 157 ARG A CB  1 
ATOM   1215 C  CG  . ARG A 1 157 ? -10.156 4.238   -9.707  1.00 15.99 ? 157 ARG A CG  1 
ATOM   1216 C  CD  . ARG A 1 157 ? -9.885  4.973   -11.004 1.00 19.30 ? 157 ARG A CD  1 
ATOM   1217 N  NE  . ARG A 1 157 ? -9.830  4.089   -12.175 1.00 19.45 ? 157 ARG A NE  1 
ATOM   1218 C  CZ  . ARG A 1 157 ? -10.736 4.089   -13.152 1.00 20.50 ? 157 ARG A CZ  1 
ATOM   1219 N  NH1 . ARG A 1 157 ? -11.786 4.896   -13.081 1.00 24.03 ? 157 ARG A NH1 1 
ATOM   1220 N  NH2 . ARG A 1 157 ? -10.607 3.281   -14.195 1.00 18.79 ? 157 ARG A NH2 1 
ATOM   1221 N  N   . ASP A 1 158 ? -13.178 4.637   -7.327  1.00 15.00 ? 158 ASP A N   1 
ATOM   1222 C  CA  . ASP A 1 158 ? -13.460 5.659   -6.316  1.00 15.14 ? 158 ASP A CA  1 
ATOM   1223 C  C   . ASP A 1 158 ? -13.537 5.060   -4.907  1.00 14.42 ? 158 ASP A C   1 
ATOM   1224 O  O   . ASP A 1 158 ? -13.060 5.665   -3.936  1.00 13.92 ? 158 ASP A O   1 
ATOM   1225 C  CB  . ASP A 1 158 ? -14.780 6.377   -6.629  1.00 16.17 ? 158 ASP A CB  1 
ATOM   1226 C  CG  . ASP A 1 158 ? -14.666 7.336   -7.794  1.00 21.46 ? 158 ASP A CG  1 
ATOM   1227 O  OD1 . ASP A 1 158 ? -13.534 7.770   -8.117  1.00 23.35 ? 158 ASP A OD1 1 
ATOM   1228 O  OD2 . ASP A 1 158 ? -15.722 7.662   -8.395  1.00 27.48 ? 158 ASP A OD2 1 
ATOM   1229 N  N   . GLU A 1 159 ? -14.137 3.875   -4.790  1.00 13.75 ? 159 GLU A N   1 
ATOM   1230 C  CA  . GLU A 1 159 ? -14.240 3.225   -3.475  1.00 14.14 ? 159 GLU A CA  1 
ATOM   1231 C  C   . GLU A 1 159 ? -12.839 2.848   -2.961  1.00 13.55 ? 159 GLU A C   1 
ATOM   1232 O  O   . GLU A 1 159 ? -12.511 3.046   -1.779  1.00 13.62 ? 159 GLU A O   1 
ATOM   1233 C  CB  . GLU A 1 159 ? -15.127 1.982   -3.555  1.00 14.91 ? 159 GLU A CB  1 
ATOM   1234 C  CG  . GLU A 1 159 ? -16.619 2.299   -3.684  1.00 15.47 ? 159 GLU A CG  1 
ATOM   1235 C  CD  . GLU A 1 159 ? -17.444 1.146   -4.258  1.00 18.72 ? 159 GLU A CD  1 
ATOM   1236 O  OE1 . GLU A 1 159 ? -16.889 0.060   -4.532  1.00 19.01 ? 159 GLU A OE1 1 
ATOM   1237 O  OE2 . GLU A 1 159 ? -18.672 1.338   -4.433  1.00 21.82 ? 159 GLU A OE2 1 
ATOM   1238 N  N   . PHE A 1 160 ? -12.015 2.322   -3.852  1.00 13.97 ? 160 PHE A N   1 
ATOM   1239 C  CA  . PHE A 1 160 ? -10.636 1.965   -3.506  1.00 13.87 ? 160 PHE A CA  1 
ATOM   1240 C  C   . PHE A 1 160 ? -9.885  3.209   -3.028  1.00 14.06 ? 160 PHE A C   1 
ATOM   1241 O  O   . PHE A 1 160 ? -9.201  3.182   -1.993  1.00 13.03 ? 160 PHE A O   1 
ATOM   1242 C  CB  . PHE A 1 160 ? -9.948  1.323   -4.702  1.00 13.54 ? 160 PHE A CB  1 
ATOM   1243 C  CG  . PHE A 1 160 ? -8.573  0.766   -4.403  1.00 14.03 ? 160 PHE A CG  1 
ATOM   1244 C  CD1 . PHE A 1 160 ? -8.433  -0.443  -3.733  1.00 16.25 ? 160 PHE A CD1 1 
ATOM   1245 C  CD2 . PHE A 1 160 ? -7.419  1.452   -4.830  1.00 16.05 ? 160 PHE A CD2 1 
ATOM   1246 C  CE1 . PHE A 1 160 ? -7.147  -0.980  -3.474  1.00 17.70 ? 160 PHE A CE1 1 
ATOM   1247 C  CE2 . PHE A 1 160 ? -6.133  0.923   -4.570  1.00 16.90 ? 160 PHE A CE2 1 
ATOM   1248 C  CZ  . PHE A 1 160 ? -6.013  -0.293  -3.896  1.00 15.61 ? 160 PHE A CZ  1 
ATOM   1249 N  N   . LEU A 1 161 ? -10.047 4.315   -3.751  1.00 14.47 ? 161 LEU A N   1 
ATOM   1250 C  CA  . LEU A 1 161 ? -9.397  5.580   -3.377  1.00 15.31 ? 161 LEU A CA  1 
ATOM   1251 C  C   . LEU A 1 161 ? -9.830  6.116   -1.993  1.00 14.73 ? 161 LEU A C   1 
ATOM   1252 O  O   . LEU A 1 161 ? -9.038  6.743   -1.282  1.00 13.94 ? 161 LEU A O   1 
ATOM   1253 C  CB  . LEU A 1 161 ? -9.597  6.628   -4.488  1.00 15.86 ? 161 LEU A CB  1 
ATOM   1254 C  CG  . LEU A 1 161 ? -8.658  7.830   -4.603  1.00 18.44 ? 161 LEU A CG  1 
ATOM   1255 C  CD1 . LEU A 1 161 ? -7.170  7.427   -4.609  1.00 18.90 ? 161 LEU A CD1 1 
ATOM   1256 C  CD2 . LEU A 1 161 ? -9.027  8.611   -5.867  1.00 18.21 ? 161 LEU A CD2 1 
ATOM   1257 N  N   . VAL A 1 162 ? -11.084 5.874   -1.602  1.00 13.48 ? 162 VAL A N   1 
ATOM   1258 C  CA  . VAL A 1 162 ? -11.536 6.249   -0.262  1.00 14.02 ? 162 VAL A CA  1 
ATOM   1259 C  C   . VAL A 1 162 ? -10.664 5.551   0.807   1.00 13.24 ? 162 VAL A C   1 
ATOM   1260 O  O   . VAL A 1 162 ? -10.160 6.194   1.753   1.00 12.25 ? 162 VAL A O   1 
ATOM   1261 C  CB  . VAL A 1 162 ? -13.036 5.927   -0.080  1.00 14.49 ? 162 VAL A CB  1 
ATOM   1262 C  CG1 . VAL A 1 162 ? -13.429 5.967   1.427   1.00 16.00 ? 162 VAL A CG1 1 
ATOM   1263 C  CG2 . VAL A 1 162 ? -13.874 6.912   -0.943  1.00 16.74 ? 162 VAL A CG2 1 
ATOM   1264 N  N   . THR A 1 163 ? -10.477 4.249   0.621   1.00 12.64 ? 163 THR A N   1 
ATOM   1265 C  CA  . THR A 1 163 ? -9.661  3.438   1.538   1.00 11.89 ? 163 THR A CA  1 
ATOM   1266 C  C   . THR A 1 163 ? -8.201  3.909   1.538   1.00 12.35 ? 163 THR A C   1 
ATOM   1267 O  O   . THR A 1 163 ? -7.604  4.094   2.606   1.00 11.00 ? 163 THR A O   1 
ATOM   1268 C  CB  . THR A 1 163 ? -9.761  1.941   1.190   1.00 13.01 ? 163 THR A CB  1 
ATOM   1269 O  OG1 . THR A 1 163 ? -11.091 1.502   1.503   1.00 13.25 ? 163 THR A OG1 1 
ATOM   1270 C  CG2 . THR A 1 163 ? -8.768  1.108   2.036   1.00 12.15 ? 163 THR A CG2 1 
ATOM   1271 N  N   . VAL A 1 164 ? -7.649  4.127   0.347   1.00 11.31 ? 164 VAL A N   1 
ATOM   1272 C  CA  . VAL A 1 164 ? -6.253  4.591   0.248   1.00 12.00 ? 164 VAL A CA  1 
ATOM   1273 C  C   . VAL A 1 164 ? -6.064  5.909   0.991   1.00 11.96 ? 164 VAL A C   1 
ATOM   1274 O  O   . VAL A 1 164 ? -5.139  6.064   1.792   1.00 12.52 ? 164 VAL A O   1 
ATOM   1275 C  CB  . VAL A 1 164 ? -5.834  4.754   -1.231  1.00 11.93 ? 164 VAL A CB  1 
ATOM   1276 C  CG1 . VAL A 1 164 ? -4.495  5.437   -1.331  1.00 13.59 ? 164 VAL A CG1 1 
ATOM   1277 C  CG2 . VAL A 1 164 ? -5.804  3.382   -1.911  1.00 12.34 ? 164 VAL A CG2 1 
ATOM   1278 N  N   . ASN A 1 165 ? -6.930  6.882   0.737   1.00 12.75 ? 165 ASN A N   1 
ATOM   1279 C  CA  . ASN A 1 165 ? -6.820  8.157   1.446   1.00 12.66 ? 165 ASN A CA  1 
ATOM   1280 C  C   . ASN A 1 165 ? -6.958  8.018   2.952   1.00 13.23 ? 165 ASN A C   1 
ATOM   1281 O  O   . ASN A 1 165 ? -6.238  8.660   3.713   1.00 13.56 ? 165 ASN A O   1 
ATOM   1282 C  CB  . ASN A 1 165 ? -7.834  9.154   0.884   1.00 13.53 ? 165 ASN A CB  1 
ATOM   1283 C  CG  . ASN A 1 165 ? -7.308  9.839   -0.353  1.00 14.91 ? 165 ASN A CG  1 
ATOM   1284 O  OD1 . ASN A 1 165 ? -6.422  10.690  -0.251  1.00 16.72 ? 165 ASN A OD1 1 
ATOM   1285 N  ND2 . ASN A 1 165 ? -7.831  9.477   -1.523  1.00 17.20 ? 165 ASN A ND2 1 
ATOM   1286 N  N   . ASP A 1 166 ? -7.895  7.182   3.385   1.00 12.90 ? 166 ASP A N   1 
ATOM   1287 C  CA  . ASP A 1 166 ? -8.100  7.027   4.814   1.00 14.08 ? 166 ASP A CA  1 
ATOM   1288 C  C   . ASP A 1 166 ? -6.872  6.369   5.469   1.00 13.43 ? 166 ASP A C   1 
ATOM   1289 O  O   . ASP A 1 166 ? -6.409  6.810   6.529   1.00 13.34 ? 166 ASP A O   1 
ATOM   1290 C  CB  B ASP A 1 166 ? -9.321  6.102   4.916   0.65 14.73 ? 166 ASP A CB  1 
ATOM   1291 C  CB  C ASP A 1 166 ? -9.419  6.415   5.241   0.35 14.46 ? 166 ASP A CB  1 
ATOM   1292 C  CG  B ASP A 1 166 ? -9.749  5.820   6.324   0.65 16.99 ? 166 ASP A CG  1 
ATOM   1293 C  CG  C ASP A 1 166 ? -9.696  6.690   6.702   0.35 15.63 ? 166 ASP A CG  1 
ATOM   1294 O  OD1 B ASP A 1 166 ? -9.138  6.357   7.278   0.65 17.88 ? 166 ASP A OD1 1 
ATOM   1295 O  OD1 C ASP A 1 166 ? -9.996  7.856   7.047   0.35 16.18 ? 166 ASP A OD1 1 
ATOM   1296 O  OD2 B ASP A 1 166 ? -10.729 5.049   6.448   0.65 18.73 ? 166 ASP A OD2 1 
ATOM   1297 O  OD2 C ASP A 1 166 ? -9.529  5.753   7.504   0.35 19.43 ? 166 ASP A OD2 1 
ATOM   1298 N  N   . PHE A 1 167 ? -6.327  5.356   4.812   1.00 12.86 ? 167 PHE A N   1 
ATOM   1299 C  CA  . PHE A 1 167 ? -5.122  4.709   5.338   1.00 12.04 ? 167 PHE A CA  1 
ATOM   1300 C  C   . PHE A 1 167 ? -3.936  5.675   5.368   1.00 12.22 ? 167 PHE A C   1 
ATOM   1301 O  O   . PHE A 1 167 ? -3.257  5.790   6.380   1.00 11.92 ? 167 PHE A O   1 
ATOM   1302 C  CB  . PHE A 1 167 ? -4.778  3.475   4.530   1.00 12.14 ? 167 PHE A CB  1 
ATOM   1303 C  CG  . PHE A 1 167 ? -3.621  2.696   5.114   1.00 11.92 ? 167 PHE A CG  1 
ATOM   1304 C  CD1 . PHE A 1 167 ? -3.837  1.810   6.166   1.00 12.38 ? 167 PHE A CD1 1 
ATOM   1305 C  CD2 . PHE A 1 167 ? -2.328  2.872   4.637   1.00 13.31 ? 167 PHE A CD2 1 
ATOM   1306 C  CE1 . PHE A 1 167 ? -2.777  1.094   6.738   1.00 13.43 ? 167 PHE A CE1 1 
ATOM   1307 C  CE2 . PHE A 1 167 ? -1.249  2.153   5.204   1.00 12.48 ? 167 PHE A CE2 1 
ATOM   1308 C  CZ  . PHE A 1 167 ? -1.477  1.258   6.243   1.00 13.02 ? 167 PHE A CZ  1 
ATOM   1309 N  N   . LEU A 1 168 ? -3.695  6.373   4.258   1.00 11.81 ? 168 LEU A N   1 
ATOM   1310 C  CA  . LEU A 1 168 ? -2.493  7.209   4.151   1.00 12.36 ? 168 LEU A CA  1 
ATOM   1311 C  C   . LEU A 1 168 ? -2.528  8.496   4.974   1.00 12.19 ? 168 LEU A C   1 
ATOM   1312 O  O   . LEU A 1 168 ? -1.484  8.924   5.484   1.00 13.58 ? 168 LEU A O   1 
ATOM   1313 C  CB  . LEU A 1 168 ? -2.188  7.523   2.675   1.00 12.27 ? 168 LEU A CB  1 
ATOM   1314 C  CG  . LEU A 1 168 ? -1.667  6.365   1.816   1.00 13.92 ? 168 LEU A CG  1 
ATOM   1315 C  CD1 . LEU A 1 168 ? -1.476  6.899   0.395   1.00 17.09 ? 168 LEU A CD1 1 
ATOM   1316 C  CD2 . LEU A 1 168 ? -0.366  5.755   2.361   1.00 14.73 ? 168 LEU A CD2 1 
ATOM   1317 N  N   . PHE A 1 169 ? -3.702  9.112   5.119   1.00 12.71 ? 169 PHE A N   1 
ATOM   1318 C  CA  . PHE A 1 169 ? -3.809  10.424  5.750   1.00 13.08 ? 169 PHE A CA  1 
ATOM   1319 C  C   . PHE A 1 169 ? -4.679  10.507  6.998   1.00 13.46 ? 169 PHE A C   1 
ATOM   1320 O  O   . PHE A 1 169 ? -4.673  11.540  7.682   1.00 15.54 ? 169 PHE A O   1 
ATOM   1321 C  CB  . PHE A 1 169 ? -4.306  11.471  4.731   1.00 14.14 ? 169 PHE A CB  1 
ATOM   1322 C  CG  . PHE A 1 169 ? -3.419  11.588  3.537   1.00 13.83 ? 169 PHE A CG  1 
ATOM   1323 C  CD1 . PHE A 1 169 ? -2.154  12.132  3.654   1.00 15.04 ? 169 PHE A CD1 1 
ATOM   1324 C  CD2 . PHE A 1 169 ? -3.850  11.141  2.286   1.00 15.58 ? 169 PHE A CD2 1 
ATOM   1325 C  CE1 . PHE A 1 169 ? -1.326  12.236  2.544   1.00 16.53 ? 169 PHE A CE1 1 
ATOM   1326 C  CE2 . PHE A 1 169 ? -3.027  11.237  1.182   1.00 15.42 ? 169 PHE A CE2 1 
ATOM   1327 C  CZ  . PHE A 1 169 ? -1.764  11.779  1.311   1.00 15.23 ? 169 PHE A CZ  1 
ATOM   1328 N  N   . GLY A 1 170 ? -5.431  9.446   7.279   1.00 13.41 ? 170 GLY A N   1 
ATOM   1329 C  CA  . GLY A 1 170 ? -6.356  9.434   8.409   1.00 13.61 ? 170 GLY A CA  1 
ATOM   1330 C  C   . GLY A 1 170 ? -5.636  9.498   9.745   1.00 13.70 ? 170 GLY A C   1 
ATOM   1331 O  O   . GLY A 1 170 ? -4.644  8.805   9.945   1.00 14.13 ? 170 GLY A O   1 
ATOM   1332 N  N   . LEU A 1 171 ? -6.136  10.345  10.640  1.00 14.89 ? 171 LEU A N   1 
ATOM   1333 C  CA  . LEU A 1 171 ? -5.581  10.475  11.991  1.00 15.94 ? 171 LEU A CA  1 
ATOM   1334 C  C   . LEU A 1 171 ? -6.437  9.724   12.994  1.00 16.96 ? 171 LEU A C   1 
ATOM   1335 O  O   . LEU A 1 171 ? -6.006  9.485   14.131  1.00 17.56 ? 171 LEU A O   1 
ATOM   1336 C  CB  . LEU A 1 171 ? -5.508  11.939  12.406  1.00 16.44 ? 171 LEU A CB  1 
ATOM   1337 C  CG  . LEU A 1 171 ? -4.606  12.834  11.555  1.00 17.48 ? 171 LEU A CG  1 
ATOM   1338 C  CD1 . LEU A 1 171 ? -4.646  14.266  12.067  1.00 18.17 ? 171 LEU A CD1 1 
ATOM   1339 C  CD2 . LEU A 1 171 ? -3.204  12.309  11.523  1.00 19.81 ? 171 LEU A CD2 1 
ATOM   1340 N  N   . GLU A 1 172 ? -7.659  9.409   12.577  1.00 17.81 ? 172 GLU A N   1 
ATOM   1341 C  CA  . GLU A 1 172 ? -8.599  8.682   13.417  1.00 19.26 ? 172 GLU A CA  1 
ATOM   1342 C  C   . GLU A 1 172 ? -8.824  7.304   12.833  1.00 18.44 ? 172 GLU A C   1 
ATOM   1343 O  O   . GLU A 1 172 ? -8.808  7.112   11.615  1.00 18.73 ? 172 GLU A O   1 
ATOM   1344 C  CB  . GLU A 1 172 ? -9.929  9.435   13.506  1.00 20.43 ? 172 GLU A CB  1 
ATOM   1345 C  CG  . GLU A 1 172 ? -10.053 10.376  14.716  1.00 25.83 ? 172 GLU A CG  1 
ATOM   1346 C  CD  . GLU A 1 172 ? -9.154  11.581  14.638  1.00 31.43 ? 172 GLU A CD  1 
ATOM   1347 O  OE1 . GLU A 1 172 ? -9.193  12.301  13.613  1.00 34.94 ? 172 GLU A OE1 1 
ATOM   1348 O  OE2 . GLU A 1 172 ? -8.410  11.817  15.616  1.00 34.01 ? 172 GLU A OE2 1 
ATOM   1349 N  N   . GLU A 1 173 ? -9.035  6.345   13.722  1.00 18.06 ? 173 GLU A N   1 
ATOM   1350 C  CA  . GLU A 1 173 ? -9.206  4.953   13.359  1.00 18.11 ? 173 GLU A CA  1 
ATOM   1351 C  C   . GLU A 1 173 ? -10.484 4.721   12.555  1.00 17.49 ? 173 GLU A C   1 
ATOM   1352 O  O   . GLU A 1 173 ? -11.528 5.295   12.866  1.00 18.05 ? 173 GLU A O   1 
ATOM   1353 C  CB  . GLU A 1 173 ? -9.256  4.158   14.647  1.00 19.01 ? 173 GLU A CB  1 
ATOM   1354 C  CG  . GLU A 1 173 ? -9.332  2.696   14.492  1.00 20.44 ? 173 GLU A CG  1 
ATOM   1355 C  CD  . GLU A 1 173 ? -9.237  2.006   15.820  1.00 21.41 ? 173 GLU A CD  1 
ATOM   1356 O  OE1 . GLU A 1 173 ? -8.922  2.686   16.825  1.00 20.10 ? 173 GLU A OE1 1 
ATOM   1357 O  OE2 . GLU A 1 173 ? -9.467  0.783   15.856  1.00 23.57 ? 173 GLU A OE2 1 
ATOM   1358 N  N   . THR A 1 174 ? -10.395 3.888   11.518  1.00 16.59 ? 174 THR A N   1 
ATOM   1359 C  CA  . THR A 1 174 ? -11.588 3.443   10.784  1.00 16.55 ? 174 THR A CA  1 
ATOM   1360 C  C   . THR A 1 174 ? -11.469 1.974   10.419  1.00 16.14 ? 174 THR A C   1 
ATOM   1361 O  O   . THR A 1 174 ? -10.358 1.424   10.381  1.00 15.59 ? 174 THR A O   1 
ATOM   1362 C  CB  . THR A 1 174 ? -11.811 4.207   9.466   1.00 16.53 ? 174 THR A CB  1 
ATOM   1363 O  OG1 . THR A 1 174 ? -10.787 3.854   8.524   1.00 18.72 ? 174 THR A OG1 1 
ATOM   1364 C  CG2 . THR A 1 174 ? -11.829 5.732   9.663   1.00 17.01 ? 174 THR A CG2 1 
ATOM   1365 N  N   . ALA A 1 175 ? -12.605 1.346   10.118  1.00 15.07 ? 175 ALA A N   1 
ATOM   1366 C  CA  . ALA A 1 175 ? -12.598 -0.057  9.687   1.00 14.93 ? 175 ALA A CA  1 
ATOM   1367 C  C   . ALA A 1 175 ? -11.750 -0.252  8.426   1.00 14.35 ? 175 ALA A C   1 
ATOM   1368 O  O   . ALA A 1 175 ? -11.030 -1.241  8.303   1.00 14.14 ? 175 ALA A O   1 
ATOM   1369 C  CB  . ALA A 1 175 ? -14.023 -0.531  9.441   1.00 15.84 ? 175 ALA A CB  1 
ATOM   1370 N  N   . LEU A 1 176 ? -11.830 0.694   7.494   1.00 14.29 ? 176 LEU A N   1 
ATOM   1371 C  CA  . LEU A 1 176 ? -11.119 0.555   6.221   1.00 13.91 ? 176 LEU A CA  1 
ATOM   1372 C  C   . LEU A 1 176 ? -9.618  0.634   6.451   1.00 13.54 ? 176 LEU A C   1 
ATOM   1373 O  O   . LEU A 1 176 ? -8.852  -0.207  5.947   1.00 13.62 ? 176 LEU A O   1 
ATOM   1374 C  CB  . LEU A 1 176 ? -11.565 1.629   5.216   1.00 14.16 ? 176 LEU A CB  1 
ATOM   1375 C  CG  . LEU A 1 176 ? -13.014 1.496   4.706   1.00 14.45 ? 176 LEU A CG  1 
ATOM   1376 C  CD1 . LEU A 1 176 ? -13.367 2.679   3.814   1.00 16.70 ? 176 LEU A CD1 1 
ATOM   1377 C  CD2 . LEU A 1 176 ? -13.199 0.168   3.964   1.00 15.64 ? 176 LEU A CD2 1 
ATOM   1378 N  N   . ALA A 1 177 ? -9.196  1.615   7.246   1.00 13.69 ? 177 ALA A N   1 
ATOM   1379 C  CA  . ALA A 1 177 ? -7.749  1.756   7.508   1.00 13.62 ? 177 ALA A CA  1 
ATOM   1380 C  C   . ALA A 1 177 ? -7.226  0.580   8.321   1.00 13.68 ? 177 ALA A C   1 
ATOM   1381 O  O   . ALA A 1 177 ? -6.084  0.139   8.150   1.00 14.04 ? 177 ALA A O   1 
ATOM   1382 C  CB  . ALA A 1 177 ? -7.464  3.071   8.186   1.00 13.32 ? 177 ALA A CB  1 
ATOM   1383 N  N   . ASN A 1 178 ? -8.056  0.057   9.219   1.00 13.76 ? 178 ASN A N   1 
ATOM   1384 C  CA  . ASN A 1 178 ? -7.688  -1.126  10.000  1.00 14.02 ? 178 ASN A CA  1 
ATOM   1385 C  C   . ASN A 1 178 ? -7.592  -2.420  9.188   1.00 14.52 ? 178 ASN A C   1 
ATOM   1386 O  O   . ASN A 1 178 ? -7.066  -3.419  9.687   1.00 14.50 ? 178 ASN A O   1 
ATOM   1387 C  CB  . ASN A 1 178 ? -8.681  -1.335  11.155  1.00 14.12 ? 178 ASN A CB  1 
ATOM   1388 C  CG  . ASN A 1 178 ? -8.453  -0.372  12.335  1.00 15.49 ? 178 ASN A CG  1 
ATOM   1389 O  OD1 . ASN A 1 178 ? -7.455  0.380   12.400  1.00 16.03 ? 178 ASN A OD1 1 
ATOM   1390 N  ND2 . ASN A 1 178 ? -9.394  -0.411  13.303  1.00 17.21 ? 178 ASN A ND2 1 
ATOM   1391 N  N   . ALA A 1 179 ? -8.098  -2.399  7.949   1.00 14.30 ? 179 ALA A N   1 
ATOM   1392 C  CA  . ALA A 1 179 ? -8.168  -3.618  7.135   1.00 14.75 ? 179 ALA A CA  1 
ATOM   1393 C  C   . ALA A 1 179 ? -7.248  -3.622  5.910   1.00 15.00 ? 179 ALA A C   1 
ATOM   1394 O  O   . ALA A 1 179 ? -6.846  -4.698  5.446   1.00 15.41 ? 179 ALA A O   1 
ATOM   1395 C  CB  . ALA A 1 179 ? -9.593  -3.874  6.691   1.00 15.65 ? 179 ALA A CB  1 
ATOM   1396 N  N   . PHE A 1 180 ? -6.939  -2.432  5.394   1.00 14.61 ? 180 PHE A N   1 
ATOM   1397 C  CA  . PHE A 1 180 ? -6.243  -2.277  4.098   1.00 14.21 ? 180 PHE A CA  1 
ATOM   1398 C  C   . PHE A 1 180 ? -4.939  -3.073  4.003   1.00 14.48 ? 180 PHE A C   1 
ATOM   1399 O  O   . PHE A 1 180 ? -4.676  -3.715  2.965   1.00 14.75 ? 180 PHE A O   1 
ATOM   1400 C  CB  . PHE A 1 180 ? -5.991  -0.789  3.818   1.00 14.24 ? 180 PHE A CB  1 
ATOM   1401 C  CG  . PHE A 1 180 ? -5.520  -0.466  2.399   1.00 14.50 ? 180 PHE A CG  1 
ATOM   1402 C  CD1 . PHE A 1 180 ? -5.991  -1.174  1.297   1.00 16.52 ? 180 PHE A CD1 1 
ATOM   1403 C  CD2 . PHE A 1 180 ? -4.651  0.616   2.177   1.00 14.56 ? 180 PHE A CD2 1 
ATOM   1404 C  CE1 . PHE A 1 180 ? -5.554  -0.848  0.004   1.00 15.24 ? 180 PHE A CE1 1 
ATOM   1405 C  CE2 . PHE A 1 180 ? -4.225  0.948   0.891   1.00 16.34 ? 180 PHE A CE2 1 
ATOM   1406 C  CZ  . PHE A 1 180 ? -4.677  0.216   -0.201  1.00 14.82 ? 180 PHE A CZ  1 
ATOM   1407 N  N   . TYR A 1 181 ? -4.135  -2.994  5.072   1.00 13.43 ? 181 TYR A N   1 
ATOM   1408 C  CA  . TYR A 1 181 ? -2.886  -3.736  5.194   1.00 13.86 ? 181 TYR A CA  1 
ATOM   1409 C  C   . TYR A 1 181 ? -2.970  -4.851  6.244   1.00 13.74 ? 181 TYR A C   1 
ATOM   1410 O  O   . TYR A 1 181 ? -1.949  -5.257  6.843   1.00 14.55 ? 181 TYR A O   1 
ATOM   1411 C  CB  . TYR A 1 181 ? -1.744  -2.759  5.499   1.00 14.04 ? 181 TYR A CB  1 
ATOM   1412 C  CG  . TYR A 1 181 ? -1.170  -2.136  4.251   1.00 14.58 ? 181 TYR A CG  1 
ATOM   1413 C  CD1 . TYR A 1 181 ? -0.073  -2.711  3.606   1.00 16.31 ? 181 TYR A CD1 1 
ATOM   1414 C  CD2 . TYR A 1 181 ? -1.737  -0.979  3.698   1.00 16.35 ? 181 TYR A CD2 1 
ATOM   1415 C  CE1 . TYR A 1 181 ? 0.454   -2.146  2.459   1.00 17.84 ? 181 TYR A CE1 1 
ATOM   1416 C  CE2 . TYR A 1 181 ? -1.207  -0.402  2.535   1.00 16.64 ? 181 TYR A CE2 1 
ATOM   1417 C  CZ  . TYR A 1 181 ? -0.109  -1.002  1.932   1.00 16.89 ? 181 TYR A CZ  1 
ATOM   1418 O  OH  . TYR A 1 181 ? 0.423   -0.450  0.785   1.00 20.55 ? 181 TYR A OH  1 
ATOM   1419 N  N   . GLY A 1 182 ? -4.184  -5.358  6.450   1.00 13.74 ? 182 GLY A N   1 
ATOM   1420 C  CA  . GLY A 1 182 ? -4.445  -6.401  7.467   1.00 14.03 ? 182 GLY A CA  1 
ATOM   1421 C  C   . GLY A 1 182 ? -4.371  -5.897  8.901   1.00 14.33 ? 182 GLY A C   1 
ATOM   1422 O  O   . GLY A 1 182 ? -4.319  -4.687  9.149   1.00 14.65 ? 182 GLY A O   1 
ATOM   1423 N  N   . ASP A 1 183 ? -4.370  -6.832  9.848   1.00 14.61 ? 183 ASP A N   1 
ATOM   1424 C  CA  . ASP A 1 183 ? -4.429  -6.463  11.259  1.00 15.15 ? 183 ASP A CA  1 
ATOM   1425 C  C   . ASP A 1 183 ? -3.185  -5.656  11.597  1.00 14.28 ? 183 ASP A C   1 
ATOM   1426 O  O   . ASP A 1 183 ? -2.060  -6.065  11.289  1.00 13.44 ? 183 ASP A O   1 
ATOM   1427 C  CB  . ASP A 1 183 ? -4.506  -7.705  12.154  1.00 15.70 ? 183 ASP A CB  1 
ATOM   1428 C  CG  . ASP A 1 183 ? -5.804  -8.482  11.990  1.00 19.01 ? 183 ASP A CG  1 
ATOM   1429 O  OD1 . ASP A 1 183 ? -6.832  -7.918  11.517  1.00 18.03 ? 183 ASP A OD1 1 
ATOM   1430 O  OD2 . ASP A 1 183 ? -5.795  -9.671  12.377  1.00 20.65 ? 183 ASP A OD2 1 
ATOM   1431 N  N   . LEU A 1 184 ? -3.387  -4.505  12.228  1.00 13.30 ? 184 LEU A N   1 
ATOM   1432 C  CA  . LEU A 1 184 ? -2.270  -3.611  12.514  1.00 12.90 ? 184 LEU A CA  1 
ATOM   1433 C  C   . LEU A 1 184 ? -1.309  -4.255  13.490  1.00 12.78 ? 184 LEU A C   1 
ATOM   1434 O  O   . LEU A 1 184 ? -1.718  -4.998  14.405  1.00 13.88 ? 184 LEU A O   1 
ATOM   1435 C  CB  . LEU A 1 184 ? -2.725  -2.236  13.033  1.00 11.81 ? 184 LEU A CB  1 
ATOM   1436 C  CG  . LEU A 1 184 ? -3.676  -1.396  12.150  1.00 11.91 ? 184 LEU A CG  1 
ATOM   1437 C  CD1 . LEU A 1 184 ? -3.909  0.014   12.734  1.00 13.73 ? 184 LEU A CD1 1 
ATOM   1438 C  CD2 . LEU A 1 184 ? -3.179  -1.301  10.699  1.00 12.92 ? 184 LEU A CD2 1 
ATOM   1439 N  N   . VAL A 1 185 ? -0.032  -3.992  13.260  1.00 13.11 ? 185 VAL A N   1 
ATOM   1440 C  CA  . VAL A 1 185 ? 1.035   -4.629  14.016  1.00 13.98 ? 185 VAL A CA  1 
ATOM   1441 C  C   . VAL A 1 185 ? 1.495   -3.745  15.171  1.00 14.17 ? 185 VAL A C   1 
ATOM   1442 O  O   . VAL A 1 185 ? 1.522   -2.524  15.088  1.00 13.99 ? 185 VAL A O   1 
ATOM   1443 C  CB  . VAL A 1 185 ? 2.248   -5.074  13.133  1.00 15.16 ? 185 VAL A CB  1 
ATOM   1444 C  CG1 . VAL A 1 185 ? 1.766   -5.961  11.972  1.00 15.84 ? 185 VAL A CG1 1 
ATOM   1445 C  CG2 . VAL A 1 185 ? 3.046   -3.887  12.617  1.00 15.02 ? 185 VAL A CG2 1 
ATOM   1446 N  N   . ASP A 1 186 ? 2.024   -4.429  16.380  1.00 15.89 ? 186 ASP A N   1 
ATOM   1447 C  CA  . ASP A 1 186 ? 2.742   -3.713  17.467  1.00 16.41 ? 186 ASP A CA  1 
ATOM   1448 C  C   A ASP A 1 186 ? 4.164   -3.333  17.049  0.65 17.54 ? 186 ASP A C   1 
ATOM   1449 C  C   B ASP A 1 186 ? 4.170   -3.413  17.016  0.35 16.20 ? 186 ASP A C   1 
ATOM   1450 O  O   A ASP A 1 186 ? 4.634   -2.267  17.442  0.65 18.57 ? 186 ASP A O   1 
ATOM   1451 O  O   B ASP A 1 186 ? 4.697   -4.093  16.136  0.35 15.02 ? 186 ASP A O   1 
ATOM   1452 C  CB  . ASP A 1 186 ? 2.768   -4.586  18.714  1.00 16.59 ? 186 ASP A CB  1 
ATOM   1453 C  CG  . ASP A 1 186 ? 1.387   -4.928  19.236  1.00 16.90 ? 186 ASP A CG  1 
ATOM   1454 O  OD1 . ASP A 1 186 ? 1.284   -6.005  19.869  1.00 16.75 ? 186 ASP A OD1 1 
ATOM   1455 O  OD2 . ASP A 1 186 ? 0.417   -4.154  19.067  1.00 14.83 ? 186 ASP A OD2 1 
HETATM 1456 N  N1  . CTZ B 2 .   ? 0.220   -3.896  -0.426  1.00 13.65 ? 187 CTZ A N1  1 
HETATM 1457 C  C2  . CTZ B 2 .   ? 1.413   -4.549  -0.478  1.00 13.29 ? 187 CTZ A C2  1 
HETATM 1458 C  C3  . CTZ B 2 .   ? 1.229   -5.641  0.479   1.00 12.47 ? 187 CTZ A C3  1 
HETATM 1459 N  N4  . CTZ B 2 .   ? 0.013   -5.609  1.018   1.00 13.91 ? 187 CTZ A N4  1 
HETATM 1460 C  C5  . CTZ B 2 .   ? -0.581  -6.401  1.935   1.00 11.67 ? 187 CTZ A C5  1 
HETATM 1461 C  C6  . CTZ B 2 .   ? -1.885  -6.098  2.336   1.00 12.38 ? 187 CTZ A C6  1 
HETATM 1462 N  N7  . CTZ B 2 .   ? -2.548  -5.043  1.817   1.00 12.96 ? 187 CTZ A N7  1 
HETATM 1463 C  C8  . CTZ B 2 .   ? -1.985  -4.238  0.889   1.00 13.70 ? 187 CTZ A C8  1 
HETATM 1464 C  C9  . CTZ B 2 .   ? -0.595  -4.538  0.474   1.00 12.94 ? 187 CTZ A C9  1 
HETATM 1465 C  C10 . CTZ B 2 .   ? 2.609   -4.180  -1.324  1.00 13.68 ? 187 CTZ A C10 1 
HETATM 1466 C  C11 . CTZ B 2 .   ? 3.068   -2.823  -0.854  1.00 13.90 ? 187 CTZ A C11 1 
HETATM 1467 C  C12 . CTZ B 2 .   ? 2.937   -1.723  -1.700  1.00 13.04 ? 187 CTZ A C12 1 
HETATM 1468 C  C13 . CTZ B 2 .   ? 3.337   -0.456  -1.293  1.00 16.02 ? 187 CTZ A C13 1 
HETATM 1469 C  C14 . CTZ B 2 .   ? 3.882   -0.306  -0.014  1.00 16.20 ? 187 CTZ A C14 1 
HETATM 1470 C  C15 . CTZ B 2 .   ? 4.008   -1.405  0.849   1.00 15.55 ? 187 CTZ A C15 1 
HETATM 1471 C  C16 . CTZ B 2 .   ? 3.599   -2.673  0.428   1.00 14.78 ? 187 CTZ A C16 1 
HETATM 1472 O  O17 . CTZ B 2 .   ? 4.270   0.930   0.388   1.00 16.86 ? 187 CTZ A O17 1 
HETATM 1473 O  O18 . CTZ B 2 .   ? 2.110   -6.534  0.791   1.00 13.35 ? 187 CTZ A O18 1 
HETATM 1474 C  C19 . CTZ B 2 .   ? -2.559  -6.977  3.318   1.00 12.99 ? 187 CTZ A C19 1 
HETATM 1475 C  C20 . CTZ B 2 .   ? -1.858  -7.583  4.364   1.00 11.75 ? 187 CTZ A C20 1 
HETATM 1476 C  C21 . CTZ B 2 .   ? -2.524  -8.414  5.262   1.00 13.48 ? 187 CTZ A C21 1 
HETATM 1477 C  C22 . CTZ B 2 .   ? -3.896  -8.659  5.109   1.00 12.43 ? 187 CTZ A C22 1 
HETATM 1478 C  C23 . CTZ B 2 .   ? -4.601  -8.076  4.066   1.00 13.74 ? 187 CTZ A C23 1 
HETATM 1479 C  C24 . CTZ B 2 .   ? -3.933  -7.237  3.166   1.00 14.40 ? 187 CTZ A C24 1 
HETATM 1480 O  O25 . CTZ B 2 .   ? -4.515  -9.481  5.999   1.00 12.87 ? 187 CTZ A O25 1 
HETATM 1481 C  C26 . CTZ B 2 .   ? -2.687  -3.029  0.298   1.00 13.73 ? 187 CTZ A C26 1 
HETATM 1482 C  C27 . CTZ B 2 .   ? -3.535  -3.475  -0.864  1.00 15.55 ? 187 CTZ A C27 1 
HETATM 1483 C  C28 . CTZ B 2 .   ? -3.245  -3.079  -2.169  1.00 17.71 ? 187 CTZ A C28 1 
HETATM 1484 C  C29 . CTZ B 2 .   ? -4.063  -3.513  -3.213  1.00 17.01 ? 187 CTZ A C29 1 
HETATM 1485 C  C30 . CTZ B 2 .   ? -5.153  -4.354  -2.944  1.00 15.99 ? 187 CTZ A C30 1 
HETATM 1486 C  C31 . CTZ B 2 .   ? -5.450  -4.738  -1.637  1.00 16.54 ? 187 CTZ A C31 1 
HETATM 1487 C  C32 . CTZ B 2 .   ? -4.639  -4.290  -0.591  1.00 16.58 ? 187 CTZ A C32 1 
HETATM 1488 C  C1  . GOL C 3 .   ? 9.359   14.101  -4.557  1.00 40.82 ? 376 GOL A C1  1 
HETATM 1489 O  O1  . GOL C 3 .   ? 8.868   13.104  -5.419  1.00 37.84 ? 376 GOL A O1  1 
HETATM 1490 C  C2  . GOL C 3 .   ? 8.379   14.275  -3.420  1.00 43.13 ? 376 GOL A C2  1 
HETATM 1491 O  O2  . GOL C 3 .   ? 7.165   14.725  -3.966  1.00 42.00 ? 376 GOL A O2  1 
HETATM 1492 C  C3  . GOL C 3 .   ? 8.901   15.286  -2.401  1.00 45.01 ? 376 GOL A C3  1 
HETATM 1493 O  O3  . GOL C 3 .   ? 9.727   14.634  -1.453  1.00 47.35 ? 376 GOL A O3  1 
HETATM 1494 C  C1  . GOL D 3 .   ? -6.155  19.606  2.300   1.00 43.88 ? 377 GOL A C1  1 
HETATM 1495 O  O1  . GOL D 3 .   ? -4.788  19.598  1.950   1.00 39.29 ? 377 GOL A O1  1 
HETATM 1496 C  C2  . GOL D 3 .   ? -6.773  18.226  2.116   1.00 45.30 ? 377 GOL A C2  1 
HETATM 1497 O  O2  . GOL D 3 .   ? -6.503  17.784  0.808   1.00 45.04 ? 377 GOL A O2  1 
HETATM 1498 C  C3  . GOL D 3 .   ? -8.286  18.309  2.333   1.00 47.06 ? 377 GOL A C3  1 
HETATM 1499 O  O3  . GOL D 3 .   ? -8.889  17.058  2.076   1.00 48.81 ? 377 GOL A O3  1 
HETATM 1500 O  O   . HOH E 4 .   ? 2.757   3.822   17.120  1.00 11.44 ? 188 HOH A O   1 
HETATM 1501 O  O   . HOH E 4 .   ? 4.058   -8.107  0.243   1.00 16.64 ? 189 HOH A O   1 
HETATM 1502 O  O   . HOH E 4 .   ? -5.305  12.468  -2.097  1.00 18.34 ? 190 HOH A O   1 
HETATM 1503 O  O   . HOH E 4 .   ? 4.291   11.721  -3.454  1.00 18.21 ? 191 HOH A O   1 
HETATM 1504 O  O   . HOH E 4 .   ? -0.366  5.457   -2.891  1.00 16.53 ? 192 HOH A O   1 
HETATM 1505 O  O   . HOH E 4 .   ? -11.909 -5.791  -14.464 1.00 20.04 ? 193 HOH A O   1 
HETATM 1506 O  O   . HOH E 4 .   ? -4.478  -2.262  7.755   1.00 13.97 ? 194 HOH A O   1 
HETATM 1507 O  O   . HOH E 4 .   ? -18.034 -1.551  -2.397  1.00 18.72 ? 195 HOH A O   1 
HETATM 1508 O  O   . HOH E 4 .   ? -1.802  -14.710 -7.469  1.00 21.25 ? 196 HOH A O   1 
HETATM 1509 O  O   . HOH E 4 .   ? 4.588   -13.734 -5.557  1.00 16.16 ? 197 HOH A O   1 
HETATM 1510 O  O   . HOH E 4 .   ? -6.251  -3.742  12.382  1.00 15.92 ? 198 HOH A O   1 
HETATM 1511 O  O   . HOH E 4 .   ? -7.192  -9.542  5.953   1.00 17.14 ? 199 HOH A O   1 
HETATM 1512 O  O   . HOH E 4 .   ? 2.314   7.934   -5.138  1.00 18.28 ? 200 HOH A O   1 
HETATM 1513 O  O   . HOH E 4 .   ? -15.362 2.943   10.614  1.00 25.93 ? 201 HOH A O   1 
HETATM 1514 O  O   . HOH E 4 .   ? 3.159   -0.504  15.980  1.00 15.90 ? 202 HOH A O   1 
HETATM 1515 O  O   . HOH E 4 .   ? -11.027 9.551   -2.286  1.00 21.06 ? 203 HOH A O   1 
HETATM 1516 O  O   . HOH E 4 .   ? -7.362  6.112   9.406   1.00 14.69 ? 204 HOH A O   1 
HETATM 1517 O  O   . HOH E 4 .   ? 1.404   0.537   17.740  1.00 12.91 ? 205 HOH A O   1 
HETATM 1518 O  O   . HOH E 4 .   ? -12.368 0.291   -0.690  1.00 14.94 ? 206 HOH A O   1 
HETATM 1519 O  O   . HOH E 4 .   ? 2.104   -6.108  8.075   1.00 15.41 ? 207 HOH A O   1 
HETATM 1520 O  O   . HOH E 4 .   ? -16.453 -10.696 -6.767  1.00 19.05 ? 208 HOH A O   1 
HETATM 1521 O  O   . HOH E 4 .   ? -7.054  11.213  -3.857  1.00 16.64 ? 209 HOH A O   1 
HETATM 1522 O  O   . HOH E 4 .   ? -11.136 8.640   2.536   1.00 15.99 ? 210 HOH A O   1 
HETATM 1523 O  O   . HOH E 4 .   ? -4.142  11.416  -7.834  1.00 14.71 ? 211 HOH A O   1 
HETATM 1524 O  O   . HOH E 4 .   ? -18.034 -8.630  -0.394  1.00 17.46 ? 212 HOH A O   1 
HETATM 1525 O  O   . HOH E 4 .   ? -11.630 -3.464  9.819   1.00 19.21 ? 213 HOH A O   1 
HETATM 1526 O  O   . HOH E 4 .   ? 15.526  -8.678  2.448   1.00 19.41 ? 214 HOH A O   1 
HETATM 1527 O  O   . HOH E 4 .   ? -5.275  18.009  -4.771  1.00 18.04 ? 215 HOH A O   1 
HETATM 1528 O  O   . HOH E 4 .   ? -12.816 8.426   -4.191  1.00 19.18 ? 216 HOH A O   1 
HETATM 1529 O  O   . HOH E 4 .   ? -7.187  -19.314 4.111   1.00 23.54 ? 217 HOH A O   1 
HETATM 1530 O  O   . HOH E 4 .   ? 10.883  11.139  -4.020  1.00 24.47 ? 218 HOH A O   1 
HETATM 1531 O  O   . HOH E 4 .   ? -8.946  7.044   16.505  1.00 17.61 ? 219 HOH A O   1 
HETATM 1532 O  O   . HOH E 4 .   ? -14.874 4.980   -9.747  1.00 18.06 ? 220 HOH A O   1 
HETATM 1533 O  O   . HOH E 4 .   ? 9.906   11.881  6.267   1.00 21.23 ? 221 HOH A O   1 
HETATM 1534 O  O   . HOH E 4 .   ? 9.788   -12.911 -11.075 1.00 18.21 ? 222 HOH A O   1 
HETATM 1535 O  O   . HOH E 4 .   ? 3.468   14.349  -2.874  1.00 18.82 ? 223 HOH A O   1 
HETATM 1536 O  O   . HOH E 4 .   ? -3.836  15.310  5.478   1.00 18.00 ? 224 HOH A O   1 
HETATM 1537 O  O   . HOH E 4 .   ? 9.664   -6.869  -0.196  1.00 19.97 ? 225 HOH A O   1 
HETATM 1538 O  O   . HOH E 4 .   ? -4.173  -9.592  8.872   1.00 26.55 ? 226 HOH A O   1 
HETATM 1539 O  O   . HOH E 4 .   ? 6.437   6.287   -12.966 1.00 22.27 ? 227 HOH A O   1 
HETATM 1540 O  O   . HOH E 4 .   ? -18.970 -1.326  -5.858  1.00 21.86 ? 228 HOH A O   1 
HETATM 1541 O  O   . HOH E 4 .   ? 5.520   -11.861 0.769   1.00 21.99 ? 229 HOH A O   1 
HETATM 1542 O  O   . HOH E 4 .   ? -14.351 2.598   7.566   1.00 18.17 ? 230 HOH A O   1 
HETATM 1543 O  O   . HOH E 4 .   ? -8.621  1.425   -13.605 1.00 22.77 ? 231 HOH A O   1 
HETATM 1544 O  O   . HOH E 4 .   ? -1.192  15.409  4.807   1.00 22.81 ? 232 HOH A O   1 
HETATM 1545 O  O   . HOH E 4 .   ? -22.729 -8.543  -2.152  1.00 21.17 ? 233 HOH A O   1 
HETATM 1546 O  O   . HOH E 4 .   ? -0.540  -6.873  8.339   1.00 24.68 ? 234 HOH A O   1 
HETATM 1547 O  O   . HOH E 4 .   ? -16.381 -2.005  5.236   1.00 21.91 ? 235 HOH A O   1 
HETATM 1548 O  O   . HOH E 4 .   ? 7.458   7.949   -10.715 1.00 26.94 ? 236 HOH A O   1 
HETATM 1549 O  O   . HOH E 4 .   ? 6.367   13.450  21.443  1.00 19.89 ? 237 HOH A O   1 
HETATM 1550 O  O   . HOH E 4 .   ? -19.498 -8.875  5.804   1.00 17.36 ? 238 HOH A O   1 
HETATM 1551 O  O   . HOH E 4 .   ? 17.246  1.775   11.375  1.00 26.47 ? 239 HOH A O   1 
HETATM 1552 O  O   . HOH E 4 .   ? 4.323   2.101   15.619  1.00 15.83 ? 240 HOH A O   1 
HETATM 1553 O  O   . HOH E 4 .   ? -6.609  11.501  -6.533  1.00 15.89 ? 241 HOH A O   1 
HETATM 1554 O  O   . HOH E 4 .   ? 3.709   -11.697 -9.056  1.00 15.33 ? 242 HOH A O   1 
HETATM 1555 O  O   . HOH E 4 .   ? -6.308  8.125   16.492  1.00 20.81 ? 243 HOH A O   1 
HETATM 1556 O  O   . HOH E 4 .   ? -6.555  3.966   -11.472 1.00 21.11 ? 244 HOH A O   1 
HETATM 1557 O  O   . HOH E 4 .   ? -11.591 10.286  0.182   1.00 19.84 ? 245 HOH A O   1 
HETATM 1558 O  O   . HOH E 4 .   ? 5.800   9.002   1.741   1.00 22.03 ? 246 HOH A O   1 
HETATM 1559 O  O   . HOH E 4 .   ? -15.715 2.790   -11.490 1.00 21.17 ? 247 HOH A O   1 
HETATM 1560 O  O   . HOH E 4 .   ? -8.281  -7.058  5.981   1.00 19.46 ? 248 HOH A O   1 
HETATM 1561 O  O   . HOH E 4 .   ? 7.307   -8.180  -0.277  1.00 22.46 ? 249 HOH A O   1 
HETATM 1562 O  O   . HOH E 4 .   ? 6.054   -9.507  2.318   1.00 21.87 ? 250 HOH A O   1 
HETATM 1563 O  O   . HOH E 4 .   ? 5.274   -16.229 -9.452  1.00 31.82 ? 251 HOH A O   1 
HETATM 1564 O  O   . HOH E 4 .   ? 15.967  7.271   7.547   1.00 25.04 ? 252 HOH A O   1 
HETATM 1565 O  O   . HOH E 4 .   ? -4.093  14.101  7.797   1.00 20.99 ? 253 HOH A O   1 
HETATM 1566 O  O   . HOH E 4 .   ? -9.673  11.975  -3.491  1.00 19.26 ? 254 HOH A O   1 
HETATM 1567 O  O   . HOH E 4 .   ? 3.183   -16.050 -6.255  1.00 23.81 ? 255 HOH A O   1 
HETATM 1568 O  O   . HOH E 4 .   ? -12.431 9.434   -6.648  1.00 25.04 ? 256 HOH A O   1 
HETATM 1569 O  O   . HOH E 4 .   ? -7.604  -6.099  9.813   1.00 23.96 ? 257 HOH A O   1 
HETATM 1570 O  O   . HOH E 4 .   ? 11.863  7.404   -9.491  1.00 25.94 ? 258 HOH A O   1 
HETATM 1571 O  O   . HOH E 4 .   ? -4.214  -5.772  -15.309 1.00 26.86 ? 259 HOH A O   1 
HETATM 1572 O  O   . HOH E 4 .   ? -8.755  8.515   -10.317 1.00 20.83 ? 260 HOH A O   1 
HETATM 1573 O  O   . HOH E 4 .   ? -15.419 8.943   -3.400  1.00 30.68 ? 262 HOH A O   1 
HETATM 1574 O  O   . HOH E 4 .   ? 4.019   7.012   1.337   1.00 16.82 ? 263 HOH A O   1 
HETATM 1575 O  O   . HOH E 4 .   ? 2.464   20.861  -5.163  1.00 24.45 ? 264 HOH A O   1 
HETATM 1576 O  O   . HOH E 4 .   ? 2.728   7.256   -2.153  1.00 23.69 ? 265 HOH A O   1 
HETATM 1577 O  O   . HOH E 4 .   ? 4.474   9.897   -10.380 1.00 27.81 ? 266 HOH A O   1 
HETATM 1578 O  O   . HOH E 4 .   ? 13.976  -8.549  4.790   1.00 26.65 ? 267 HOH A O   1 
HETATM 1579 O  O   . HOH E 4 .   ? -7.626  -10.802 8.476   1.00 22.08 ? 268 HOH A O   1 
HETATM 1580 O  O   . HOH E 4 .   ? -11.631 -2.469  12.742  1.00 27.14 ? 269 HOH A O   1 
HETATM 1581 O  O   . HOH E 4 .   ? 8.243   -3.202  -11.994 1.00 26.96 ? 270 HOH A O   1 
HETATM 1582 O  O   . HOH E 4 .   ? 2.388   3.717   -14.963 1.00 31.25 ? 271 HOH A O   1 
HETATM 1583 O  O   . HOH E 4 .   ? -14.366 -7.133  -12.558 1.00 24.21 ? 272 HOH A O   1 
HETATM 1584 O  O   . HOH E 4 .   ? -8.111  12.449  9.996   1.00 25.05 ? 273 HOH A O   1 
HETATM 1585 O  O   . HOH E 4 .   ? -16.382 0.873   6.317   1.00 26.09 ? 274 HOH A O   1 
HETATM 1586 O  O   . HOH E 4 .   ? 6.100   15.604  2.704   1.00 25.04 ? 275 HOH A O   1 
HETATM 1587 O  O   . HOH E 4 .   ? 7.089   -1.579  -23.548 1.00 35.39 ? 276 HOH A O   1 
HETATM 1588 O  O   . HOH E 4 .   ? -8.081  11.227  18.233  1.00 33.21 ? 277 HOH A O   1 
HETATM 1589 O  O   . HOH E 4 .   ? -8.293  10.622  -8.630  1.00 17.43 ? 278 HOH A O   1 
HETATM 1590 O  O   . HOH E 4 .   ? -10.878 11.214  -7.760  1.00 19.28 ? 279 HOH A O   1 
HETATM 1591 O  O   . HOH E 4 .   ? 3.975   9.680   -1.717  1.00 24.30 ? 280 HOH A O   1 
HETATM 1592 O  O   . HOH E 4 .   ? -3.469  -8.380  -11.831 1.00 23.48 ? 281 HOH A O   1 
HETATM 1593 O  O   . HOH E 4 .   ? 3.401   -8.081  9.206   1.00 27.08 ? 282 HOH A O   1 
HETATM 1594 O  O   . HOH E 4 .   ? -3.750  -16.280 -5.778  1.00 31.80 ? 283 HOH A O   1 
HETATM 1595 O  O   . HOH E 4 .   ? 2.626   -13.898 -10.277 1.00 25.40 ? 284 HOH A O   1 
HETATM 1596 O  O   . HOH E 4 .   ? -5.448  17.466  -1.595  1.00 23.09 ? 285 HOH A O   1 
HETATM 1597 O  O   . HOH E 4 .   ? -2.329  -4.253  -16.331 1.00 32.46 ? 286 HOH A O   1 
HETATM 1598 O  O   . HOH E 4 .   ? -20.580 -1.591  -8.166  1.00 28.65 ? 287 HOH A O   1 
HETATM 1599 O  O   . HOH E 4 .   ? 8.667   3.498   -18.624 1.00 29.29 ? 288 HOH A O   1 
HETATM 1600 O  O   . HOH E 4 .   ? -16.640 6.090   -3.033  1.00 25.67 ? 289 HOH A O   1 
HETATM 1601 O  O   . HOH E 4 .   ? 5.336   15.818  9.265   1.00 32.74 ? 290 HOH A O   1 
HETATM 1602 O  O   . HOH E 4 .   ? 13.702  -3.704  13.424  1.00 29.55 ? 291 HOH A O   1 
HETATM 1603 O  O   . HOH E 4 .   ? 10.832  -3.022  -17.626 1.00 26.95 ? 292 HOH A O   1 
HETATM 1604 O  O   . HOH E 4 .   ? 8.329   -17.277 -14.108 1.00 28.89 ? 293 HOH A O   1 
HETATM 1605 O  O   . HOH E 4 .   ? -6.574  9.391   18.893  1.00 24.03 ? 294 HOH A O   1 
HETATM 1606 O  O   . HOH E 4 .   ? 0.873   -9.365  6.935   1.00 26.41 ? 295 HOH A O   1 
HETATM 1607 O  O   . HOH E 4 .   ? 9.648   4.927   -16.309 1.00 30.95 ? 296 HOH A O   1 
HETATM 1608 O  O   . HOH E 4 .   ? -8.307  -15.366 -7.949  1.00 26.26 ? 297 HOH A O   1 
HETATM 1609 O  O   . HOH E 4 .   ? -17.778 2.925   4.771   1.00 26.45 ? 298 HOH A O   1 
HETATM 1610 O  O   . HOH E 4 .   ? 2.006   -0.203  -22.620 1.00 41.04 ? 299 HOH A O   1 
HETATM 1611 O  O   . HOH E 4 .   ? 12.859  11.097  -5.819  1.00 31.66 ? 300 HOH A O   1 
HETATM 1612 O  O   . HOH E 4 .   ? -18.381 -5.325  -13.312 1.00 30.54 ? 301 HOH A O   1 
HETATM 1613 O  O   . HOH E 4 .   ? -2.200  15.694  9.026   1.00 24.21 ? 302 HOH A O   1 
HETATM 1614 O  O   . HOH E 4 .   ? 10.356  13.607  -7.647  1.00 34.70 ? 303 HOH A O   1 
HETATM 1615 O  O   . HOH E 4 .   ? -4.775  -20.336 1.815   1.00 32.29 ? 304 HOH A O   1 
HETATM 1616 O  O   . HOH E 4 .   ? -3.393  -5.787  18.502  1.00 28.02 ? 305 HOH A O   1 
HETATM 1617 O  O   . HOH E 4 .   ? -5.939  -9.338  -10.878 1.00 34.40 ? 306 HOH A O   1 
HETATM 1618 O  O   . HOH E 4 .   ? -5.665  -17.077 7.746   1.00 31.36 ? 307 HOH A O   1 
HETATM 1619 O  O   . HOH E 4 .   ? 11.400  11.677  8.681   1.00 28.07 ? 308 HOH A O   1 
HETATM 1620 O  O   . HOH E 4 .   ? -12.781 6.780   -11.009 1.00 30.37 ? 309 HOH A O   1 
HETATM 1621 O  O   . HOH E 4 .   ? -16.412 -7.422  -11.004 1.00 28.21 ? 310 HOH A O   1 
HETATM 1622 O  O   . HOH E 4 .   ? -16.400 4.404   3.038   1.00 23.81 ? 311 HOH A O   1 
HETATM 1623 O  O   . HOH E 4 .   ? 14.959  -1.313  -15.711 1.00 25.43 ? 312 HOH A O   1 
HETATM 1624 O  O   . HOH E 4 .   ? 11.580  -2.343  -14.999 1.00 30.65 ? 313 HOH A O   1 
HETATM 1625 O  O   . HOH E 4 .   ? 8.040   -8.626  -13.200 1.00 28.64 ? 314 HOH A O   1 
HETATM 1626 O  O   . HOH E 4 .   ? -25.315 -5.053  -0.982  1.00 25.38 ? 316 HOH A O   1 
HETATM 1627 O  O   . HOH E 4 .   ? -16.391 -2.983  7.943   1.00 28.99 ? 317 HOH A O   1 
HETATM 1628 O  O   . HOH E 4 .   ? 0.990   -3.210  -19.911 1.00 31.07 ? 318 HOH A O   1 
HETATM 1629 O  O   . HOH E 4 .   ? -13.346 8.568   4.163   1.00 25.26 ? 319 HOH A O   1 
HETATM 1630 O  O   . HOH E 4 .   ? 2.654   13.659  14.150  1.00 32.33 ? 320 HOH A O   1 
HETATM 1631 O  O   . HOH E 4 .   ? -15.809 3.405   -14.142 1.00 31.13 ? 321 HOH A O   1 
HETATM 1632 O  O   . HOH E 4 .   ? 1.211   18.673  14.019  1.00 33.47 ? 322 HOH A O   1 
HETATM 1633 O  O   . HOH E 4 .   ? -4.985  16.887  14.964  1.00 33.85 ? 323 HOH A O   1 
HETATM 1634 O  O   . HOH E 4 .   ? -15.829 -12.514 -10.899 1.00 28.29 ? 324 HOH A O   1 
HETATM 1635 O  O   . HOH E 4 .   ? -19.915 -2.770  4.380   1.00 32.39 ? 325 HOH A O   1 
HETATM 1636 O  O   . HOH E 4 .   ? -23.381 0.878   -4.309  1.00 32.21 ? 326 HOH A O   1 
HETATM 1637 O  O   . HOH E 4 .   ? 9.357   14.627  6.208   1.00 28.61 ? 327 HOH A O   1 
HETATM 1638 O  O   . HOH E 4 .   ? 19.946  -0.794  -3.233  1.00 42.54 ? 328 HOH A O   1 
HETATM 1639 O  O   . HOH E 4 .   ? -6.391  12.809  19.519  1.00 31.61 ? 329 HOH A O   1 
HETATM 1640 O  O   . HOH E 4 .   ? -2.100  -1.747  -15.674 1.00 36.14 ? 330 HOH A O   1 
HETATM 1641 O  O   . HOH E 4 .   ? -6.537  15.051  -2.354  1.00 27.07 ? 331 HOH A O   1 
HETATM 1642 O  O   . HOH E 4 .   ? 1.861   -7.505  16.152  1.00 28.20 ? 332 HOH A O   1 
HETATM 1643 O  O   . HOH E 4 .   ? 0.713   -16.523 -4.623  1.00 31.59 ? 333 HOH A O   1 
HETATM 1644 O  O   . HOH E 4 .   ? -18.111 4.135   -7.196  1.00 30.86 ? 335 HOH A O   1 
HETATM 1645 O  O   . HOH E 4 .   ? -1.163  -15.400 6.011   1.00 18.72 ? 337 HOH A O   1 
HETATM 1646 O  O   . HOH E 4 .   ? 16.881  -5.394  3.839   1.00 31.30 ? 338 HOH A O   1 
HETATM 1647 O  O   . HOH E 4 .   ? 2.911   -8.202  19.762  1.00 26.42 ? 339 HOH A O   1 
HETATM 1648 O  O   . HOH E 4 .   ? 7.974   -13.657 3.160   1.00 26.63 ? 340 HOH A O   1 
HETATM 1649 O  O   . HOH E 4 .   ? 7.003   -5.417  -23.755 1.00 41.29 ? 341 HOH A O   1 
HETATM 1650 O  O   . HOH E 4 .   ? 8.865   -11.263 -13.007 1.00 31.06 ? 342 HOH A O   1 
HETATM 1651 O  O   . HOH E 4 .   ? -14.159 -9.714  -13.912 1.00 27.90 ? 343 HOH A O   1 
HETATM 1652 O  O   . HOH E 4 .   ? -0.651  -11.321 7.900   1.00 33.81 ? 344 HOH A O   1 
HETATM 1653 O  O   . HOH E 4 .   ? 16.596  4.508   -12.059 1.00 38.50 ? 346 HOH A O   1 
HETATM 1654 O  O   . HOH E 4 .   ? 1.118   4.178   -0.964  1.00 28.57 ? 347 HOH A O   1 
HETATM 1655 O  O   . HOH E 4 .   ? 3.730   -8.546  13.230  1.00 40.56 ? 348 HOH A O   1 
HETATM 1656 O  O   . HOH E 4 .   ? -12.814 -15.613 8.131   1.00 32.45 ? 349 HOH A O   1 
HETATM 1657 O  O   . HOH E 4 .   ? -14.853 6.142   4.538   1.00 26.93 ? 350 HOH A O   1 
HETATM 1658 O  O   . HOH E 4 .   ? 2.234   0.939   -14.517 1.00 30.82 ? 351 HOH A O   1 
HETATM 1659 O  O   . HOH E 4 .   ? 6.312   12.206  -10.659 1.00 28.53 ? 353 HOH A O   1 
HETATM 1660 O  O   . HOH E 4 .   ? 16.023  8.544   0.854   1.00 30.94 ? 354 HOH A O   1 
HETATM 1661 O  O   . HOH E 4 .   ? 11.523  -1.428  13.916  1.00 25.77 ? 355 HOH A O   1 
HETATM 1662 O  O   . HOH E 4 .   ? 7.485   -16.396 -9.749  1.00 33.51 ? 356 HOH A O   1 
HETATM 1663 O  O   . HOH E 4 .   ? -9.738  9.095   9.745   1.00 28.33 ? 358 HOH A O   1 
HETATM 1664 O  O   . HOH E 4 .   ? -13.610 -11.847 -11.945 1.00 26.31 ? 360 HOH A O   1 
HETATM 1665 O  O   . HOH E 4 .   ? -20.424 5.147   -1.620  1.00 30.20 ? 361 HOH A O   1 
HETATM 1666 O  O   . HOH E 4 .   ? 17.663  6.627   5.385   1.00 25.90 ? 362 HOH A O   1 
HETATM 1667 O  O   . HOH E 4 .   ? -22.540 -6.327  -8.179  1.00 33.82 ? 363 HOH A O   1 
HETATM 1668 O  O   . HOH E 4 .   ? -17.407 6.480   1.701   1.00 30.17 ? 364 HOH A O   1 
HETATM 1669 O  O   . HOH E 4 .   ? 5.249   15.682  -1.297  1.00 34.19 ? 365 HOH A O   1 
HETATM 1670 O  O   . HOH E 4 .   ? 6.261   -12.489 4.801   1.00 37.52 ? 366 HOH A O   1 
HETATM 1671 O  O   . HOH E 4 .   ? 2.057   -17.770 5.015   1.00 34.63 ? 369 HOH A O   1 
HETATM 1672 O  O   . HOH E 4 .   ? -13.639 4.928   6.625   1.00 34.35 ? 370 HOH A O   1 
HETATM 1673 O  O   . HOH E 4 .   ? 3.430   15.753  24.065  1.00 28.35 ? 372 HOH A O   1 
HETATM 1674 O  O   . HOH E 4 .   ? -24.965 -1.757  -2.696  1.00 33.62 ? 374 HOH A O   1 
HETATM 1675 O  O   . HOH E 4 .   ? -24.501 -0.230  -0.370  1.00 40.90 ? 375 HOH A O   1 
# 
